data_8PVJ
# 
_entry.id   8PVJ 
# 
_audit_conform.dict_name       mmcif_pdbx.dic 
_audit_conform.dict_version    5.382 
_audit_conform.dict_location   http://mmcif.pdb.org/dictionaries/ascii/mmcif_pdbx.dic 
# 
loop_
_database_2.database_id 
_database_2.database_code 
_database_2.pdbx_database_accession 
_database_2.pdbx_DOI 
PDB   8PVJ         pdb_00008pvj 10.2210/pdb8pvj/pdb 
WWPDB D_1292131856 ?            ?                   
EMDB  EMD-17968    ?            ?                   
# 
_pdbx_database_related.db_name        EMDB 
_pdbx_database_related.details        'Structure of lumazine synthase determined by cryoEM at 100 keV' 
_pdbx_database_related.db_id          EMD-17968 
_pdbx_database_related.content_type   'associated EM volume' 
# 
_pdbx_database_status.status_code                     REL 
_pdbx_database_status.status_code_sf                  ? 
_pdbx_database_status.status_code_mr                  ? 
_pdbx_database_status.entry_id                        8PVJ 
_pdbx_database_status.recvd_initial_deposition_date   2023-07-17 
_pdbx_database_status.SG_entry                        N 
_pdbx_database_status.deposit_site                    PDBE 
_pdbx_database_status.process_site                    PDBE 
_pdbx_database_status.status_code_cs                  ? 
_pdbx_database_status.status_code_nmr_data            ? 
_pdbx_database_status.methods_development_category    ? 
_pdbx_database_status.pdb_format_compatible           Y 
# 
loop_
_audit_author.name 
_audit_author.pdbx_ordinal 
_audit_author.identifier_ORCID 
'McMullan, G.'       1  ? 
'Naydenova, K.'      2  ? 
'Mihaylov, D.'       3  ? 
'Peet, M.J.'         4  ? 
'Wilson, H.'         5  ? 
'Yamashita, K.'      6  ? 
'Dickerson, J.L.'    7  ? 
'Chen, S.'           8  ? 
'Cannone, G.'        9  ? 
'Lee, Y.'            10 ? 
'Hutchings, K.A.'    11 ? 
'Gittins, O.'        12 ? 
'Sobhy, M.'          13 ? 
'Wells, T.'          14 ? 
'El-Gomati, M.M.'    15 ? 
'Dalby, J.'          16 ? 
'Meffert, M.'        17 ? 
'Schulze-Briese, C.' 18 ? 
'Henderson, R.'      19 ? 
'Russo, C.J.'        20 ? 
# 
_citation.abstract                  ? 
_citation.abstract_id_CAS           ? 
_citation.book_id_ISBN              ? 
_citation.book_publisher            ? 
_citation.book_publisher_city       ? 
_citation.book_title                ? 
_citation.coordinate_linkage        ? 
_citation.country                   US 
_citation.database_id_Medline       ? 
_citation.details                   ? 
_citation.id                        primary 
_citation.journal_abbrev            Proc.Natl.Acad.Sci.USA 
_citation.journal_id_ASTM           PNASA6 
_citation.journal_id_CSD            0040 
_citation.journal_id_ISSN           1091-6490 
_citation.journal_full              ? 
_citation.journal_issue             ? 
_citation.journal_volume            120 
_citation.language                  ? 
_citation.page_first                e2312905120 
_citation.page_last                 e2312905120 
_citation.title                     'Structure determination by cryoEM at 100 keV.' 
_citation.year                      2023 
_citation.database_id_CSD           ? 
_citation.pdbx_database_id_DOI      10.1073/pnas.2312905120 
_citation.pdbx_database_id_PubMed   38011573 
_citation.pdbx_database_id_patent   ? 
_citation.unpublished_flag          ? 
# 
loop_
_citation_author.citation_id 
_citation_author.name 
_citation_author.ordinal 
_citation_author.identifier_ORCID 
primary 'McMullan, G.'       1  0000-0001-5449-8850 
primary 'Naydenova, K.'      2  0000-0001-5533-5930 
primary 'Mihaylov, D.'       3  ?                   
primary 'Yamashita, K.'      4  0000-0002-5442-7582 
primary 'Peet, M.J.'         5  0000-0002-0162-0063 
primary 'Wilson, H.'         6  0000-0001-9411-2246 
primary 'Dickerson, J.L.'    7  0000-0001-5049-4000 
primary 'Chen, S.'           8  0000-0002-9472-4397 
primary 'Cannone, G.'        9  0000-0002-4381-2522 
primary 'Lee, Y.'            10 0000-0002-8040-3648 
primary 'Hutchings, K.A.'    11 0000-0001-5760-3193 
primary 'Gittins, O.'        12 0000-0002-3818-3952 
primary 'Sobhy, M.A.'        13 0000-0002-1964-9497 
primary 'Wells, T.'          14 0009-0009-0575-5318 
primary 'El-Gomati, M.M.'    15 0000-0002-7782-6965 
primary 'Dalby, J.'          16 0009-0007-9046-8609 
primary 'Meffert, M.'        17 0000-0001-5637-9791 
primary 'Schulze-Briese, C.' 18 0000-0002-8850-3926 
primary 'Henderson, R.'      19 0000-0003-1444-0528 
primary 'Russo, C.J.'        20 0000-0002-4442-744X 
# 
_cell.angle_alpha                  90.00 
_cell.angle_alpha_esd              ? 
_cell.angle_beta                   90.00 
_cell.angle_beta_esd               ? 
_cell.angle_gamma                  90.00 
_cell.angle_gamma_esd              ? 
_cell.entry_id                     8PVJ 
_cell.details                      ? 
_cell.formula_units_Z              ? 
_cell.length_a                     1.00 
_cell.length_a_esd                 ? 
_cell.length_b                     1.00 
_cell.length_b_esd                 ? 
_cell.length_c                     1.00 
_cell.length_c_esd                 ? 
_cell.volume                       ? 
_cell.volume_esd                   ? 
_cell.Z_PDB                        ? 
_cell.reciprocal_angle_alpha       ? 
_cell.reciprocal_angle_beta        ? 
_cell.reciprocal_angle_gamma       ? 
_cell.reciprocal_angle_alpha_esd   ? 
_cell.reciprocal_angle_beta_esd    ? 
_cell.reciprocal_angle_gamma_esd   ? 
_cell.reciprocal_length_a          ? 
_cell.reciprocal_length_b          ? 
_cell.reciprocal_length_c          ? 
_cell.reciprocal_length_a_esd      ? 
_cell.reciprocal_length_b_esd      ? 
_cell.reciprocal_length_c_esd      ? 
_cell.pdbx_unique_axis             ? 
_cell.pdbx_esd_method              ? 
# 
_symmetry.entry_id                         8PVJ 
_symmetry.cell_setting                     ? 
_symmetry.Int_Tables_number                1 
_symmetry.space_group_name_Hall            ? 
_symmetry.space_group_name_H-M             'P 1' 
_symmetry.pdbx_full_space_group_name_H-M   ? 
# 
_entity.id                         1 
_entity.type                       polymer 
_entity.src_method                 man 
_entity.pdbx_description           '6,7-dimethyl-8-ribityllumazine synthase' 
_entity.formula_weight             17769.350 
_entity.pdbx_number_of_molecules   1 
_entity.pdbx_ec                    2.5.1.78 
_entity.pdbx_mutation              ? 
_entity.pdbx_fragment              ? 
_entity.details                    ? 
# 
_entity_name_com.entity_id   1 
_entity_name_com.name        'DMRL synthase,LS,Lumazine synthase' 
# 
_entity_poly.entity_id                      1 
_entity_poly.type                           'polypeptide(L)' 
_entity_poly.nstd_linkage                   no 
_entity_poly.nstd_monomer                   no 
_entity_poly.pdbx_seq_one_letter_code       
;MQIYEGKLTAEGLRFGIVASRFNHALVDRLVEGAIDCIVRHGGREEDITLVRVPGSWEIPVAAGELARKEDIDAVIAIGV
LIRGATPHFDYIASEVSKGLANLSLELRKPITFGVITADTLEQAIERAGTKHGNKGWEAALSAIEMANLFKSLRWSHPQF
EK
;
_entity_poly.pdbx_seq_one_letter_code_can   
;MQIYEGKLTAEGLRFGIVASRFNHALVDRLVEGAIDCIVRHGGREEDITLVRVPGSWEIPVAAGELARKEDIDAVIAIGV
LIRGATPHFDYIASEVSKGLANLSLELRKPITFGVITADTLEQAIERAGTKHGNKGWEAALSAIEMANLFKSLRWSHPQF
EK
;
_entity_poly.pdbx_strand_id                 A 
_entity_poly.pdbx_target_identifier         ? 
# 
loop_
_entity_poly_seq.entity_id 
_entity_poly_seq.num 
_entity_poly_seq.mon_id 
_entity_poly_seq.hetero 
1 1   MET n 
1 2   GLN n 
1 3   ILE n 
1 4   TYR n 
1 5   GLU n 
1 6   GLY n 
1 7   LYS n 
1 8   LEU n 
1 9   THR n 
1 10  ALA n 
1 11  GLU n 
1 12  GLY n 
1 13  LEU n 
1 14  ARG n 
1 15  PHE n 
1 16  GLY n 
1 17  ILE n 
1 18  VAL n 
1 19  ALA n 
1 20  SER n 
1 21  ARG n 
1 22  PHE n 
1 23  ASN n 
1 24  HIS n 
1 25  ALA n 
1 26  LEU n 
1 27  VAL n 
1 28  ASP n 
1 29  ARG n 
1 30  LEU n 
1 31  VAL n 
1 32  GLU n 
1 33  GLY n 
1 34  ALA n 
1 35  ILE n 
1 36  ASP n 
1 37  CYS n 
1 38  ILE n 
1 39  VAL n 
1 40  ARG n 
1 41  HIS n 
1 42  GLY n 
1 43  GLY n 
1 44  ARG n 
1 45  GLU n 
1 46  GLU n 
1 47  ASP n 
1 48  ILE n 
1 49  THR n 
1 50  LEU n 
1 51  VAL n 
1 52  ARG n 
1 53  VAL n 
1 54  PRO n 
1 55  GLY n 
1 56  SER n 
1 57  TRP n 
1 58  GLU n 
1 59  ILE n 
1 60  PRO n 
1 61  VAL n 
1 62  ALA n 
1 63  ALA n 
1 64  GLY n 
1 65  GLU n 
1 66  LEU n 
1 67  ALA n 
1 68  ARG n 
1 69  LYS n 
1 70  GLU n 
1 71  ASP n 
1 72  ILE n 
1 73  ASP n 
1 74  ALA n 
1 75  VAL n 
1 76  ILE n 
1 77  ALA n 
1 78  ILE n 
1 79  GLY n 
1 80  VAL n 
1 81  LEU n 
1 82  ILE n 
1 83  ARG n 
1 84  GLY n 
1 85  ALA n 
1 86  THR n 
1 87  PRO n 
1 88  HIS n 
1 89  PHE n 
1 90  ASP n 
1 91  TYR n 
1 92  ILE n 
1 93  ALA n 
1 94  SER n 
1 95  GLU n 
1 96  VAL n 
1 97  SER n 
1 98  LYS n 
1 99  GLY n 
1 100 LEU n 
1 101 ALA n 
1 102 ASN n 
1 103 LEU n 
1 104 SER n 
1 105 LEU n 
1 106 GLU n 
1 107 LEU n 
1 108 ARG n 
1 109 LYS n 
1 110 PRO n 
1 111 ILE n 
1 112 THR n 
1 113 PHE n 
1 114 GLY n 
1 115 VAL n 
1 116 ILE n 
1 117 THR n 
1 118 ALA n 
1 119 ASP n 
1 120 THR n 
1 121 LEU n 
1 122 GLU n 
1 123 GLN n 
1 124 ALA n 
1 125 ILE n 
1 126 GLU n 
1 127 ARG n 
1 128 ALA n 
1 129 GLY n 
1 130 THR n 
1 131 LYS n 
1 132 HIS n 
1 133 GLY n 
1 134 ASN n 
1 135 LYS n 
1 136 GLY n 
1 137 TRP n 
1 138 GLU n 
1 139 ALA n 
1 140 ALA n 
1 141 LEU n 
1 142 SER n 
1 143 ALA n 
1 144 ILE n 
1 145 GLU n 
1 146 MET n 
1 147 ALA n 
1 148 ASN n 
1 149 LEU n 
1 150 PHE n 
1 151 LYS n 
1 152 SER n 
1 153 LEU n 
1 154 ARG n 
1 155 TRP n 
1 156 SER n 
1 157 HIS n 
1 158 PRO n 
1 159 GLN n 
1 160 PHE n 
1 161 GLU n 
1 162 LYS n 
# 
_entity_src_gen.entity_id                          1 
_entity_src_gen.pdbx_src_id                        1 
_entity_src_gen.pdbx_alt_source_flag               sample 
_entity_src_gen.pdbx_seq_type                      'Biological sequence' 
_entity_src_gen.pdbx_beg_seq_num                   1 
_entity_src_gen.pdbx_end_seq_num                   162 
_entity_src_gen.gene_src_common_name               ? 
_entity_src_gen.gene_src_genus                     ? 
_entity_src_gen.pdbx_gene_src_gene                 'ribH, aq_132' 
_entity_src_gen.gene_src_species                   ? 
_entity_src_gen.gene_src_strain                    ? 
_entity_src_gen.gene_src_tissue                    ? 
_entity_src_gen.gene_src_tissue_fraction           ? 
_entity_src_gen.gene_src_details                   ? 
_entity_src_gen.pdbx_gene_src_fragment             ? 
_entity_src_gen.pdbx_gene_src_scientific_name      'Aquifex aeolicus' 
_entity_src_gen.pdbx_gene_src_ncbi_taxonomy_id     63363 
_entity_src_gen.pdbx_gene_src_variant              ? 
_entity_src_gen.pdbx_gene_src_cell_line            ? 
_entity_src_gen.pdbx_gene_src_atcc                 ? 
_entity_src_gen.pdbx_gene_src_organ                ? 
_entity_src_gen.pdbx_gene_src_organelle            ? 
_entity_src_gen.pdbx_gene_src_cell                 ? 
_entity_src_gen.pdbx_gene_src_cellular_location    ? 
_entity_src_gen.host_org_common_name               ? 
_entity_src_gen.pdbx_host_org_scientific_name      'Escherichia coli' 
_entity_src_gen.pdbx_host_org_ncbi_taxonomy_id     562 
_entity_src_gen.host_org_genus                     ? 
_entity_src_gen.pdbx_host_org_gene                 ? 
_entity_src_gen.pdbx_host_org_organ                ? 
_entity_src_gen.host_org_species                   ? 
_entity_src_gen.pdbx_host_org_tissue               ? 
_entity_src_gen.pdbx_host_org_tissue_fraction      ? 
_entity_src_gen.pdbx_host_org_strain               ? 
_entity_src_gen.pdbx_host_org_variant              ? 
_entity_src_gen.pdbx_host_org_cell_line            ? 
_entity_src_gen.pdbx_host_org_atcc                 ? 
_entity_src_gen.pdbx_host_org_culture_collection   ? 
_entity_src_gen.pdbx_host_org_cell                 ? 
_entity_src_gen.pdbx_host_org_organelle            ? 
_entity_src_gen.pdbx_host_org_cellular_location    ? 
_entity_src_gen.pdbx_host_org_vector_type          ? 
_entity_src_gen.pdbx_host_org_vector               ? 
_entity_src_gen.host_org_details                   ? 
_entity_src_gen.expression_system_id               ? 
_entity_src_gen.plasmid_name                       ? 
_entity_src_gen.plasmid_details                    ? 
_entity_src_gen.pdbx_description                   ? 
# 
_struct_ref.id                         1 
_struct_ref.db_name                    UNP 
_struct_ref.db_code                    RISB_AQUAE 
_struct_ref.pdbx_db_accession          O66529 
_struct_ref.pdbx_db_isoform            ? 
_struct_ref.entity_id                  1 
_struct_ref.pdbx_seq_one_letter_code   
;MQIYEGKLTAEGLRFGIVASRFNHALVDRLVEGAIDCIVRHGGREEDITLVRVPGSWEIPVAAGELARKEDIDAVIAIGV
LIRGATPHFDYIASEVSKGLANLSLELRKPITFGVITADTLEQAIERAGTKHGNKGWEAALSAIEMANLFKSLR
;
_struct_ref.pdbx_align_begin           1 
# 
_struct_ref_seq.align_id                      1 
_struct_ref_seq.ref_id                        1 
_struct_ref_seq.pdbx_PDB_id_code              8PVJ 
_struct_ref_seq.pdbx_strand_id                A 
_struct_ref_seq.seq_align_beg                 1 
_struct_ref_seq.pdbx_seq_align_beg_ins_code   ? 
_struct_ref_seq.seq_align_end                 154 
_struct_ref_seq.pdbx_seq_align_end_ins_code   ? 
_struct_ref_seq.pdbx_db_accession             O66529 
_struct_ref_seq.db_align_beg                  1 
_struct_ref_seq.pdbx_db_align_beg_ins_code    ? 
_struct_ref_seq.db_align_end                  154 
_struct_ref_seq.pdbx_db_align_end_ins_code    ? 
_struct_ref_seq.pdbx_auth_seq_align_beg       1 
_struct_ref_seq.pdbx_auth_seq_align_end       154 
# 
loop_
_struct_ref_seq_dif.align_id 
_struct_ref_seq_dif.pdbx_pdb_id_code 
_struct_ref_seq_dif.mon_id 
_struct_ref_seq_dif.pdbx_pdb_strand_id 
_struct_ref_seq_dif.seq_num 
_struct_ref_seq_dif.pdbx_pdb_ins_code 
_struct_ref_seq_dif.pdbx_seq_db_name 
_struct_ref_seq_dif.pdbx_seq_db_accession_code 
_struct_ref_seq_dif.db_mon_id 
_struct_ref_seq_dif.pdbx_seq_db_seq_num 
_struct_ref_seq_dif.details 
_struct_ref_seq_dif.pdbx_auth_seq_num 
_struct_ref_seq_dif.pdbx_ordinal 
1 8PVJ TRP A 155 ? UNP O66529 ? ? 'expression tag' 155 1 
1 8PVJ SER A 156 ? UNP O66529 ? ? 'expression tag' 156 2 
1 8PVJ HIS A 157 ? UNP O66529 ? ? 'expression tag' 157 3 
1 8PVJ PRO A 158 ? UNP O66529 ? ? 'expression tag' 158 4 
1 8PVJ GLN A 159 ? UNP O66529 ? ? 'expression tag' 159 5 
1 8PVJ PHE A 160 ? UNP O66529 ? ? 'expression tag' 160 6 
1 8PVJ GLU A 161 ? UNP O66529 ? ? 'expression tag' 161 7 
1 8PVJ LYS A 162 ? UNP O66529 ? ? 'expression tag' 162 8 
# 
loop_
_chem_comp.id 
_chem_comp.type 
_chem_comp.mon_nstd_flag 
_chem_comp.name 
_chem_comp.pdbx_synonyms 
_chem_comp.formula 
_chem_comp.formula_weight 
ALA 'L-peptide linking' y ALANINE         ? 'C3 H7 N O2'     89.093  
ARG 'L-peptide linking' y ARGININE        ? 'C6 H15 N4 O2 1' 175.209 
ASN 'L-peptide linking' y ASPARAGINE      ? 'C4 H8 N2 O3'    132.118 
ASP 'L-peptide linking' y 'ASPARTIC ACID' ? 'C4 H7 N O4'     133.103 
CYS 'L-peptide linking' y CYSTEINE        ? 'C3 H7 N O2 S'   121.158 
GLN 'L-peptide linking' y GLUTAMINE       ? 'C5 H10 N2 O3'   146.144 
GLU 'L-peptide linking' y 'GLUTAMIC ACID' ? 'C5 H9 N O4'     147.129 
GLY 'peptide linking'   y GLYCINE         ? 'C2 H5 N O2'     75.067  
HIS 'L-peptide linking' y HISTIDINE       ? 'C6 H10 N3 O2 1' 156.162 
ILE 'L-peptide linking' y ISOLEUCINE      ? 'C6 H13 N O2'    131.173 
LEU 'L-peptide linking' y LEUCINE         ? 'C6 H13 N O2'    131.173 
LYS 'L-peptide linking' y LYSINE          ? 'C6 H15 N2 O2 1' 147.195 
MET 'L-peptide linking' y METHIONINE      ? 'C5 H11 N O2 S'  149.211 
PHE 'L-peptide linking' y PHENYLALANINE   ? 'C9 H11 N O2'    165.189 
PRO 'L-peptide linking' y PROLINE         ? 'C5 H9 N O2'     115.130 
SER 'L-peptide linking' y SERINE          ? 'C3 H7 N O3'     105.093 
THR 'L-peptide linking' y THREONINE       ? 'C4 H9 N O3'     119.119 
TRP 'L-peptide linking' y TRYPTOPHAN      ? 'C11 H12 N2 O2'  204.225 
TYR 'L-peptide linking' y TYROSINE        ? 'C9 H11 N O3'    181.189 
VAL 'L-peptide linking' y VALINE          ? 'C5 H11 N O2'    117.146 
# 
_exptl.absorpt_coefficient_mu     ? 
_exptl.absorpt_correction_T_max   ? 
_exptl.absorpt_correction_T_min   ? 
_exptl.absorpt_correction_type    ? 
_exptl.absorpt_process_details    ? 
_exptl.entry_id                   8PVJ 
_exptl.crystals_number            ? 
_exptl.details                    ? 
_exptl.method                     'ELECTRON MICROSCOPY' 
_exptl.method_details             ? 
# 
loop_
_struct_ncs_oper.id 
_struct_ncs_oper.code 
_struct_ncs_oper.matrix[1][1] 
_struct_ncs_oper.matrix[1][2] 
_struct_ncs_oper.matrix[1][3] 
_struct_ncs_oper.vector[1] 
_struct_ncs_oper.matrix[2][1] 
_struct_ncs_oper.matrix[2][2] 
_struct_ncs_oper.matrix[2][3] 
_struct_ncs_oper.vector[2] 
_struct_ncs_oper.matrix[3][1] 
_struct_ncs_oper.matrix[3][2] 
_struct_ncs_oper.matrix[3][3] 
_struct_ncs_oper.vector[3] 
_struct_ncs_oper.details 
1  given    1            0            0            0                0            1            0            0                0            0            1            0                ? 
2  generate 0.970129939  0.071647069  -0.231764101 -5.980609        0.195310672  0.335966412  0.921401276  8.214301         0.143880654  -0.939144966 0.311937638  -65.027541       ? 
3  generate 0.921799166  0.311238065  -0.231121539 3.87700          0.387666374  -0.738462503 0.551713616  -50.1105051      0.001039688  -0.598167200 -0.801370651 -93.886992       ? 
4  generate 0.921799166  0.387666374  0.001039688  15.949952        0.311238065  -0.738462503 -0.598167200 -94.37151923     -0.231121539 0.551713616  -0.801370651 -46.695573130955 ? 
5  generate 0.970129939  0.195310672  0.143880654  13.55383         0.071647069  0.335966412  -0.939144966 -63.4015234      -0.231764101 0.921401276  0.311937638  11.3297789       ? 
6  generate 0.377166528  0.588444963  -0.715176856 10.354844        -0.219992408 0.807029515  0.548002465  22.060361        0.899638122  -0.049354709 0.433837945  -51.715746       ? 
7  generate -0.630599198 0.732131542  -0.257542340 64.227558        0.232489769  0.494796713  0.837331906  9.24538          0.740468202  0.468144869  -0.482231503 -65.9251695      ? 
8  generate -0.630599198 0.232489769  0.740468202  87.167882126942  0.732131542  0.494796713  0.468144869  -20.735075       -0.257542340 0.837331906  -0.482231503 -22.99132966     ? 
9  generate 0.377166528  -0.219992408 0.899638122  47.4730688       0.588444963  0.807029515  -0.049354709 -26.44903        -0.715176856 0.548002465  0.433837945  17.7526655       ? 
10 generate 0.14163460   0.64012802   -0.75509983  17.63135596      0.82868239   0.34058902   0.44416733   -30.00270969     0.54150267   -0.68864739  -0.48222363  -100.38764598    ? 
11 generate 0.14163460   0.82868239   0.54150267   76.72568529      0.64012802   0.34058902   -0.68864739  -70.19942223     -0.75509983  0.44416733   -0.48222363  -21.76963717     ? 
12 generate 0.37792995   0.896375375  0.231689744  59.439019        0.02304737   -0.259280860 0.965526931  -5.63002896708   0.925547281  -0.359561710 -0.118649093 -85.712962598464 ? 
13 generate 0.37792995   0.02304737   0.925547281  56.997371        0.896375375  -0.259280860 -0.359561710 -85.55853        0.231689744  0.965526931  -0.118649093 -18.5052317      ? 
14 generate -0.766720163 0.637214011  -0.078092863 72.269972        0.637214011  0.740577761  -0.213314049 -36.878747       -0.078092863 -0.213314049 -0.973857598 -85.0337210      ? 
15 generate -0.50582542  0.44266042   0.74040016   90.760217        0.44266042   -0.60348376  0.66321875   -42.530286       0.74040016   0.66321875   0.10930918   -35.14980053     ? 
16 generate -0.499618743 -0.114490963 -0.858645987 6.344355483482   0.066931902  0.98316161   -0.170039288 -9.487532        0.863655737  -0.142425624 -0.483542872 -91.033635430190 ? 
17 generate -0.499618743 0.066931902  0.863655737  82.4264990       -0.114490963 0.98316161   -0.142425624 -2.911374        -0.858645987 -0.170039288 -0.483542872 -40.184363       ? 
18 generate -0.45981610  0.874258942  -0.155693461 68.18327         -0.662478964 -0.220965591 0.715748440  6.219627         0.591346576  0.432256302  0.680781695  -15.6017050      ? 
19 generate -0.45981610  -0.662478964 0.591346576  44.6981524       0.874258942  -0.220965591 0.432256302  -51.491576       -0.155693461 0.715748440  0.680781695  16.785356        ? 
20 generate 0.573813633  -0.387602371 -0.721458465 -29.944205       -0.282607197 0.733097967  -0.618627953 -25.879546       0.768681395  0.558866506  0.311122389  -31.4777220      ? 
21 generate -0.115770394 -0.909761007 -0.398662922 -14.385755       -0.844870420 0.301241406  -0.442094546 -16.916343       0.522294159  0.28563705   -0.803505001 -78.751911       ? 
22 generate -0.115770394 -0.844870420 0.522294159  25.174100        -0.909761007 0.301241406  0.28563705   14.502768        -0.398662922 -0.442094546 -0.803505001 -76.491244       ? 
23 generate 0.573813633  -0.282607197 0.768681395  34.06498586      -0.387602371 0.733097967  0.558866506  24.957642658369  -0.721458465 -0.618627953 0.311122389  -27.819887       ? 
24 generate 0.452374210  0.721388597  -0.52436253  20.467126        -0.891777792 0.359646601  -0.274566368 -6.679489052402  -0.009483844 0.591821607  0.806013178  13.124249717385  ? 
25 generate -0.433702932 0.275453476  -0.857920246 18.025554        -0.721538182 -0.676466961 0.147563891  -30.93735        -0.539707715 0.68302111   0.492135905  19.555394        ? 
26 generate -0.433702932 -0.721538182 -0.539707715 -3.950547        0.275453476  -0.676466961 0.68302111   -39.250044       -0.857920246 0.147563891  0.492135905  10.405811        ? 
27 generate 0.452374210  -0.891777792 -0.009483844 -15.09095        0.721388597  0.359646601  0.591821607  -20.129710       -0.52436253  -0.274566368 0.806013178  -1.680087        ? 
28 generate 0.071275306  0.805013608  -0.588959185 32.2407821       0.805013608  -0.395069685 -0.442575457 -90.9193080      -0.588959185 -0.442575457 -0.676205621 -65.628532       ? 
29 generate 0.575048645  0.110639385  0.810603468  49.475645        0.110639385  -0.992228130 0.056940889  -70.683523       0.810603468  0.056940889  -0.58282052  -86.4863880      ? 
30 generate 0.35827274   -0.453025084 -0.816338730 -29.589156       0.725389572  0.685533589  -0.062077914 -35.332391       0.587750471  -0.569922778 0.574227664  -54.8504127      ? 
31 generate -0.680063792 -0.007620410 -0.733113339 20.5928309       0.720679899  0.17671625   -0.670366952 -77.612599       0.134661510  -0.98423234  -0.114686444 -83.601343       ? 
32 generate -0.680063792 0.720679899  0.134661510  81.196161653169  -0.007620410 0.17671625   -0.98423234  -68.4108126      -0.733113339 -0.670366952 -0.114686444 -46.519983       ? 
33 generate 0.35827274   0.725389572  0.587750471  68.469092        -0.453025084 0.685533589  -0.569922778 -20.4435887      -0.816338730 -0.062077914 0.574227664  5.148489         ? 
34 generate 0.504311102  0.767226167  0.396275562  57.78535         -0.834402238 0.314793698  0.452413342  19.4625110       0.22235830   -0.558810287 0.798929188  -34.370673       ? 
35 generate -0.297730381 0.406995776  0.863545631  88.23904         -0.582865016 -0.793893388 0.173209877  -38.176792       0.756058855  -0.451760695 0.47358978   -59.857206       ? 
36 generate -0.297730381 -0.582865016 0.756058855  49.275096        0.406995776  -0.793893388 -0.451760695 -93.262350       0.863545631  0.173209877  0.47358978   -41.238076       ? 
37 generate 0.504311102  -0.834402238 0.22235830   -5.259627769897  0.767226167  0.314793698  -0.558810287 -69.667796       0.396275562  0.452413342  0.798929188  -4.244287997106  ? 
38 generate -0.293895102 0.174784306  0.939721297  83.088569        -0.927203368 0.18670668   -0.324706833 -13.6910307      -0.232205907 -0.966742500 0.107188417  -62.968685       ? 
39 generate -0.293895102 -0.927203368 -0.232205907 -2.8967468       0.174784306  0.18670668   -0.966742500 -72.840876       0.939721297  -0.324706833 0.107188417  -75.776155       ? 
40 generate -0.49038717  0.86718113   0.08670247   78.670467        -0.81087562  -0.41755006  -0.41003984  -41.77451192     -0.31937619  -0.27138319  0.90793723   -3.608671        ? 
41 generate -0.49038717  -0.81087562  -0.31937619  3.55253093       0.86718113   -0.41755006  -0.27138319  -86.643826       0.08670247   -0.41003984  0.90793723   -20.673691       ? 
42 generate 0.69611083   -0.07826538  0.71365555   35.302695        -0.68290275  -0.37890400  0.62456031   -2.38077142      0.22152549   -0.92212054  -0.31720682  -92.243145       ? 
43 generate 0.69611083   -0.68290275  0.22152549   -5.766216        -0.07826538  -0.37890400  -0.92212054  -83.198403       0.71365555   0.62456031   -0.31720682  -52.9671841      ? 
44 generate 0.263323577  0.855234982  -0.446356157 33.993332        -0.258289534 -0.383292001 -0.88677717  -76.5047705      -0.929487607 0.348798462  0.11996842   4.525695         ? 
45 generate 0.263323577  -0.258289534 -0.929487607 -24.505049803032 0.855234982  -0.383292001 0.348798462  -59.974508163478 -0.446356157 -0.88677717  0.11996842   -53.212491       ? 
46 generate 0.15378343   0.934357414  0.321444988  71.144791        0.934357414  -0.24333826  0.260312725  -61.0441453      0.321444988  0.260312725  -0.91044517  -77.9250938      ? 
47 generate -0.34735884  0.06045924   -0.93578123  4.757694         -0.82440750  0.45586427   0.33546990   19.359312        0.44687148   0.88799350   -0.10850543  -27.279211994158 ? 
48 generate -0.34735884  -0.82440750  0.44687148   29.802890919394  0.06045924   0.45586427   0.88799350   15.110898        -0.93578123  0.33546990   -0.10850543  -5.002248        ? 
49 generate -0.085099106 -0.695588968 0.713382177  37.208596        -0.695588968 -0.471151449 -0.542376530 -52.475607       0.713382177  -0.542376530 -0.443749445 -98.886170       ? 
50 generate -0.202175997 -0.782652397 -0.588710534 -15.037074       -0.782652397 -0.232230703 0.577515477  3.843851         -0.588710534 0.577515477  -0.565593300 -25.488482       ? 
51 generate 0.612076142  -0.152432538 -0.775968503 -25.079519       -0.775737608 -0.306330748 -0.55171789  -44.679460       -0.153603253 0.939641311  -0.30574539  -15.3947534      ? 
52 generate 0.612076142  -0.775737608 -0.153603253 -21.673647       -0.152432538 -0.306330748 0.939641311  -3.0440806       -0.775968503 -0.55171789  -0.30574539  -48.818250       ? 
53 generate -0.639325501 0.233377714  -0.732664826 27.812178        0.233377714  -0.848990828 -0.474077438 -90.8692983      -0.732664826 -0.474077438 0.488316329  -15.253531       ? 
54 generate 0.76271333   -0.646645997 -0.010831598 -15.910641       -0.646645997 -0.76277989  0.003973538  -42.02267        -0.010831598 0.003973538  -0.999933441 -80.515384       ? 
55 generate 0.42018250   -0.07251302  -0.90453774  -21.717943       -0.07251302  -0.99629756  0.04618474   -65.7512749      -0.90453774  0.04618474   -0.42388494  -28.827563       ? 
56 generate -0.93572304  -0.344017338 -0.07793884  43.0506922       -0.344017338 0.84121853   0.417137209  21.688142        -0.07793884  0.417137209  -0.90549549  -60.225806       ? 
57 generate -0.986177037 -0.109424617 -0.124423091 50.889178        -0.109424617 -0.13377859  0.984951542  3.530207         -0.124423091 0.984951542  0.119955631  2.548945         ? 
58 generate -0.91435716  -0.37014835  0.16413773   51.29623523      -0.37014835  0.59978103   -0.70940321  -31.583108       0.16413773   -0.70940321  -0.68542387  -97.988382       ? 
59 generate -0.99599367  0.009431409  0.088924998  63.979220        0.009431409  -0.977797258 0.209340802  -60.963234       0.088924998  0.209340802  0.973790929  3.583328         ? 
60 generate -0.951606716 -0.15170448  0.267264677  64.230780        -0.15170448  -0.524432968 -0.837828032 -82.664481       0.267264677  -0.837828032 0.476039683  -58.55211        ? 
# 
_struct.entry_id                     8PVJ 
_struct.title                        'Structure of lumazine synthase determined by cryoEM at 100 keV' 
_struct.pdbx_model_details           ? 
_struct.pdbx_formula_weight          ? 
_struct.pdbx_formula_weight_method   ? 
_struct.pdbx_model_type_details      ? 
_struct.pdbx_CASP_flag               N 
# 
_struct_keywords.entry_id        8PVJ 
_struct_keywords.text            'LUMAZINE SYNTHASE, TRANSFERASE' 
_struct_keywords.pdbx_keywords   TRANSFERASE 
# 
_struct_asym.id                            A 
_struct_asym.pdbx_blank_PDB_chainid_flag   N 
_struct_asym.pdbx_modified                 N 
_struct_asym.entity_id                     1 
_struct_asym.details                       ? 
# 
loop_
_struct_conf.conf_type_id 
_struct_conf.id 
_struct_conf.pdbx_PDB_helix_id 
_struct_conf.beg_label_comp_id 
_struct_conf.beg_label_asym_id 
_struct_conf.beg_label_seq_id 
_struct_conf.pdbx_beg_PDB_ins_code 
_struct_conf.end_label_comp_id 
_struct_conf.end_label_asym_id 
_struct_conf.end_label_seq_id 
_struct_conf.pdbx_end_PDB_ins_code 
_struct_conf.beg_auth_comp_id 
_struct_conf.beg_auth_asym_id 
_struct_conf.beg_auth_seq_id 
_struct_conf.end_auth_comp_id 
_struct_conf.end_auth_asym_id 
_struct_conf.end_auth_seq_id 
_struct_conf.pdbx_PDB_helix_class 
_struct_conf.details 
_struct_conf.pdbx_PDB_helix_length 
HELX_P HELX_P1 AA1 ASN A 23  ? HIS A 41  ? ASN A 23  HIS A 41  1 ? 19 
HELX_P HELX_P2 AA2 ARG A 44  ? GLU A 46  ? ARG A 44  GLU A 46  5 ? 3  
HELX_P HELX_P3 AA3 GLY A 55  ? TRP A 57  ? GLY A 55  TRP A 57  5 ? 3  
HELX_P HELX_P4 AA4 GLU A 58  ? ARG A 68  ? GLU A 58  ARG A 68  1 ? 11 
HELX_P HELX_P5 AA5 PRO A 87  ? ARG A 108 ? PRO A 87  ARG A 108 1 ? 22 
HELX_P HELX_P6 AA6 THR A 120 ? ARG A 127 ? THR A 120 ARG A 127 1 ? 8  
HELX_P HELX_P7 AA7 LYS A 135 ? TRP A 155 ? LYS A 135 TRP A 155 1 ? 21 
# 
_struct_conf_type.id          HELX_P 
_struct_conf_type.criteria    ? 
_struct_conf_type.reference   ? 
# 
loop_
_struct_sheet.id 
_struct_sheet.type 
_struct_sheet.number_strands 
_struct_sheet.details 
AA1 ? 4 ? 
AA2 ? 2 ? 
# 
loop_
_struct_sheet_order.sheet_id 
_struct_sheet_order.range_id_1 
_struct_sheet_order.range_id_2 
_struct_sheet_order.offset 
_struct_sheet_order.sense 
AA1 1 2 ? parallel      
AA1 2 3 ? parallel      
AA1 3 4 ? parallel      
AA2 1 2 ? anti-parallel 
# 
loop_
_struct_sheet_range.sheet_id 
_struct_sheet_range.id 
_struct_sheet_range.beg_label_comp_id 
_struct_sheet_range.beg_label_asym_id 
_struct_sheet_range.beg_label_seq_id 
_struct_sheet_range.pdbx_beg_PDB_ins_code 
_struct_sheet_range.end_label_comp_id 
_struct_sheet_range.end_label_asym_id 
_struct_sheet_range.end_label_seq_id 
_struct_sheet_range.pdbx_end_PDB_ins_code 
_struct_sheet_range.beg_auth_comp_id 
_struct_sheet_range.beg_auth_asym_id 
_struct_sheet_range.beg_auth_seq_id 
_struct_sheet_range.end_auth_comp_id 
_struct_sheet_range.end_auth_asym_id 
_struct_sheet_range.end_auth_seq_id 
AA1 1 ILE A 48  ? VAL A 53  ? ILE A 48  VAL A 53  
AA1 2 PHE A 15  ? SER A 20  ? PHE A 15  SER A 20  
AA1 3 ALA A 74  ? ILE A 82  ? ALA A 74  ILE A 82  
AA1 4 ILE A 111 ? ALA A 118 ? ILE A 111 ALA A 118 
AA2 1 ALA A 128 ? THR A 130 ? ALA A 128 THR A 130 
AA2 2 GLY A 133 ? ASN A 134 ? GLY A 133 ASN A 134 
# 
loop_
_pdbx_struct_sheet_hbond.sheet_id 
_pdbx_struct_sheet_hbond.range_id_1 
_pdbx_struct_sheet_hbond.range_id_2 
_pdbx_struct_sheet_hbond.range_1_label_atom_id 
_pdbx_struct_sheet_hbond.range_1_label_comp_id 
_pdbx_struct_sheet_hbond.range_1_label_asym_id 
_pdbx_struct_sheet_hbond.range_1_label_seq_id 
_pdbx_struct_sheet_hbond.range_1_PDB_ins_code 
_pdbx_struct_sheet_hbond.range_1_auth_atom_id 
_pdbx_struct_sheet_hbond.range_1_auth_comp_id 
_pdbx_struct_sheet_hbond.range_1_auth_asym_id 
_pdbx_struct_sheet_hbond.range_1_auth_seq_id 
_pdbx_struct_sheet_hbond.range_2_label_atom_id 
_pdbx_struct_sheet_hbond.range_2_label_comp_id 
_pdbx_struct_sheet_hbond.range_2_label_asym_id 
_pdbx_struct_sheet_hbond.range_2_label_seq_id 
_pdbx_struct_sheet_hbond.range_2_PDB_ins_code 
_pdbx_struct_sheet_hbond.range_2_auth_atom_id 
_pdbx_struct_sheet_hbond.range_2_auth_comp_id 
_pdbx_struct_sheet_hbond.range_2_auth_asym_id 
_pdbx_struct_sheet_hbond.range_2_auth_seq_id 
AA1 1 2 O THR A 49  ? O THR A 49  N ILE A 17  ? N ILE A 17  
AA1 2 3 N VAL A 18  ? N VAL A 18  O ILE A 78  ? O ILE A 78  
AA1 3 4 N LEU A 81  ? N LEU A 81  O ILE A 116 ? O ILE A 116 
AA2 1 2 N GLY A 129 ? N GLY A 129 O GLY A 133 ? O GLY A 133 
# 
_atom_sites.entry_id                    8PVJ 
_atom_sites.Cartn_transf_matrix[1][1]   ? 
_atom_sites.Cartn_transf_matrix[1][2]   ? 
_atom_sites.Cartn_transf_matrix[1][3]   ? 
_atom_sites.Cartn_transf_matrix[2][1]   ? 
_atom_sites.Cartn_transf_matrix[2][2]   ? 
_atom_sites.Cartn_transf_matrix[2][3]   ? 
_atom_sites.Cartn_transf_matrix[3][1]   ? 
_atom_sites.Cartn_transf_matrix[3][2]   ? 
_atom_sites.Cartn_transf_matrix[3][3]   ? 
_atom_sites.Cartn_transf_vector[1]      ? 
_atom_sites.Cartn_transf_vector[2]      ? 
_atom_sites.Cartn_transf_vector[3]      ? 
_atom_sites.fract_transf_matrix[1][1]   1.000000 
_atom_sites.fract_transf_matrix[1][2]   0.000000 
_atom_sites.fract_transf_matrix[1][3]   0.000000 
_atom_sites.fract_transf_matrix[2][1]   0.000000 
_atom_sites.fract_transf_matrix[2][2]   1.000000 
_atom_sites.fract_transf_matrix[2][3]   0.000000 
_atom_sites.fract_transf_matrix[3][1]   0.000000 
_atom_sites.fract_transf_matrix[3][2]   0.000000 
_atom_sites.fract_transf_matrix[3][3]   1.000000 
_atom_sites.fract_transf_vector[1]      0.00000 
_atom_sites.fract_transf_vector[2]      0.00000 
_atom_sites.fract_transf_vector[3]      0.00000 
_atom_sites.solution_primary            ? 
_atom_sites.solution_secondary          ? 
_atom_sites.solution_hydrogens          ? 
_atom_sites.special_details             ? 
# 
loop_
_atom_type.symbol 
C 
N 
O 
S 
# 
loop_
_atom_site.group_PDB 
_atom_site.id 
_atom_site.type_symbol 
_atom_site.label_atom_id 
_atom_site.label_alt_id 
_atom_site.label_comp_id 
_atom_site.label_asym_id 
_atom_site.label_entity_id 
_atom_site.label_seq_id 
_atom_site.pdbx_PDB_ins_code 
_atom_site.Cartn_x 
_atom_site.Cartn_y 
_atom_site.Cartn_z 
_atom_site.occupancy 
_atom_site.B_iso_or_equiv 
_atom_site.pdbx_formal_charge 
_atom_site.auth_seq_id 
_atom_site.auth_comp_id 
_atom_site.auth_asym_id 
_atom_site.auth_atom_id 
_atom_site.pdbx_PDB_model_num 
ATOM 1    N N   . MET A 1 1   ? -30.5680180 -11.3114278 -2.8277368  1 147.425 ? 1   MET A N   1 
ATOM 2    C CA  . MET A 1 1   ? -29.1356602 -11.4813276 -2.4411435  1 141.398 ? 1   MET A CA  1 
ATOM 3    C C   . MET A 1 1   ? -28.6191804 -10.1679909 -1.8584233  1 137.997 ? 1   MET A C   1 
ATOM 4    O O   . MET A 1 1   ? -28.8320044 -9.1159582  -2.4720717  1 143.205 ? 1   MET A O   1 
ATOM 5    C CB  . MET A 1 1   ? -28.2716659 -11.8542458 -3.6473051  1 138.519 ? 1   MET A CB  1 
ATOM 6    C CG  . MET A 1 1   ? -26.8214350 -12.2227210 -3.3019445  1 139.543 ? 1   MET A CG  1 
ATOM 7    S SD  . MET A 1 1   ? -25.9509406 -13.0282661 -4.6690600  1 142.863 ? 1   MET A SD  1 
ATOM 8    C CE  . MET A 1 1   ? -26.7920011 -14.6159738 -4.7313686  1 137.127 ? 1   MET A CE  1 
ATOM 9    N N   . GLN A 1 2   ? -27.9728489 -10.2414188 -0.6843518  1 130.984 ? 2   GLN A N   1 
ATOM 10   C CA  . GLN A 1 2   ? -27.2869455 -9.0930125  -0.1145802  1 134.458 ? 2   GLN A CA  1 
ATOM 11   C C   . GLN A 1 2   ? -25.9551710 -8.9391654  -0.8378333  1 124.036 ? 2   GLN A C   1 
ATOM 12   O O   . GLN A 1 2   ? -25.1670463 -9.8784303  -0.8319768  1 129.58  ? 2   GLN A O   1 
ATOM 13   C CB  . GLN A 1 2   ? -27.0070175 -9.2605772  1.3802612   1 141.062 ? 2   GLN A CB  1 
ATOM 14   C CG  . GLN A 1 2   ? -28.2346437 -9.2548755  2.2870696   1 145.296 ? 2   GLN A CG  1 
ATOM 15   C CD  . GLN A 1 2   ? -27.8922723 -9.8674086  3.6263469   1 150.805 ? 2   GLN A CD  1 
ATOM 16   O OE1 . GLN A 1 2   ? -27.0568114 -9.3565584  4.3739576   1 146.975 ? 2   GLN A OE1 1 
ATOM 17   N NE2 . GLN A 1 2   ? -28.5103877 -11.0022101 3.9254619   1 152.71  ? 2   GLN A NE2 1 
ATOM 18   N N   . ILE A 1 3   ? -25.7113639 -7.7793661  -1.4569235  1 124.393 ? 3   ILE A N   1 
ATOM 19   C CA  . ILE A 1 3   ? -24.4339237 -7.5113655  -2.0919899  1 119.766 ? 3   ILE A CA  1 
ATOM 20   C C   . ILE A 1 3   ? -23.8147347 -6.3214974  -1.3734211  1 116.232 ? 3   ILE A C   1 
ATOM 21   O O   . ILE A 1 3   ? -24.4532689 -5.2773002  -1.2621239  1 127.675 ? 3   ILE A O   1 
ATOM 22   C CB  . ILE A 1 3   ? -24.5790443 -7.3093754  -3.6132592  1 121.14  ? 3   ILE A CB  1 
ATOM 23   C CG1 . ILE A 1 3   ? -25.0264911 -8.6161188  -4.2998470  1 124.667 ? 3   ILE A CG1 1 
ATOM 24   C CG2 . ILE A 1 3   ? -23.2866553 -6.7309142  -4.2016914  1 125.363 ? 3   ILE A CG2 1 
ATOM 25   C CD1 . ILE A 1 3   ? -25.6698118 -8.4504915  -5.6764393  1 133.858 ? 3   ILE A CD1 1 
ATOM 26   N N   . TYR A 1 4   ? -22.6016114 -6.5265391  -0.8610245  1 114.4   ? 4   TYR A N   1 
ATOM 27   C CA  . TYR A 1 4   ? -21.7703924 -5.4619718  -0.3425075  1 114.001 ? 4   TYR A CA  1 
ATOM 28   C C   . TYR A 1 4   ? -20.6432408 -5.2007513  -1.3282532  1 112.089 ? 4   TYR A C   1 
ATOM 29   O O   . TYR A 1 4   ? -19.9417082 -6.1317946  -1.7139163  1 115.339 ? 4   TYR A O   1 
ATOM 30   C CB  . TYR A 1 4   ? -21.1689288 -5.8907731  0.9838595   1 117.253 ? 4   TYR A CB  1 
ATOM 31   C CG  . TYR A 1 4   ? -22.1564468 -6.0346150  2.1298329   1 127.597 ? 4   TYR A CG  1 
ATOM 32   C CD1 . TYR A 1 4   ? -22.7153032 -7.2740735  2.4525000   1 131.287 ? 4   TYR A CD1 1 
ATOM 33   C CD2 . TYR A 1 4   ? -22.4984285 -4.9370401  2.9219402   1 130.744 ? 4   TYR A CD2 1 
ATOM 34   C CE1 . TYR A 1 4   ? -23.6060548 -7.4083964  3.5103542   1 137.097 ? 4   TYR A CE1 1 
ATOM 35   C CE2 . TYR A 1 4   ? -23.3800027 -5.0651743  3.9838434   1 141.92  ? 4   TYR A CE2 1 
ATOM 36   C CZ  . TYR A 1 4   ? -23.9332408 -6.3030006  4.2793826   1 142.269 ? 4   TYR A CZ  1 
ATOM 37   O OH  . TYR A 1 4   ? -24.8002299 -6.4093853  5.3322840   1 146.37  ? 4   TYR A OH  1 
ATOM 38   N N   . GLU A 1 5   ? -20.5008295 -3.9502148  -1.7655582  1 114.99  ? 5   GLU A N   1 
ATOM 39   C CA  . GLU A 1 5   ? -19.3337350 -3.5577415  -2.5322666  1 117.046 ? 5   GLU A CA  1 
ATOM 40   C C   . GLU A 1 5   ? -18.9562517 -2.1253356  -2.1527443  1 117.534 ? 5   GLU A C   1 
ATOM 41   O O   . GLU A 1 5   ? -19.7996818 -1.3625275  -1.6745604  1 121.544 ? 5   GLU A O   1 
ATOM 42   C CB  . GLU A 1 5   ? -19.5789474 -3.8114645  -4.0182001  1 115.452 ? 5   GLU A CB  1 
ATOM 43   C CG  . GLU A 1 5   ? -20.5690460 -2.8772150  -4.6850651  1 127.8   ? 5   GLU A CG  1 
ATOM 44   C CD  . GLU A 1 5   ? -21.1157839 -3.3464957  -6.0314963  1 140.288 ? 5   GLU A CD  1 
ATOM 45   O OE1 . GLU A 1 5   ? -20.7222567 -4.4446144  -6.5250877  1 132.429 ? 5   GLU A OE1 1 
ATOM 46   O OE2 . GLU A 1 5   ? -21.9578844 -2.6067713  -6.6007515  1 146.518 ? 5   GLU A OE2 1 
ATOM 47   N N   . GLY A 1 6   ? -17.6576768 -1.8274620  -2.3138200  1 116.599 ? 6   GLY A N   1 
ATOM 48   C CA  . GLY A 1 6   ? -17.0759668 -0.5263146  -2.0497863  1 111.571 ? 6   GLY A CA  1 
ATOM 49   C C   . GLY A 1 6   ? -17.0768409 0.3115888   -3.3298034  1 115.315 ? 6   GLY A C   1 
ATOM 50   O O   . GLY A 1 6   ? -16.7131577 -0.1823293  -4.3942324  1 121.609 ? 6   GLY A O   1 
ATOM 51   N N   . LYS A 1 7   ? -17.5857957 1.5401750   -3.2210380  1 121.593 ? 7   LYS A N   1 
ATOM 52   C CA  . LYS A 1 7   ? -17.5480479 2.5535373   -4.2650385  1 119.934 ? 7   LYS A CA  1 
ATOM 53   C C   . LYS A 1 7   ? -16.1129697 3.0910789   -4.3213531  1 117.66  ? 7   LYS A C   1 
ATOM 54   O O   . LYS A 1 7   ? -15.3143735 2.7291101   -3.4663789  1 118.654 ? 7   LYS A O   1 
ATOM 55   C CB  . LYS A 1 7   ? -18.6523924 3.5737402   -3.9535281  1 125.748 ? 7   LYS A CB  1 
ATOM 56   C CG  . LYS A 1 7   ? -18.4563944 4.3941533   -2.6727723  1 133.176 ? 7   LYS A CG  1 
ATOM 57   C CD  . LYS A 1 7   ? -19.6617805 5.2134905   -2.2442047  1 141.366 ? 7   LYS A CD  1 
ATOM 58   C CE  . LYS A 1 7   ? -19.5142995 5.8563701   -0.8750721  1 144.266 ? 7   LYS A CE  1 
ATOM 59   N NZ  . LYS A 1 7   ? -20.6086231 6.8197785   -0.5813928  1 150.012 ? 7   LYS A NZ  1 
ATOM 60   N N   . LEU A 1 8   ? -15.7704651 3.9428927   -5.2991444  1 114.864 ? 8   LEU A N   1 
ATOM 61   C CA  . LEU A 1 8   ? -14.4060309 4.4502704   -5.4165084  1 109.747 ? 8   LEU A CA  1 
ATOM 62   C C   . LEU A 1 8   ? -14.2851911 5.9331784   -5.0598095  1 119.473 ? 8   LEU A C   1 
ATOM 63   O O   . LEU A 1 8   ? -13.2798020 6.5505154   -5.3963207  1 123.83  ? 8   LEU A O   1 
ATOM 64   C CB  . LEU A 1 8   ? -13.9229808 4.1601084   -6.8421850  1 111.459 ? 8   LEU A CB  1 
ATOM 65   C CG  . LEU A 1 8   ? -13.6634285 2.6840141   -7.1757790  1 119.722 ? 8   LEU A CG  1 
ATOM 66   C CD1 . LEU A 1 8   ? -13.2117806 2.4981595   -8.6278172  1 120.467 ? 8   LEU A CD1 1 
ATOM 67   C CD2 . LEU A 1 8   ? -12.6447188 2.0495132   -6.2147980  1 124.772 ? 8   LEU A CD2 1 
ATOM 68   N N   . THR A 1 9   ? -15.2308398 6.4853511   -4.2915667  1 123.559 ? 9   THR A N   1 
ATOM 69   C CA  . THR A 1 9   ? -15.1361294 7.8578800   -3.8155635  1 126.814 ? 9   THR A CA  1 
ATOM 70   C C   . THR A 1 9   ? -14.2839488 7.8343668   -2.5492241  1 114.841 ? 9   THR A C   1 
ATOM 71   O O   . THR A 1 9   ? -14.5519069 7.0127729   -1.6935531  1 121.746 ? 9   THR A O   1 
ATOM 72   C CB  . THR A 1 9   ? -16.5412718 8.4680782   -3.6324829  1 137.578 ? 9   THR A CB  1 
ATOM 73   O OG1 . THR A 1 9   ? -17.3050928 7.6799594   -2.7046180  1 134.617 ? 9   THR A OG1 1 
ATOM 74   C CG2 . THR A 1 9   ? -17.3009972 8.6054368   -4.9466996  1 143.783 ? 9   THR A CG2 1 
ATOM 75   N N   . ALA A 1 10  ? -13.2957139 8.7314113   -2.4153745  1 119.639 ? 10  ALA A N   1 
ATOM 76   C CA  . ALA A 1 10  ? -12.4167159 8.7634097   -1.2499728  1 117.053 ? 10  ALA A CA  1 
ATOM 77   C C   . ALA A 1 10  ? -12.7785105 9.8950259   -0.2898145  1 117.07  ? 10  ALA A C   1 
ATOM 78   O O   . ALA A 1 10  ? -12.0120012 10.1665147  0.6331729   1 123.251 ? 10  ALA A O   1 
ATOM 79   C CB  . ALA A 1 10  ? -10.9760218 8.8586839   -1.6962558  1 117.983 ? 10  ALA A CB  1 
ATOM 80   N N   . GLU A 1 11  ? -13.9539358 10.5160742  -0.4747191  1 129.883 ? 11  GLU A N   1 
ATOM 81   C CA  . GLU A 1 11  ? -14.3391338 11.6700815  0.3200113   1 140.863 ? 11  GLU A CA  1 
ATOM 82   C C   . GLU A 1 11  ? -14.4884230 11.2349547  1.7791683   1 139.476 ? 11  GLU A C   1 
ATOM 83   O O   . GLU A 1 11  ? -15.1090197 10.2097816  2.0524559   1 139.127 ? 11  GLU A O   1 
ATOM 84   C CB  . GLU A 1 11  ? -15.6320637 12.2971776  -0.2057814  1 142.605 ? 11  GLU A CB  1 
ATOM 85   C CG  . GLU A 1 11  ? -15.9581504 13.6474261  0.4167307   1 151.943 ? 11  GLU A CG  1 
ATOM 86   C CD  . GLU A 1 11  ? -16.5523874 14.6569605  -0.5550251  1 162.121 ? 11  GLU A CD  1 
ATOM 87   O OE1 . GLU A 1 11  ? -17.7114166 15.0877600  -0.3379263  1 165.447 ? 11  GLU A OE1 1 
ATOM 88   O OE2 . GLU A 1 11  ? -15.8517330 15.0206399  -1.5301088  1 161.495 ? 11  GLU A OE2 1 
ATOM 89   N N   . GLY A 1 12  ? -13.8461707 11.9727854  2.6955481   1 137.444 ? 12  GLY A N   1 
ATOM 90   C CA  . GLY A 1 12  ? -13.9439092 11.6878914  4.1183751   1 140.606 ? 12  GLY A CA  1 
ATOM 91   C C   . GLY A 1 12  ? -13.0441401 10.5497283  4.6125259   1 135.73  ? 12  GLY A C   1 
ATOM 92   O O   . GLY A 1 12  ? -12.9325231 10.3878580  5.8314293   1 138.37  ? 12  GLY A O   1 
ATOM 93   N N   . LEU A 1 13  ? -12.3783568 9.8000232   3.7120683   1 130.799 ? 13  LEU A N   1 
ATOM 94   C CA  . LEU A 1 13  ? -11.5221154 8.6895956   4.1089452   1 124.888 ? 13  LEU A CA  1 
ATOM 95   C C   . LEU A 1 13  ? -10.1534336 9.2365867   4.5068657   1 122.511 ? 13  LEU A C   1 
ATOM 96   O O   . LEU A 1 13  ? -9.7013193  10.2416660  3.9553708   1 127.885 ? 13  LEU A O   1 
ATOM 97   C CB  . LEU A 1 13  ? -11.4011860 7.6763509   2.9598078   1 123.062 ? 13  LEU A CB  1 
ATOM 98   C CG  . LEU A 1 13  ? -12.6773332 6.9447030   2.4946370   1 123.935 ? 13  LEU A CG  1 
ATOM 99   C CD1 . LEU A 1 13  ? -12.4108168 6.0612194   1.2631769   1 121.357 ? 13  LEU A CD1 1 
ATOM 100  C CD2 . LEU A 1 13  ? -13.3110718 6.0930649   3.6034182   1 123.903 ? 13  LEU A CD2 1 
ATOM 101  N N   . ARG A 1 14  ? -9.5088017  8.5589706   5.4660750   1 125.424 ? 14  ARG A N   1 
ATOM 102  C CA  . ARG A 1 14  ? -8.2124349  8.9528185   5.9902807   1 124.629 ? 14  ARG A CA  1 
ATOM 103  C C   . ARG A 1 14  ? -7.2468702  7.7854854   5.8154456   1 119.148 ? 14  ARG A C   1 
ATOM 104  O O   . ARG A 1 14  ? -7.5328981  6.6856278   6.2859634   1 120.067 ? 14  ARG A O   1 
ATOM 105  C CB  . ARG A 1 14  ? -8.3177887  9.3397136   7.4598584   1 129.154 ? 14  ARG A CB  1 
ATOM 106  C CG  . ARG A 1 14  ? -9.2973393  10.4669595  7.7769553   1 140.077 ? 14  ARG A CG  1 
ATOM 107  C CD  . ARG A 1 14  ? -9.9439275  10.3549208  9.1557098   1 145.516 ? 14  ARG A CD  1 
ATOM 108  N NE  . ARG A 1 14  ? -10.6952079 9.1116923   9.3753982   1 146.142 ? 14  ARG A NE  1 
ATOM 109  C CZ  . ARG A 1 14  ? -11.2323350 8.7291026   10.5326813  1 155.453 ? 14  ARG A CZ  1 
ATOM 110  N NH1 . ARG A 1 14  ? -11.2959641 9.5572529   11.5654654  1 157.695 ? 14  ARG A NH1 1 
ATOM 111  N NH2 . ARG A 1 14  ? -11.7867482 7.5304093   10.6328262  1 157.58  ? 14  ARG A NH2 1 
ATOM 112  N N   . PHE A 1 15  ? -6.1138292  8.0381927   5.1449432   1 113.91  ? 15  PHE A N   1 
ATOM 113  C CA  . PHE A 1 15  ? -5.2099520  6.9927065   4.7047397   1 110.5   ? 15  PHE A CA  1 
ATOM 114  C C   . PHE A 1 15  ? -3.8500442  7.1072134   5.3784862   1 110.098 ? 15  PHE A C   1 
ATOM 115  O O   . PHE A 1 15  ? -3.3136314  8.2050992   5.5461025   1 117.828 ? 15  PHE A O   1 
ATOM 116  C CB  . PHE A 1 15  ? -5.0337918  7.0818304   3.1927336   1 115.767 ? 15  PHE A CB  1 
ATOM 117  C CG  . PHE A 1 15  ? -6.2931190  6.7415683   2.4503476   1 116.768 ? 15  PHE A CG  1 
ATOM 118  C CD1 . PHE A 1 15  ? -7.1569352  7.7495524   2.0459427   1 118.553 ? 15  PHE A CD1 1 
ATOM 119  C CD2 . PHE A 1 15  ? -6.6295048  5.4130553   2.1834532   1 117.066 ? 15  PHE A CD2 1 
ATOM 120  C CE1 . PHE A 1 15  ? -8.3249054  7.4355429   1.3656316   1 125.417 ? 15  PHE A CE1 1 
ATOM 121  C CE2 . PHE A 1 15  ? -7.8123237  5.1000789   1.5281315   1 121.824 ? 15  PHE A CE2 1 
ATOM 122  C CZ  . PHE A 1 15  ? -8.6601146  6.1140905   1.1269885   1 125.91  ? 15  PHE A CZ  1 
ATOM 123  N N   . GLY A 1 16  ? -3.2689358  5.9484438   5.6789696   1 102.175 ? 16  GLY A N   1 
ATOM 124  C CA  . GLY A 1 16  ? -1.8533303  5.8524154   5.9568896   1 108.871 ? 16  GLY A CA  1 
ATOM 125  C C   . GLY A 1 16  ? -1.0833958  5.2536743   4.7860784   1 104.281 ? 16  GLY A C   1 
ATOM 126  O O   . GLY A 1 16  ? -1.5304298  4.2627924   4.2186756   1 106.383 ? 16  GLY A O   1 
ATOM 127  N N   . ILE A 1 17  ? 0.0718129   5.8294920   4.4431853   1 99.874  ? 17  ILE A N   1 
ATOM 128  C CA  . ILE A 1 17  ? 0.9917803   5.1950654   3.5141875   1 99.6497 ? 17  ILE A CA  1 
ATOM 129  C C   . ILE A 1 17  ? 2.2527112   4.8472589   4.2953209   1 95.5976 ? 17  ILE A C   1 
ATOM 130  O O   . ILE A 1 17  ? 2.7639255   5.7171390   4.9774730   1 104.3   ? 17  ILE A O   1 
ATOM 131  C CB  . ILE A 1 17  ? 1.2632791   6.0946971   2.2872187   1 100.157 ? 17  ILE A CB  1 
ATOM 132  C CG1 . ILE A 1 17  ? -0.0582108  6.4909975   1.6097825   1 105.097 ? 17  ILE A CG1 1 
ATOM 133  C CG2 . ILE A 1 17  ? 2.2537757   5.4295890   1.3150074   1 103.94  ? 17  ILE A CG2 1 
ATOM 134  C CD1 . ILE A 1 17  ? 0.0517452   7.3877693   0.3916506   1 113.411 ? 17  ILE A CD1 1 
ATOM 135  N N   . VAL A 1 18  ? 2.7557609   3.6092235   4.1841977   1 92.7272 ? 18  VAL A N   1 
ATOM 136  C CA  . VAL A 1 18  ? 4.0874585   3.2853278   4.6661957   1 93.0301 ? 18  VAL A CA  1 
ATOM 137  C C   . VAL A 1 18  ? 4.9352371   2.9768829   3.4394446   1 93.133  ? 18  VAL A C   1 
ATOM 138  O O   . VAL A 1 18  ? 4.6482361   1.9962727   2.7603202   1 99.0393 ? 18  VAL A O   1 
ATOM 139  C CB  . VAL A 1 18  ? 4.1220493   2.1086217   5.6667583   1 98.2022 ? 18  VAL A CB  1 
ATOM 140  C CG1 . VAL A 1 18  ? 5.5313083   1.8882953   6.2210589   1 103.424 ? 18  VAL A CG1 1 
ATOM 141  C CG2 . VAL A 1 18  ? 3.1357420   2.2566227   6.8065840   1 95.5393 ? 18  VAL A CG2 1 
ATOM 142  N N   . ALA A 1 19  ? 5.9924880   3.7604806   3.1800345   1 89.4608 ? 19  ALA A N   1 
ATOM 143  C CA  . ALA A 1 19  ? 6.7879678   3.5551859   1.9811035   1 93.2791 ? 19  ALA A CA  1 
ATOM 144  C C   . ALA A 1 19  ? 8.2568739   3.3972150   2.3332757   1 92.76   ? 19  ALA A C   1 
ATOM 145  O O   . ALA A 1 19  ? 8.7816767   4.2092450   3.0799313   1 98.0677 ? 19  ALA A O   1 
ATOM 146  C CB  . ALA A 1 19  ? 6.5873641   4.6964595   1.0402389   1 95.072  ? 19  ALA A CB  1 
ATOM 147  N N   . SER A 1 20  ? 8.9199388   2.3874785   1.7609386   1 93.8924 ? 20  SER A N   1 
ATOM 148  C CA  . SER A 1 20  ? 10.3142399  2.1462101   2.0837124   1 95.6575 ? 20  SER A CA  1 
ATOM 149  C C   . SER A 1 20  ? 11.2156949  3.1090869   1.3140893   1 99.0046 ? 20  SER A C   1 
ATOM 150  O O   . SER A 1 20  ? 10.7849379  3.6803675   0.3257432   1 104.16  ? 20  SER A O   1 
ATOM 151  C CB  . SER A 1 20  ? 10.6827929  0.7351279   1.8434974   1 104.888 ? 20  SER A CB  1 
ATOM 152  O OG  . SER A 1 20  ? 10.1678283  0.2849008   0.6029218   1 107.499 ? 20  SER A OG  1 
ATOM 153  N N   . ARG A 1 21  ? 12.4488471  3.3077957   1.8013215   1 106.595 ? 21  ARG A N   1 
ATOM 154  C CA  . ARG A 1 21  ? 13.3950970  4.2135476   1.1698311   1 104.231 ? 21  ARG A CA  1 
ATOM 155  C C   . ARG A 1 21  ? 14.3247905  3.4581809   0.2297834   1 105.889 ? 21  ARG A C   1 
ATOM 156  O O   . ARG A 1 21  ? 14.8594128  4.0747765   -0.6753763  1 114.911 ? 21  ARG A O   1 
ATOM 157  C CB  . ARG A 1 21  ? 14.2540906  4.9479232   2.1965815   1 111.297 ? 21  ARG A CB  1 
ATOM 158  C CG  . ARG A 1 21  ? 13.4986252  5.9213766   3.0922632   1 113.658 ? 21  ARG A CG  1 
ATOM 159  C CD  . ARG A 1 21  ? 14.4213341  6.5866287   4.1057849   1 118.488 ? 21  ARG A CD  1 
ATOM 160  N NE  . ARG A 1 21  ? 13.8119599  7.7061200   4.8111907   1 114.602 ? 21  ARG A NE  1 
ATOM 161  C CZ  . ARG A 1 21  ? 13.5966218  8.9186293   4.3007431   1 117.765 ? 21  ARG A CZ  1 
ATOM 162  N NH1 . ARG A 1 21  ? 13.9782445  9.2340219   3.0729329   1 121.312 ? 21  ARG A NH1 1 
ATOM 163  N NH2 . ARG A 1 21  ? 13.0182307  9.8445931   5.0423047   1 122.378 ? 21  ARG A NH2 1 
ATOM 164  N N   . PHE A 1 22  ? 14.5694379  2.1601937   0.4271078   1 106.164 ? 22  PHE A N   1 
ATOM 165  C CA  . PHE A 1 22  ? 15.3933466  1.4459863   -0.5358956  1 106.408 ? 22  PHE A CA  1 
ATOM 166  C C   . PHE A 1 22  ? 14.7103782  1.4734043   -1.9083056  1 104.642 ? 22  PHE A C   1 
ATOM 167  O O   . PHE A 1 22  ? 13.4851068  1.5053768   -1.9725646  1 112.612 ? 22  PHE A O   1 
ATOM 168  C CB  . PHE A 1 22  ? 15.6968401  0.0269777   -0.0579930  1 113.072 ? 22  PHE A CB  1 
ATOM 169  C CG  . PHE A 1 22  ? 16.8335121  -0.5999035  -0.8170596  1 124.36  ? 22  PHE A CG  1 
ATOM 170  C CD1 . PHE A 1 22  ? 18.1439349  -0.1576022  -0.6275736  1 132.409 ? 22  PHE A CD1 1 
ATOM 171  C CD2 . PHE A 1 22  ? 16.5972602  -1.5747442  -1.7797966  1 127.312 ? 22  PHE A CD2 1 
ATOM 172  C CE1 . PHE A 1 22  ? 19.1921949  -0.7043322  -1.3573312  1 139.136 ? 22  PHE A CE1 1 
ATOM 173  C CE2 . PHE A 1 22  ? 17.6516733  -2.1328035  -2.4976046  1 137.838 ? 22  PHE A CE2 1 
ATOM 174  C CZ  . PHE A 1 22  ? 18.9447361  -1.6898502  -2.2937474  1 140.723 ? 22  PHE A CZ  1 
ATOM 175  N N   . ASN A 1 23  ? 15.4997207  1.5205118   -2.9893134  1 104.149 ? 23  ASN A N   1 
ATOM 176  C CA  . ASN A 1 23  ? 15.0227113  1.6977211   -4.3531667  1 96.3932 ? 23  ASN A CA  1 
ATOM 177  C C   . ASN A 1 23  ? 14.1715834  2.9639886   -4.5017289  1 100.016 ? 23  ASN A C   1 
ATOM 178  O O   . ASN A 1 23  ? 13.2258348  2.9771891   -5.2918835  1 107.443 ? 23  ASN A O   1 
ATOM 179  C CB  . ASN A 1 23  ? 14.2838606  0.4411666   -4.8430271  1 106.949 ? 23  ASN A CB  1 
ATOM 180  C CG  . ASN A 1 23  ? 15.1640854  -0.7676223  -5.0340676  1 102.638 ? 23  ASN A CG  1 
ATOM 181  O OD1 . ASN A 1 23  ? 16.1871606  -0.6833502  -5.6971297  1 114.035 ? 23  ASN A OD1 1 
ATOM 182  N ND2 . ASN A 1 23  ? 14.7381805  -1.9313746  -4.5817701  1 109.352 ? 23  ASN A ND2 1 
ATOM 183  N N   . HIS A 1 24  ? 14.5040219  4.0489332   -3.7851695  1 106.979 ? 24  HIS A N   1 
ATOM 184  C CA  . HIS A 1 24  ? 13.6465506  5.2347909   -3.7692398  1 108.272 ? 24  HIS A CA  1 
ATOM 185  C C   . HIS A 1 24  ? 13.4133095  5.8330189   -5.1588624  1 106.704 ? 24  HIS A C   1 
ATOM 186  O O   . HIS A 1 24  ? 12.3715129  6.4516109   -5.3368630  1 112.459 ? 24  HIS A O   1 
ATOM 187  C CB  . HIS A 1 24  ? 14.1361977  6.3803150   -2.8768322  1 113.293 ? 24  HIS A CB  1 
ATOM 188  C CG  . HIS A 1 24  ? 15.3973093  6.9495217   -3.3840421  1 122.38  ? 24  HIS A CG  1 
ATOM 189  N ND1 . HIS A 1 24  ? 16.6246355  6.3565764   -3.1683196  1 115.745 ? 24  HIS A ND1 1 
ATOM 190  C CD2 . HIS A 1 24  ? 15.6051659  8.0390602   -4.1485992  1 130.642 ? 24  HIS A CD2 1 
ATOM 191  C CE1 . HIS A 1 24  ? 17.5405455  7.0846117   -3.7747855  1 126.012 ? 24  HIS A CE1 1 
ATOM 192  N NE2 . HIS A 1 24  ? 16.9475276  8.1013745   -4.3983244  1 126.126 ? 24  HIS A NE2 1 
ATOM 193  N N   . ALA A 1 25  ? 14.3288215  5.6725652   -6.1349480  1 109.553 ? 25  ALA A N   1 
ATOM 194  C CA  . ALA A 1 25  ? 14.0791797  6.1778787   -7.4868008  1 114.099 ? 25  ALA A CA  1 
ATOM 195  C C   . ALA A 1 25  ? 12.7621322  5.6371138   -8.0600363  1 116.434 ? 25  ALA A C   1 
ATOM 196  O O   . ALA A 1 25  ? 12.0910577  6.3657664   -8.8072413  1 120.998 ? 25  ALA A O   1 
ATOM 197  C CB  . ALA A 1 25  ? 15.2156143  5.8701498   -8.4242150  1 113.214 ? 25  ALA A CB  1 
ATOM 198  N N   . LEU A 1 26  ? 12.3930979  4.3925588   -7.7040447  1 105.818 ? 26  LEU A N   1 
ATOM 199  C CA  . LEU A 1 26  ? 11.1105422  3.8290439   -8.0959959  1 102.171 ? 26  LEU A CA  1 
ATOM 200  C C   . LEU A 1 26  ? 10.0425444  4.0415962   -7.0350443  1 98.1536 ? 26  LEU A C   1 
ATOM 201  O O   . LEU A 1 26  ? 8.9104171   4.2904447   -7.4068582  1 103.401 ? 26  LEU A O   1 
ATOM 202  C CB  . LEU A 1 26  ? 11.2741444  2.3302559   -8.3314935  1 108.083 ? 26  LEU A CB  1 
ATOM 203  C CG  . LEU A 1 26  ? 12.2060828  1.9025967   -9.4592967  1 106.183 ? 26  LEU A CG  1 
ATOM 204  C CD1 . LEU A 1 26  ? 12.4900885  0.4102706   -9.3872047  1 107.391 ? 26  LEU A CD1 1 
ATOM 205  C CD2 . LEU A 1 26  ? 11.6375934  2.2851486   -10.8193537 1 114.92  ? 26  LEU A CD2 1 
ATOM 206  N N   . VAL A 1 27  ? 10.3556275  3.8630739   -5.7489113  1 99.4043 ? 27  VAL A N   1 
ATOM 207  C CA  . VAL A 1 27  ? 9.3377392   3.9723404   -4.7101827  1 95.2694 ? 27  VAL A CA  1 
ATOM 208  C C   . VAL A 1 27  ? 8.7162089   5.3766264   -4.7409987  1 99.0481 ? 27  VAL A C   1 
ATOM 209  O O   . VAL A 1 27  ? 7.5083167   5.4772178   -4.6062868  1 101.236 ? 27  VAL A O   1 
ATOM 210  C CB  . VAL A 1 27  ? 9.8677666   3.6436619   -3.2989187  1 93.7779 ? 27  VAL A CB  1 
ATOM 211  C CG1 . VAL A 1 27  ? 8.8055407   3.8763520   -2.2290381  1 97.1092 ? 27  VAL A CG1 1 
ATOM 212  C CG2 . VAL A 1 27  ? 10.4421060  2.2353644   -3.1898980  1 99.7417 ? 27  VAL A CG2 1 
ATOM 213  N N   . ASP A 1 28  ? 9.5118990   6.4421931   -4.9394806  1 104.665 ? 28  ASP A N   1 
ATOM 214  C CA  . ASP A 1 28  ? 9.0074686   7.7963570   -5.1542730  1 107.341 ? 28  ASP A CA  1 
ATOM 215  C C   . ASP A 1 28  ? 7.9037518   7.8837294   -6.2242016  1 110.92  ? 28  ASP A C   1 
ATOM 216  O O   . ASP A 1 28  ? 6.9790224   8.6717397   -6.0453713  1 111.853 ? 28  ASP A O   1 
ATOM 217  C CB  . ASP A 1 28  ? 10.1715916  8.7490745   -5.4621968  1 123.399 ? 28  ASP A CB  1 
ATOM 218  C CG  . ASP A 1 28  ? 11.1296539  9.0051021   -4.2888987  1 139.513 ? 28  ASP A CG  1 
ATOM 219  O OD1 . ASP A 1 28  ? 10.7233503  8.7592286   -3.1164853  1 137.841 ? 28  ASP A OD1 1 
ATOM 220  O OD2 . ASP A 1 28  ? 12.3166701  9.4173350   -4.5394576  1 133.412 ? 28  ASP A OD2 1 
ATOM 221  N N   . ARG A 1 29  ? 7.9682636   7.0766825   -7.2985708  1 109.597 ? 29  ARG A N   1 
ATOM 222  C CA  . ARG A 1 29  ? 6.9390005   7.0375493   -8.3327282  1 102.379 ? 29  ARG A CA  1 
ATOM 223  C C   . ARG A 1 29  ? 5.6748704   6.3628855   -7.8014701  1 102.339 ? 29  ARG A C   1 
ATOM 224  O O   . ARG A 1 29  ? 4.5782903   6.8299795   -8.0971045  1 109.242 ? 29  ARG A O   1 
ATOM 225  C CB  . ARG A 1 29  ? 7.3865096   6.3035663   -9.6072048  1 104.913 ? 29  ARG A CB  1 
ATOM 226  C CG  . ARG A 1 29  ? 8.7256475   6.7014733   -10.2252145 1 107.488 ? 29  ARG A CG  1 
ATOM 227  C CD  . ARG A 1 29  ? 8.8089315   8.1102979   -10.7859779 1 117.117 ? 29  ARG A CD  1 
ATOM 228  N NE  . ARG A 1 29  ? 8.8172424   9.2167319   -9.8220986  1 118.748 ? 29  ARG A NE  1 
ATOM 229  C CZ  . ARG A 1 29  ? 9.8766823   9.6545880   -9.1302780  1 126.308 ? 29  ARG A CZ  1 
ATOM 230  N NH1 . ARG A 1 29  ? 11.0478622  9.0352585   -9.1892975  1 129.046 ? 29  ARG A NH1 1 
ATOM 231  N NH2 . ARG A 1 29  ? 9.7666179   10.7290117  -8.3620390  1 130.747 ? 29  ARG A NH2 1 
ATOM 232  N N   . LEU A 1 30  ? 5.8191949   5.2710309   -7.0406305  1 101.126 ? 30  LEU A N   1 
ATOM 233  C CA  . LEU A 1 30  ? 4.6784262   4.5754256   -6.4495657  1 97.6224 ? 30  LEU A CA  1 
ATOM 234  C C   . LEU A 1 30  ? 3.9471494   5.4433670   -5.4223943  1 96.8331 ? 30  LEU A C   1 
ATOM 235  O O   . LEU A 1 30  ? 2.7239730   5.4212266   -5.3961992  1 100.668 ? 30  LEU A O   1 
ATOM 236  C CB  . LEU A 1 30  ? 5.1453676   3.2922132   -5.7619820  1 93.5895 ? 30  LEU A CB  1 
ATOM 237  C CG  . LEU A 1 30  ? 5.8368749   2.2254362   -6.6163661  1 90.153  ? 30  LEU A CG  1 
ATOM 238  C CD1 . LEU A 1 30  ? 6.2578269   1.0483717   -5.7555789  1 95.947  ? 30  LEU A CD1 1 
ATOM 239  C CD2 . LEU A 1 30  ? 4.9561841   1.7332015   -7.7441803  1 101.303 ? 30  LEU A CD2 1 
ATOM 240  N N   . VAL A 1 31  ? 4.6742161   6.2124241   -4.6049098  1 95.0257 ? 31  VAL A N   1 
ATOM 241  C CA  . VAL A 1 31  ? 4.0505078   7.0749522   -3.6096093  1 95.7283 ? 31  VAL A CA  1 
ATOM 242  C C   . VAL A 1 31  ? 3.3293375   8.2263557   -4.3223346  1 103.108 ? 31  VAL A C   1 
ATOM 243  O O   . VAL A 1 31  ? 2.1845655   8.4993573   -3.9650863  1 105.994 ? 31  VAL A O   1 
ATOM 244  C CB  . VAL A 1 31  ? 5.0539196   7.5689487   -2.5438538  1 96.5086 ? 31  VAL A CB  1 
ATOM 245  C CG1 . VAL A 1 31  ? 4.4299300   8.5381627   -1.5499644  1 98.1829 ? 31  VAL A CG1 1 
ATOM 246  C CG2 . VAL A 1 31  ? 5.7011001   6.4106442   -1.7949434  1 102.727 ? 31  VAL A CG2 1 
ATOM 247  N N   . GLU A 1 32  ? 3.9508611   8.8660487   -5.3336534  1 106.246 ? 32  GLU A N   1 
ATOM 248  C CA  . GLU A 1 32  ? 3.2439276   9.7907367   -6.2233059  1 111.41  ? 32  GLU A CA  1 
ATOM 249  C C   . GLU A 1 32  ? 1.9397985   9.1849965   -6.7547858  1 108.911 ? 32  GLU A C   1 
ATOM 250  O O   . GLU A 1 32  ? 0.9235564   9.8765198   -6.7491172  1 111.452 ? 32  GLU A O   1 
ATOM 251  C CB  . GLU A 1 32  ? 4.0595457   10.1838612  -7.4594255  1 118.599 ? 32  GLU A CB  1 
ATOM 252  C CG  . GLU A 1 32  ? 5.1770140   11.1801959  -7.1932232  1 133.071 ? 32  GLU A CG  1 
ATOM 253  C CD  . GLU A 1 32  ? 6.2845575   11.2710892  -8.2385928  1 137.997 ? 32  GLU A CD  1 
ATOM 254  O OE1 . GLU A 1 32  ? 6.2494181   10.5281110  -9.2681122  1 131.062 ? 32  GLU A OE1 1 
ATOM 255  O OE2 . GLU A 1 32  ? 7.2108398   12.0882916  -8.0099215  1 138.807 ? 32  GLU A OE2 1 
ATOM 256  N N   . GLY A 1 33  ? 1.9723989   7.9236985   -7.2215474  1 101.471 ? 33  GLY A N   1 
ATOM 257  C CA  . GLY A 1 33  ? 0.8005150   7.2530366   -7.7580948  1 101.343 ? 33  GLY A CA  1 
ATOM 258  C C   . GLY A 1 33  ? -0.2966435  7.1013340   -6.7167898  1 101.201 ? 33  GLY A C   1 
ATOM 259  O O   . GLY A 1 33  ? -1.4511436  7.4025104   -6.9889861  1 111.108 ? 33  GLY A O   1 
ATOM 260  N N   . ALA A 1 34  ? 0.0848049   6.6625288   -5.5185754  1 104.027 ? 34  ALA A N   1 
ATOM 261  C CA  . ALA A 1 34  ? -0.8577631  6.4764078   -4.4301935  1 99.6713 ? 34  ALA A CA  1 
ATOM 262  C C   . ALA A 1 34  ? -1.5353243  7.7915058   -4.0343038  1 100.411 ? 34  ALA A C   1 
ATOM 263  O O   . ALA A 1 34  ? -2.7473645  7.8135204   -3.8239078  1 102.772 ? 34  ALA A O   1 
ATOM 264  C CB  . ALA A 1 34  ? -0.1420820  5.8323878   -3.2692055  1 98.9212 ? 34  ALA A CB  1 
ATOM 265  N N   . ILE A 1 35  ? -0.7641069  8.8827907   -3.9297651  1 108.593 ? 35  ILE A N   1 
ATOM 266  C CA  . ILE A 1 35  ? -1.3243245  10.1468563  -3.4663833  1 110.771 ? 35  ILE A CA  1 
ATOM 267  C C   . ILE A 1 35  ? -2.2158236  10.7203773  -4.5738623  1 107.14  ? 35  ILE A C   1 
ATOM 268  O O   . ILE A 1 35  ? -3.3157531  11.1700980  -4.2600120  1 111.524 ? 35  ILE A O   1 
ATOM 269  C CB  . ILE A 1 35  ? -0.2319203  11.1217778  -2.9693101  1 103.878 ? 35  ILE A CB  1 
ATOM 270  C CG1 . ILE A 1 35  ? 0.4602584   10.5802290  -1.7084350  1 105.127 ? 35  ILE A CG1 1 
ATOM 271  C CG2 . ILE A 1 35  ? -0.8161324  12.5241310  -2.7542051  1 115.152 ? 35  ILE A CG2 1 
ATOM 272  C CD1 . ILE A 1 35  ? 1.8328140   11.1608819  -1.4084875  1 117.798 ? 35  ILE A CD1 1 
ATOM 273  N N   . ASP A 1 36  ? -1.7612113  10.6807495  -5.8381947  1 109.257 ? 36  ASP A N   1 
ATOM 274  C CA  . ASP A 1 36  ? -2.5687206  11.1086907  -6.9745509  1 111.247 ? 36  ASP A CA  1 
ATOM 275  C C   . ASP A 1 36  ? -3.9094373  10.3907970  -6.9665504  1 104.405 ? 36  ASP A C   1 
ATOM 276  O O   . ASP A 1 36  ? -4.9305143  11.0376167  -7.1587222  1 113.074 ? 36  ASP A O   1 
ATOM 277  C CB  . ASP A 1 36  ? -1.9028232  10.8572404  -8.3354304  1 120.213 ? 36  ASP A CB  1 
ATOM 278  C CG  . ASP A 1 36  ? -2.7410657  11.2561110  -9.5492718  1 127.981 ? 36  ASP A CG  1 
ATOM 279  O OD1 . ASP A 1 36  ? -3.1453779  12.4533527  -9.6429405  1 127.211 ? 36  ASP A OD1 1 
ATOM 280  O OD2 . ASP A 1 36  ? -2.9818410  10.3799683  -10.4106901 1 123.935 ? 36  ASP A OD2 1 
ATOM 281  N N   . CYS A 1 37  ? -3.8917786  9.0691157   -6.7844558  1 109.119 ? 37  CYS A N   1 
ATOM 282  C CA  . CYS A 1 37  ? -5.1162370  8.2905422   -6.7780035  1 109.93  ? 37  CYS A CA  1 
ATOM 283  C C   . CYS A 1 37  ? -6.0688442  8.7762340   -5.6782765  1 99.4947 ? 37  CYS A C   1 
ATOM 284  O O   . CYS A 1 37  ? -7.2424104  8.9646797   -5.9523941  1 105.783 ? 37  CYS A O   1 
ATOM 285  C CB  . CYS A 1 37  ? -4.7999945  6.8150130   -6.6079006  1 103.127 ? 37  CYS A CB  1 
ATOM 286  S SG  . CYS A 1 37  ? -6.2820673  5.7987405   -6.7212871  1 117.415 ? 37  CYS A SG  1 
ATOM 287  N N   . ILE A 1 38  ? -5.5684772  9.0119071   -4.4643571  1 104.391 ? 38  ILE A N   1 
ATOM 288  C CA  . ILE A 1 38  ? -6.4249818  9.4035109   -3.3553272  1 106.047 ? 38  ILE A CA  1 
ATOM 289  C C   . ILE A 1 38  ? -7.0158456  10.7734923  -3.6783727  1 100.685 ? 38  ILE A C   1 
ATOM 290  O O   . ILE A 1 38  ? -8.2242643  10.9345795  -3.6081940  1 108.667 ? 38  ILE A O   1 
ATOM 291  C CB  . ILE A 1 38  ? -5.6741734  9.3532643   -2.0013352  1 109.517 ? 38  ILE A CB  1 
ATOM 292  C CG1 . ILE A 1 38  ? -5.3377299  7.9026108   -1.5985152  1 108.438 ? 38  ILE A CG1 1 
ATOM 293  C CG2 . ILE A 1 38  ? -6.4411890  10.1048053  -0.9025846  1 108.119 ? 38  ILE A CG2 1 
ATOM 294  C CD1 . ILE A 1 38  ? -4.1843661  7.7628208   -0.6123874  1 117.949 ? 38  ILE A CD1 1 
ATOM 295  N N   . VAL A 1 39  ? -6.1865911  11.7140935  -4.1182564  1 106.448 ? 39  VAL A N   1 
ATOM 296  C CA  . VAL A 1 39  ? -6.6275685  13.0889179  -4.2904766  1 107.477 ? 39  VAL A CA  1 
ATOM 297  C C   . VAL A 1 39  ? -7.6271356  13.1888670  -5.4486920  1 111.331 ? 39  VAL A C   1 
ATOM 298  O O   . VAL A 1 39  ? -8.6709911  13.8236723  -5.2813783  1 116.993 ? 39  VAL A O   1 
ATOM 299  C CB  . VAL A 1 39  ? -5.4210948  14.0345508  -4.4403250  1 103.315 ? 39  VAL A CB  1 
ATOM 300  C CG1 . VAL A 1 39  ? -5.8060164  15.3980094  -5.0019765  1 117.222 ? 39  VAL A CG1 1 
ATOM 301  C CG2 . VAL A 1 39  ? -4.6704130  14.1620776  -3.1115896  1 112.55  ? 39  VAL A CG2 1 
ATOM 302  N N   . ARG A 1 40  ? -7.3559440  12.5454165  -6.5873663  1 110.271 ? 40  ARG A N   1 
ATOM 303  C CA  . ARG A 1 40  ? -8.2762519  12.6190208  -7.7157484  1 111.874 ? 40  ARG A CA  1 
ATOM 304  C C   . ARG A 1 40  ? -9.5604502  11.8064793  -7.4980672  1 107.998 ? 40  ARG A C   1 
ATOM 305  O O   . ARG A 1 40  ? -10.5135520 12.0466542  -8.2369335  1 117.409 ? 40  ARG A O   1 
ATOM 306  C CB  . ARG A 1 40  ? -7.5549778  12.2438651  -9.0175832  1 116.846 ? 40  ARG A CB  1 
ATOM 307  C CG  . ARG A 1 40  ? -6.5989776  13.3355478  -9.4968415  1 124.177 ? 40  ARG A CG  1 
ATOM 308  C CD  . ARG A 1 40  ? -6.3501461  13.4046099  -10.9877131 1 123.436 ? 40  ARG A CD  1 
ATOM 309  N NE  . ARG A 1 40  ? -5.5438483  12.2664528  -11.4019247 1 122.812 ? 40  ARG A NE  1 
ATOM 310  C CZ  . ARG A 1 40  ? -5.8782029  11.3249320  -12.2797569 1 122.047 ? 40  ARG A CZ  1 
ATOM 311  N NH1 . ARG A 1 40  ? -7.0077035  11.3685716  -12.9681542 1 118.637 ? 40  ARG A NH1 1 
ATOM 312  N NH2 . ARG A 1 40  ? -5.0231135  10.3414257  -12.5055962 1 123.953 ? 40  ARG A NH2 1 
ATOM 313  N N   . HIS A 1 41  ? -9.6297282  10.9062921  -6.5017331  1 105.239 ? 41  HIS A N   1 
ATOM 314  C CA  . HIS A 1 41  ? -10.8815185 10.2537437  -6.1183822  1 102.992 ? 41  HIS A CA  1 
ATOM 315  C C   . HIS A 1 41  ? -11.6475877 11.0180304  -5.0418036  1 107.915 ? 41  HIS A C   1 
ATOM 316  O O   . HIS A 1 41  ? -12.6775550 10.5227094  -4.5892950  1 115.028 ? 41  HIS A O   1 
ATOM 317  C CB  . HIS A 1 41  ? -10.6453231 8.8077573   -5.6830975  1 105.465 ? 41  HIS A CB  1 
ATOM 318  C CG  . HIS A 1 41  ? -10.4371112 7.9465015   -6.8627972  1 109.666 ? 41  HIS A CG  1 
ATOM 319  N ND1 . HIS A 1 41  ? -9.1805704  7.7288171   -7.3566500  1 107.293 ? 41  HIS A ND1 1 
ATOM 320  C CD2 . HIS A 1 41  ? -11.2780687 7.3499359   -7.7107916  1 115.235 ? 41  HIS A CD2 1 
ATOM 321  C CE1 . HIS A 1 41  ? -9.2700941  6.9657622   -8.4114962  1 117.613 ? 41  HIS A CE1 1 
ATOM 322  N NE2 . HIS A 1 41  ? -10.5200057 6.7262548   -8.6486792  1 115.441 ? 41  HIS A NE2 1 
ATOM 323  N N   . GLY A 1 42  ? -11.1942544 12.2217725  -4.6645545  1 109.328 ? 42  GLY A N   1 
ATOM 324  C CA  . GLY A 1 42  ? -11.9400566 13.0726202  -3.7584256  1 111.076 ? 42  GLY A CA  1 
ATOM 325  C C   . GLY A 1 42  ? -11.3988971 13.0568694  -2.3346583  1 113.897 ? 42  GLY A C   1 
ATOM 326  O O   . GLY A 1 42  ? -11.9850603 13.7140497  -1.4816092  1 128.18  ? 42  GLY A O   1 
ATOM 327  N N   . GLY A 1 43  ? -10.2876116 12.3525973  -2.0770341  1 114.594 ? 43  GLY A N   1 
ATOM 328  C CA  . GLY A 1 43  ? -9.6078900  12.4464625  -0.7991787  1 118.262 ? 43  GLY A CA  1 
ATOM 329  C C   . GLY A 1 43  ? -8.9067219  13.7929761  -0.6655736  1 119.306 ? 43  GLY A C   1 
ATOM 330  O O   . GLY A 1 43  ? -8.5401118  14.3922747  -1.6690295  1 124.142 ? 43  GLY A O   1 
ATOM 331  N N   . ARG A 1 44  ? -8.7516550  14.2647500  0.5755762   1 133.906 ? 44  ARG A N   1 
ATOM 332  C CA  . ARG A 1 44  ? -7.9499975  15.4439257  0.8740361   1 139.144 ? 44  ARG A CA  1 
ATOM 333  C C   . ARG A 1 44  ? -6.5163303  14.9810479  1.0953166   1 134.067 ? 44  ARG A C   1 
ATOM 334  O O   . ARG A 1 44  ? -6.3299810  13.9898005  1.7980602   1 137.977 ? 44  ARG A O   1 
ATOM 335  C CB  . ARG A 1 44  ? -8.4411038  16.1618507  2.1337671   1 141.847 ? 44  ARG A CB  1 
ATOM 336  C CG  . ARG A 1 44  ? -9.8697426  16.7015507  2.0844195   1 147.744 ? 44  ARG A CG  1 
ATOM 337  C CD  . ARG A 1 44  ? -10.4365047 17.2918012  3.3794832   1 152.921 ? 44  ARG A CD  1 
ATOM 338  N NE  . ARG A 1 44  ? -9.7142753  16.9173968  4.6007881   1 153.374 ? 44  ARG A NE  1 
ATOM 339  C CZ  . ARG A 1 44  ? -8.5987133  17.4985513  5.0654016   1 157.967 ? 44  ARG A CZ  1 
ATOM 340  N NH1 . ARG A 1 44  ? -8.1623427  18.6539599  4.5713721   1 155.843 ? 44  ARG A NH1 1 
ATOM 341  N NH2 . ARG A 1 44  ? -7.9615269  16.9665361  6.0988248   1 156.83  ? 44  ARG A NH2 1 
ATOM 342  N N   . GLU A 1 45  ? -5.5195586  15.7163526  0.5672841   1 135.92  ? 45  GLU A N   1 
ATOM 343  C CA  . GLU A 1 45  ? -4.1137057  15.4118631  0.8511048   1 138.105 ? 45  GLU A CA  1 
ATOM 344  C C   . GLU A 1 45  ? -3.8003837  15.5625339  2.3480549   1 138.522 ? 45  GLU A C   1 
ATOM 345  O O   . GLU A 1 45  ? -2.9441268  14.8347893  2.8354832   1 138.089 ? 45  GLU A O   1 
ATOM 346  C CB  . GLU A 1 45  ? -3.1194389  16.2008475  -0.0200454  1 140.932 ? 45  GLU A CB  1 
ATOM 347  C CG  . GLU A 1 45  ? -3.0833921  17.7166945  0.1992837   1 151.877 ? 45  GLU A CG  1 
ATOM 348  C CD  . GLU A 1 45  ? -2.4019555  18.2672720  1.4503497   1 156.385 ? 45  GLU A CD  1 
ATOM 349  O OE1 . GLU A 1 45  ? -1.5245554  17.5818642  2.0430047   1 151.237 ? 45  GLU A OE1 1 
ATOM 350  O OE2 . GLU A 1 45  ? -2.7372195  19.4064005  1.8194327   1 155.829 ? 45  GLU A OE2 1 
ATOM 351  N N   . GLU A 1 46  ? -4.4932498  16.4513950  3.0803393   1 142.453 ? 46  GLU A N   1 
ATOM 352  C CA  . GLU A 1 46  ? -4.2571486  16.6127391  4.5139445   1 146.055 ? 46  GLU A CA  1 
ATOM 353  C C   . GLU A 1 46  ? -4.7863686  15.4042645  5.3073610   1 142.777 ? 46  GLU A C   1 
ATOM 354  O O   . GLU A 1 46  ? -4.3536125  15.2217332  6.4414030   1 147.407 ? 46  GLU A O   1 
ATOM 355  C CB  . GLU A 1 46  ? -4.8903334  17.8744317  5.1223057   1 150.897 ? 46  GLU A CB  1 
ATOM 356  C CG  . GLU A 1 46  ? -4.6243747  19.2048816  4.4293972   1 153.752 ? 46  GLU A CG  1 
ATOM 357  C CD  . GLU A 1 46  ? -5.5034371  19.5350551  3.2284083   1 157.909 ? 46  GLU A CD  1 
ATOM 358  O OE1 . GLU A 1 46  ? -6.1063469  18.6090519  2.6351419   1 154.233 ? 46  GLU A OE1 1 
ATOM 359  O OE2 . GLU A 1 46  ? -5.6448243  20.7326705  2.9198817   1 165.473 ? 46  GLU A OE2 1 
ATOM 360  N N   . ASP A 1 47  ? -5.6871089  14.5766197  4.7396529   1 142.194 ? 47  ASP A N   1 
ATOM 361  C CA  . ASP A 1 47  ? -6.1022740  13.3131836  5.3478656   1 139.92  ? 47  ASP A CA  1 
ATOM 362  C C   . ASP A 1 47  ? -5.2064880  12.1255247  4.9601410   1 132.164 ? 47  ASP A C   1 
ATOM 363  O O   . ASP A 1 47  ? -5.5896024  10.9949520  5.2532587   1 132.221 ? 47  ASP A O   1 
ATOM 364  C CB  . ASP A 1 47  ? -7.5793806  13.0328391  5.0277080   1 146.59  ? 47  ASP A CB  1 
ATOM 365  C CG  . ASP A 1 47  ? -8.5559330  13.9639877  5.7257910   1 154.968 ? 47  ASP A CG  1 
ATOM 366  O OD1 . ASP A 1 47  ? -8.1965342  14.5154864  6.7970853   1 155.406 ? 47  ASP A OD1 1 
ATOM 367  O OD2 . ASP A 1 47  ? -9.6526594  14.1913948  5.1699478   1 154.863 ? 47  ASP A OD2 1 
ATOM 368  N N   . ILE A 1 48  ? -4.0061801  12.3487180  4.3853302   1 130.337 ? 48  ILE A N   1 
ATOM 369  C CA  . ILE A 1 48  ? -3.0208143  11.2934751  4.1554897   1 121.44  ? 48  ILE A CA  1 
ATOM 370  C C   . ILE A 1 48  ? -1.9042017  11.4611649  5.1857165   1 121.995 ? 48  ILE A C   1 
ATOM 371  O O   . ILE A 1 48  ? -1.4591433  12.5844677  5.4129737   1 131.464 ? 48  ILE A O   1 
ATOM 372  C CB  . ILE A 1 48  ? -2.4640812  11.3220261  2.7132185   1 119.466 ? 48  ILE A CB  1 
ATOM 373  C CG1 . ILE A 1 48  ? -3.5830456  11.3247553  1.6559935   1 119.907 ? 48  ILE A CG1 1 
ATOM 374  C CG2 . ILE A 1 48  ? -1.4625958  10.1836829  2.4980840   1 121.785 ? 48  ILE A CG2 1 
ATOM 375  C CD1 . ILE A 1 48  ? -3.1652829  11.6781189  0.2352601   1 121.099 ? 48  ILE A CD1 1 
ATOM 376  N N   . THR A 1 49  ? -1.4614050  10.3523174  5.7997831   1 122.278 ? 49  THR A N   1 
ATOM 377  C CA  . THR A 1 49  ? -0.2621746  10.3112221  6.6264764   1 120.61  ? 49  THR A CA  1 
ATOM 378  C C   . THR A 1 49  ? 0.7584878   9.4448137   5.9033942   1 113.367 ? 49  THR A C   1 
ATOM 379  O O   . THR A 1 49  ? 0.4359822   8.2944373   5.6187210   1 118.705 ? 49  THR A O   1 
ATOM 380  C CB  . THR A 1 49  ? -0.5702185  9.7409799   8.0227311   1 125.324 ? 49  THR A CB  1 
ATOM 381  O OG1 . THR A 1 49  ? -1.5484709  10.5492719  8.6861221   1 131.534 ? 49  THR A OG1 1 
ATOM 382  C CG2 . THR A 1 49  ? 0.6500350   9.6053218   8.9051382   1 129.28  ? 49  THR A CG2 1 
ATOM 383  N N   . LEU A 1 50  ? 1.9630456   9.9631051   5.6357300   1 104.752 ? 50  LEU A N   1 
ATOM 384  C CA  . LEU A 1 50  ? 3.0101625   9.1895539   4.9776963   1 102.152 ? 50  LEU A CA  1 
ATOM 385  C C   . LEU A 1 50  ? 4.1170966   8.8769661   5.9899852   1 95.2639 ? 50  LEU A C   1 
ATOM 386  O O   . LEU A 1 50  ? 4.6564628   9.7838948   6.5930250   1 109.826 ? 50  LEU A O   1 
ATOM 387  C CB  . LEU A 1 50  ? 3.5044754   9.9790209   3.7545724   1 106.559 ? 50  LEU A CB  1 
ATOM 388  C CG  . LEU A 1 50  ? 4.7638141   9.4826095   3.0168244   1 110.058 ? 50  LEU A CG  1 
ATOM 389  C CD1 . LEU A 1 50  ? 4.6191415   8.0688688   2.4420035   1 110.291 ? 50  LEU A CD1 1 
ATOM 390  C CD2 . LEU A 1 50  ? 5.1758670   10.4553153  1.9080455   1 116.543 ? 50  LEU A CD2 1 
ATOM 391  N N   . VAL A 1 51  ? 4.4626590   7.5965663   6.1709904   1 99.7357 ? 51  VAL A N   1 
ATOM 392  C CA  . VAL A 1 51  ? 5.5361590   7.1533191   7.0508180   1 97.1505 ? 51  VAL A CA  1 
ATOM 393  C C   . VAL A 1 51  ? 6.6320636   6.5962009   6.1610233   1 92.6663 ? 51  VAL A C   1 
ATOM 394  O O   . VAL A 1 51  ? 6.3410445   5.7106582   5.3671286   1 102.668 ? 51  VAL A O   1 
ATOM 395  C CB  . VAL A 1 51  ? 5.0562711   6.0795141   8.0504345   1 99.9956 ? 51  VAL A CB  1 
ATOM 396  C CG1 . VAL A 1 51  ? 6.2173200   5.4387532   8.8103890   1 104.119 ? 51  VAL A CG1 1 
ATOM 397  C CG2 . VAL A 1 51  ? 3.9873091   6.6116897   9.0021004   1 108.265 ? 51  VAL A CG2 1 
ATOM 398  N N   . ARG A 1 52  ? 7.8693121   7.0837636   6.2898039   1 98.37   ? 52  ARG A N   1 
ATOM 399  C CA  . ARG A 1 52  ? 8.9716100   6.5324493   5.5164925   1 96.703  ? 52  ARG A CA  1 
ATOM 400  C C   . ARG A 1 52  ? 9.7463482   5.5794889   6.4206208   1 98.9405 ? 52  ARG A C   1 
ATOM 401  O O   . ARG A 1 52  ? 9.9560647   5.8858709   7.5924885   1 108.205 ? 52  ARG A O   1 
ATOM 402  C CB  . ARG A 1 52  ? 9.8149718   7.6520981   4.8997852   1 104.807 ? 52  ARG A CB  1 
ATOM 403  C CG  . ARG A 1 52  ? 9.0859537   8.4218741   3.8030658   1 113.897 ? 52  ARG A CG  1 
ATOM 404  C CD  . ARG A 1 52  ? 9.9541183   9.3388739   2.9465635   1 127.31  ? 52  ARG A CD  1 
ATOM 405  N NE  . ARG A 1 52  ? 9.2118162   9.9915214   1.8575476   1 134.453 ? 52  ARG A NE  1 
ATOM 406  C CZ  . ARG A 1 52  ? 8.7047891   9.3811109   0.7703747   1 139.799 ? 52  ARG A CZ  1 
ATOM 407  N NH1 . ARG A 1 52  ? 8.8813243   8.0799785   0.5719230   1 133.904 ? 52  ARG A NH1 1 
ATOM 408  N NH2 . ARG A 1 52  ? 8.0516927   10.0862180  -0.1472491  1 134.302 ? 52  ARG A NH2 1 
ATOM 409  N N   . VAL A 1 53  ? 10.1201041  4.4106194   5.8931291   1 95.6968 ? 53  VAL A N   1 
ATOM 410  C CA  . VAL A 1 53  ? 10.8984025  3.4450097   6.6421555   1 98.3442 ? 53  VAL A CA  1 
ATOM 411  C C   . VAL A 1 53  ? 12.1318576  3.1214064   5.8204301   1 101.063 ? 53  VAL A C   1 
ATOM 412  O O   . VAL A 1 53  ? 12.0969575  3.2668968   4.6224500   1 101.695 ? 53  VAL A O   1 
ATOM 413  C CB  . VAL A 1 53  ? 10.1234830  2.1596561   7.0008885   1 99.0349 ? 53  VAL A CB  1 
ATOM 414  C CG1 . VAL A 1 53  ? 9.1025884   2.4079571   8.0909180   1 100.298 ? 53  VAL A CG1 1 
ATOM 415  C CG2 . VAL A 1 53  ? 9.5050064   1.4579451   5.8021679   1 99.1636 ? 53  VAL A CG2 1 
ATOM 416  N N   . PRO A 1 54  ? 13.2410967  2.6780475   6.4080122   1 106.895 ? 54  PRO A N   1 
ATOM 417  C CA  . PRO A 1 54  ? 14.4445107  2.4235001   5.6234094   1 111.869 ? 54  PRO A CA  1 
ATOM 418  C C   . PRO A 1 54  ? 14.3943165  1.3112048   4.5662586   1 113.535 ? 54  PRO A C   1 
ATOM 419  O O   . PRO A 1 54  ? 15.1450987  1.3935526   3.5939562   1 118.369 ? 54  PRO A O   1 
ATOM 420  C CB  . PRO A 1 54  ? 15.4206752  2.0343016   6.7293443   1 106.612 ? 54  PRO A CB  1 
ATOM 421  C CG  . PRO A 1 54  ? 14.5535117  1.4878052   7.8073827   1 104.915 ? 54  PRO A CG  1 
ATOM 422  C CD  . PRO A 1 54  ? 13.4886686  2.5239176   7.8429543   1 103.534 ? 54  PRO A CD  1 
ATOM 423  N N   . GLY A 1 55  ? 13.6120196  0.2391645   4.7957511   1 104.577 ? 55  GLY A N   1 
ATOM 424  C CA  . GLY A 1 55  ? 13.4868715  -0.8127176  3.7943723   1 106.843 ? 55  GLY A CA  1 
ATOM 425  C C   . GLY A 1 55  ? 12.1762009  -1.5901824  3.8794891   1 105.483 ? 55  GLY A C   1 
ATOM 426  O O   . GLY A 1 55  ? 11.3314304  -1.2996320  4.7197622   1 108.191 ? 55  GLY A O   1 
ATOM 427  N N   . SER A 1 56  ? 12.0011533  -2.5416236  2.9576591   1 105.81  ? 56  SER A N   1 
ATOM 428  C CA  . SER A 1 56  ? 10.7758870  -3.3184873  2.8930408   1 102.656 ? 56  SER A CA  1 
ATOM 429  C C   . SER A 1 56  ? 10.5871184  -4.1288392  4.1691104   1 107.806 ? 56  SER A C   1 
ATOM 430  O O   . SER A 1 56  ? 9.4565804   -4.2421864  4.6479972   1 110.506 ? 56  SER A O   1 
ATOM 431  C CB  . SER A 1 56  ? 10.7205760  -4.1877800  1.6777873   1 108.361 ? 56  SER A CB  1 
ATOM 432  O OG  . SER A 1 56  ? 10.4479937  -3.3953769  0.5320264   1 114.364 ? 56  SER A OG  1 
ATOM 433  N N   . TRP A 1 57  ? 11.6925248  -4.6432771  4.7294646   1 108.997 ? 57  TRP A N   1 
ATOM 434  C CA  . TRP A 1 57  ? 11.6621493  -5.3613578  5.9950612   1 106.163 ? 57  TRP A CA  1 
ATOM 435  C C   . TRP A 1 57  ? 10.9398352  -4.5773460  7.0858605   1 95.6166 ? 57  TRP A C   1 
ATOM 436  O O   . TRP A 1 57  ? 10.2021392  -5.1788133  7.8521685   1 101.798 ? 57  TRP A O   1 
ATOM 437  C CB  . TRP A 1 57  ? 13.0808393  -5.6801808  6.4629296   1 107.122 ? 57  TRP A CB  1 
ATOM 438  C CG  . TRP A 1 57  ? 13.0898885  -6.3966051  7.7773547   1 101.444 ? 57  TRP A CG  1 
ATOM 439  C CD1 . TRP A 1 57  ? 13.2799600  -5.8491471  9.0048265   1 98.1134 ? 57  TRP A CD1 1 
ATOM 440  C CD2 . TRP A 1 57  ? 12.9127986  -7.8104446  7.9717566   1 109.335 ? 57  TRP A CD2 1 
ATOM 441  N NE1 . TRP A 1 57  ? 13.2039672  -6.8244122  9.9595345   1 110.564 ? 57  TRP A NE1 1 
ATOM 442  C CE2 . TRP A 1 57  ? 12.9829368  -8.0341372  9.3617751   1 109.467 ? 57  TRP A CE2 1 
ATOM 443  C CE3 . TRP A 1 57  ? 12.7011052  -8.9001035  7.1139869   1 116.541 ? 57  TRP A CE3 1 
ATOM 444  C CZ2 . TRP A 1 57  ? 12.8566247  -9.3099018  9.9131190   1 117.945 ? 57  TRP A CZ2 1 
ATOM 445  C CZ3 . TRP A 1 57  ? 12.5777010  -10.1617285 7.6597059   1 114.96  ? 57  TRP A CZ3 1 
ATOM 446  C CH2 . TRP A 1 57  ? 12.6594513  -10.3605095 9.0387412   1 114.409 ? 57  TRP A CH2 1 
ATOM 447  N N   . GLU A 1 58  ? 11.1564988  -3.2631846  7.1390510   1 101.328 ? 58  GLU A N   1 
ATOM 448  C CA  . GLU A 1 58  ? 10.6154687  -2.4214214  8.1922839   1 104.479 ? 58  GLU A CA  1 
ATOM 449  C C   . GLU A 1 58  ? 9.1463155   -2.0396899  7.9450293   1 105.922 ? 58  GLU A C   1 
ATOM 450  O O   . GLU A 1 58  ? 8.5316640   -1.4843483  8.8552125   1 105.712 ? 58  GLU A O   1 
ATOM 451  C CB  . GLU A 1 58  ? 11.5111906  -1.1897097  8.3406902   1 99.4467 ? 58  GLU A CB  1 
ATOM 452  C CG  . GLU A 1 58  ? 12.8626231  -1.5041472  8.9509756   1 114.815 ? 58  GLU A CG  1 
ATOM 453  C CD  . GLU A 1 58  ? 13.9517403  -2.1021155  8.0643167   1 124.325 ? 58  GLU A CD  1 
ATOM 454  O OE1 . GLU A 1 58  ? 13.9740425  -1.7995256  6.8533899   1 118.017 ? 58  GLU A OE1 1 
ATOM 455  O OE2 . GLU A 1 58  ? 14.8341837  -2.8334269  8.6085693   1 123.177 ? 58  GLU A OE2 1 
ATOM 456  N N   . ILE A 1 59  ? 8.5700988   -2.3179947  6.7620931   1 99.8679 ? 59  ILE A N   1 
ATOM 457  C CA  . ILE A 1 59  ? 7.2280477   -1.8444834  6.4429749   1 101.301 ? 59  ILE A CA  1 
ATOM 458  C C   . ILE A 1 59  ? 6.2102734   -2.4479077  7.4268119   1 105.856 ? 59  ILE A C   1 
ATOM 459  O O   . ILE A 1 59  ? 5.3823178   -1.6794896  7.9023285   1 104.894 ? 59  ILE A O   1 
ATOM 460  C CB  . ILE A 1 59  ? 6.8536675   -2.0858921  4.9533792   1 103.99  ? 59  ILE A CB  1 
ATOM 461  C CG1 . ILE A 1 59  ? 7.6607898   -1.1886703  3.9996089   1 108.411 ? 59  ILE A CG1 1 
ATOM 462  C CG2 . ILE A 1 59  ? 5.3577083   -1.9300603  4.7175775   1 109.279 ? 59  ILE A CG2 1 
ATOM 463  C CD1 . ILE A 1 59  ? 7.6143818   -1.5832042  2.5271762   1 115.153 ? 59  ILE A CD1 1 
ATOM 464  N N   . PRO A 1 60  ? 6.1434115   -3.7773906  7.7390360   1 107.851 ? 60  PRO A N   1 
ATOM 465  C CA  . PRO A 1 60  ? 5.0687044   -4.2990149  8.5994131   1 104.797 ? 60  PRO A CA  1 
ATOM 466  C C   . PRO A 1 60  ? 5.0301049   -3.7548468  10.0261687  1 108.761 ? 60  PRO A C   1 
ATOM 467  O O   . PRO A 1 60  ? 3.9654352   -3.3225266  10.4487184  1 110.128 ? 60  PRO A O   1 
ATOM 468  C CB  . PRO A 1 60  ? 5.2677966   -5.8114426  8.5826672   1 100.238 ? 60  PRO A CB  1 
ATOM 469  C CG  . PRO A 1 60  ? 5.9555857   -6.0414710  7.2764353   1 104.547 ? 60  PRO A CG  1 
ATOM 470  C CD  . PRO A 1 60  ? 6.9369572   -4.8934590  7.1964509   1 107.751 ? 60  PRO A CD  1 
ATOM 471  N N   . VAL A 1 61  ? 6.1760539   -3.6268217  10.7149286  1 114.591 ? 61  VAL A N   1 
ATOM 472  C CA  . VAL A 1 61  ? 6.1662592   -3.0566102  12.0648948  1 114.102 ? 61  VAL A CA  1 
ATOM 473  C C   . VAL A 1 61  ? 5.7075219   -1.5853034  12.0388338  1 109.743 ? 61  VAL A C   1 
ATOM 474  O O   . VAL A 1 61  ? 5.0216863   -1.1808804  12.9770225  1 115.679 ? 61  VAL A O   1 
ATOM 475  C CB  . VAL A 1 61  ? 7.5109688   -3.2628791  12.8074822  1 112.247 ? 61  VAL A CB  1 
ATOM 476  C CG1 . VAL A 1 61  ? 8.5972231   -2.2766645  12.3956776  1 119.023 ? 61  VAL A CG1 1 
ATOM 477  C CG2 . VAL A 1 61  ? 7.3363613   -3.2564639  14.3270897  1 117.885 ? 61  VAL A CG2 1 
ATOM 478  N N   . ALA A 1 62  ? 6.0299791   -0.8028189  10.9871731  1 107.747 ? 62  ALA A N   1 
ATOM 479  C CA  . ALA A 1 62  ? 5.5102979   0.5595794   10.8610213  1 108.965 ? 62  ALA A CA  1 
ATOM 480  C C   . ALA A 1 62  ? 4.0336890   0.5615280   10.4841766  1 103.467 ? 62  ALA A C   1 
ATOM 481  O O   . ALA A 1 62  ? 3.3215185   1.4319147   10.9728313  1 114.111 ? 62  ALA A O   1 
ATOM 482  C CB  . ALA A 1 62  ? 6.2786805   1.3820934   9.8675567   1 101.951 ? 62  ALA A CB  1 
ATOM 483  N N   . ALA A 1 63  ? 3.5977393   -0.3620356  9.6102969   1 109.31  ? 63  ALA A N   1 
ATOM 484  C CA  . ALA A 1 63  ? 2.1957427   -0.4541038  9.2062581   1 112.568 ? 63  ALA A CA  1 
ATOM 485  C C   . ALA A 1 63  ? 1.3477628   -0.7806450  10.4187298  1 109.271 ? 63  ALA A C   1 
ATOM 486  O O   . ALA A 1 63  ? 0.2411668   -0.2737334  10.5143776  1 116.95  ? 63  ALA A O   1 
ATOM 487  C CB  . ALA A 1 63  ? 1.9790564   -1.4738682  8.1071609   1 110.616 ? 63  ALA A CB  1 
ATOM 488  N N   . GLY A 1 64  ? 1.8946931   -1.6195372  11.3051416  1 113.29  ? 64  GLY A N   1 
ATOM 489  C CA  . GLY A 1 64  ? 1.2728666   -1.9558636  12.5627394  1 116.988 ? 64  GLY A CA  1 
ATOM 490  C C   . GLY A 1 64  ? 1.0223021   -0.7395130  13.4446347  1 117.326 ? 64  GLY A C   1 
ATOM 491  O O   . GLY A 1 64  ? -0.0260932  -0.7106294  14.0726944  1 128.978 ? 64  GLY A O   1 
ATOM 492  N N   . GLU A 1 65  ? 1.9480052   0.2343947   13.4950746  1 114.892 ? 65  GLU A N   1 
ATOM 493  C CA  . GLU A 1 65  ? 1.7206455   1.4526964   14.2705473  1 120.18  ? 65  GLU A CA  1 
ATOM 494  C C   . GLU A 1 65  ? 0.6144250   2.3096346   13.6426586  1 123.658 ? 65  GLU A C   1 
ATOM 495  O O   . GLU A 1 65  ? -0.2724483  2.7526443   14.3796071  1 131.933 ? 65  GLU A O   1 
ATOM 496  C CB  . GLU A 1 65  ? 3.0106901   2.2567976   14.4686603  1 120.828 ? 65  GLU A CB  1 
ATOM 497  C CG  . GLU A 1 65  ? 4.0278735   1.6068424   15.4100120  1 134.537 ? 65  GLU A CG  1 
ATOM 498  C CD  . GLU A 1 65  ? 3.4812002   0.8983939   16.6557918  1 146.928 ? 65  GLU A CD  1 
ATOM 499  O OE1 . GLU A 1 65  ? 2.7185167   1.5401167   17.4313722  1 141.38  ? 65  GLU A OE1 1 
ATOM 500  O OE2 . GLU A 1 65  ? 3.7914504   -0.3118717  16.8472102  1 141.92  ? 65  GLU A OE2 1 
ATOM 501  N N   . LEU A 1 66  ? 0.6511838   2.5208533   12.3141997  1 121.147 ? 66  LEU A N   1 
ATOM 502  C CA  . LEU A 1 66  ? -0.3912618  3.2627880   11.6152304  1 119.807 ? 66  LEU A CA  1 
ATOM 503  C C   . LEU A 1 66  ? -1.7541474  2.5822475   11.6979413  1 116.724 ? 66  LEU A C   1 
ATOM 504  O O   . LEU A 1 66  ? -2.7399406  3.2877713   11.8240680  1 125.467 ? 66  LEU A O   1 
ATOM 505  C CB  . LEU A 1 66  ? -0.0590423  3.4347737   10.1250372  1 116.161 ? 66  LEU A CB  1 
ATOM 506  C CG  . LEU A 1 66  ? 0.7306203   4.6729227   9.6966288   1 117.426 ? 66  LEU A CG  1 
ATOM 507  C CD1 . LEU A 1 66  ? 0.8520823   4.7083251   8.1758990   1 119.378 ? 66  LEU A CD1 1 
ATOM 508  C CD2 . LEU A 1 66  ? 0.1156392   5.9928199   10.1977575  1 123.8   ? 66  LEU A CD2 1 
ATOM 509  N N   . ALA A 1 67  ? -1.8273559  1.2632230   11.5040887  1 120.074 ? 67  ALA A N   1 
ATOM 510  C CA  . ALA A 1 67  ? -3.1150299  0.5823912   11.4514397  1 123.916 ? 67  ALA A CA  1 
ATOM 511  C C   . ALA A 1 67  ? -3.7776815  0.5740417   12.8359004  1 129.018 ? 67  ALA A C   1 
ATOM 512  O O   . ALA A 1 67  ? -5.0047573  0.4881449   12.9060807  1 129.304 ? 67  ALA A O   1 
ATOM 513  C CB  . ALA A 1 67  ? -2.9659586  -0.8169331  10.8823885  1 121.647 ? 67  ALA A CB  1 
ATOM 514  N N   . ARG A 1 68  ? -2.9937399  0.7070267   13.9241781  1 128.991 ? 68  ARG A N   1 
ATOM 515  C CA  . ARG A 1 68  ? -3.5538465  0.7951729   15.2709418  1 132.301 ? 68  ARG A CA  1 
ATOM 516  C C   . ARG A 1 68  ? -4.1894884  2.1596854   15.5698443  1 136.58  ? 68  ARG A C   1 
ATOM 517  O O   . ARG A 1 68  ? -4.9800658  2.2363621   16.5116751  1 142.196 ? 68  ARG A O   1 
ATOM 518  C CB  . ARG A 1 68  ? -2.4894492  0.4150807   16.3066064  1 130.351 ? 68  ARG A CB  1 
ATOM 519  C CG  . ARG A 1 68  ? -2.2910600  -1.0918770  16.3877578  1 131.96  ? 68  ARG A CG  1 
ATOM 520  C CD  . ARG A 1 68  ? -1.3181890  -1.5456075  17.4338617  1 134.748 ? 68  ARG A CD  1 
ATOM 521  N NE  . ARG A 1 68  ? -1.2525802  -2.9980097  17.4854545  1 132.973 ? 68  ARG A NE  1 
ATOM 522  C CZ  . ARG A 1 68  ? -0.4814185  -3.7733888  16.7239488  1 133.688 ? 68  ARG A CZ  1 
ATOM 523  N NH1 . ARG A 1 68  ? 0.3227406   -3.2676925  15.8103003  1 133.495 ? 68  ARG A NH1 1 
ATOM 524  N NH2 . ARG A 1 68  ? -0.4854725  -5.0833444  16.8960695  1 139.501 ? 68  ARG A NH2 1 
ATOM 525  N N   . LYS A 1 69  ? -3.8802491  3.2066236   14.7837373  1 137.171 ? 69  LYS A N   1 
ATOM 526  C CA  . LYS A 1 69  ? -4.5421215  4.5038066   14.8854963  1 140.142 ? 69  LYS A CA  1 
ATOM 527  C C   . LYS A 1 69  ? -6.0224887  4.4128399   14.4933728  1 143.159 ? 69  LYS A C   1 
ATOM 528  O O   . LYS A 1 69  ? -6.3476494  3.9594596   13.3906308  1 136.37  ? 69  LYS A O   1 
ATOM 529  C CB  . LYS A 1 69  ? -3.8409922  5.5479606   14.0079537  1 137.519 ? 69  LYS A CB  1 
ATOM 530  C CG  . LYS A 1 69  ? -2.4955367  6.0202308   14.5322886  1 138.204 ? 69  LYS A CG  1 
ATOM 531  C CD  . LYS A 1 69  ? -1.6696427  6.8522390   13.5671533  1 139.898 ? 69  LYS A CD  1 
ATOM 532  C CE  . LYS A 1 69  ? -0.6310477  7.7297813   14.2581816  1 144.395 ? 69  LYS A CE  1 
ATOM 533  N NZ  . LYS A 1 69  ? 0.2873121   7.0136935   15.1943270  1 140.819 ? 69  LYS A NZ  1 
ATOM 534  N N   . GLU A 1 70  ? -6.8918027  4.9075163   15.4051322  1 151.414 ? 70  GLU A N   1 
ATOM 535  C CA  . GLU A 1 70  ? -8.3492775  4.9191087   15.2712919  1 155.114 ? 70  GLU A CA  1 
ATOM 536  C C   . GLU A 1 70  ? -8.7686528  5.7153192   14.0318197  1 151.695 ? 70  GLU A C   1 
ATOM 537  O O   . GLU A 1 70  ? -9.7376446  5.3353572   13.3706898  1 152.224 ? 70  GLU A O   1 
ATOM 538  C CB  . GLU A 1 70  ? -8.9736304  5.4840703   16.5587410  1 159.827 ? 70  GLU A CB  1 
ATOM 539  C CG  . GLU A 1 70  ? -10.5082519 5.5723595   16.6014914  1 166.709 ? 70  GLU A CG  1 
ATOM 540  C CD  . GLU A 1 70  ? -11.1930598 6.6965202   15.8222435  1 172.021 ? 70  GLU A CD  1 
ATOM 541  O OE1 . GLU A 1 70  ? -10.6607110 7.8410469   15.7924096  1 168.378 ? 70  GLU A OE1 1 
ATOM 542  O OE2 . GLU A 1 70  ? -12.2842428 6.4361162   15.2554461  1 174.728 ? 70  GLU A OE2 1 
ATOM 543  N N   . ASP A 1 71  ? -8.0254914  6.7915460   13.7217409  1 149.735 ? 71  ASP A N   1 
ATOM 544  C CA  . ASP A 1 71  ? -8.3590351  7.7158767   12.6469019  1 151.653 ? 71  ASP A CA  1 
ATOM 545  C C   . ASP A 1 71  ? -7.6921037  7.3453859   11.3106654  1 144.523 ? 71  ASP A C   1 
ATOM 546  O O   . ASP A 1 71  ? -7.6330037  8.2096862   10.4380043  1 145.835 ? 71  ASP A O   1 
ATOM 547  C CB  . ASP A 1 71  ? -8.0130197  9.1474433   13.0891810  1 157.072 ? 71  ASP A CB  1 
ATOM 548  C CG  . ASP A 1 71  ? -6.5465100  9.3968014   13.4301403  1 161.706 ? 71  ASP A CG  1 
ATOM 549  O OD1 . ASP A 1 71  ? -5.7925422  8.4101314   13.6063454  1 155.836 ? 71  ASP A OD1 1 
ATOM 550  O OD2 . ASP A 1 71  ? -6.1663369  10.5848827  13.5390392  1 169.745 ? 71  ASP A OD2 1 
ATOM 551  N N   . ILE A 1 72  ? -7.2152462  6.0984826   11.1153555  1 134.936 ? 72  ILE A N   1 
ATOM 552  C CA  . ILE A 1 72  ? -6.7299777  5.6302461   9.8207726   1 124.836 ? 72  ILE A CA  1 
ATOM 553  C C   . ILE A 1 72  ? -7.7142200  4.5689226   9.3044156   1 125.965 ? 72  ILE A C   1 
ATOM 554  O O   . ILE A 1 72  ? -7.8904039  3.5351241   9.9536911   1 126.097 ? 72  ILE A O   1 
ATOM 555  C CB  . ILE A 1 72  ? -5.2719233  5.1126040   9.9342081   1 121.207 ? 72  ILE A CB  1 
ATOM 556  C CG1 . ILE A 1 72  ? -4.2396027  6.1891969   10.3325872  1 121.163 ? 72  ILE A CG1 1 
ATOM 557  C CG2 . ILE A 1 72  ? -4.8487050  4.3311126   8.6868765   1 121.588 ? 72  ILE A CG2 1 
ATOM 558  C CD1 . ILE A 1 72  ? -3.7866933  7.1731637   9.2605357   1 126.908 ? 72  ILE A CD1 1 
ATOM 559  N N   . ASP A 1 73  ? -8.2825529  4.7893351   8.1032549   1 120.753 ? 73  ASP A N   1 
ATOM 560  C CA  . ASP A 1 73  ? -9.2965835  3.9090391   7.5382187   1 118.194 ? 73  ASP A CA  1 
ATOM 561  C C   . ASP A 1 73  ? -8.6651855  2.7361259   6.7955754   1 120.076 ? 73  ASP A C   1 
ATOM 562  O O   . ASP A 1 73  ? -9.2278583  1.6348783   6.8306724   1 116.355 ? 73  ASP A O   1 
ATOM 563  C CB  . ASP A 1 73  ? -10.2730576 4.6782376   6.6466760   1 123.685 ? 73  ASP A CB  1 
ATOM 564  C CG  . ASP A 1 73  ? -11.0922679 5.6947205   7.4339000   1 140.984 ? 73  ASP A CG  1 
ATOM 565  O OD1 . ASP A 1 73  ? -11.6772951 5.3122200   8.4859701   1 140.881 ? 73  ASP A OD1 1 
ATOM 566  O OD2 . ASP A 1 73  ? -11.1161955 6.8860068   7.0214959   1 141.718 ? 73  ASP A OD2 1 
ATOM 567  N N   . ALA A 1 74  ? -7.5479400  2.9819212   6.0885617   1 116.926 ? 74  ALA A N   1 
ATOM 568  C CA  . ALA A 1 74  ? -6.7853742  1.9244615   5.4447943   1 107.343 ? 74  ALA A CA  1 
ATOM 569  C C   . ALA A 1 74  ? -5.3221673  2.3102090   5.3910384   1 103.161 ? 74  ALA A C   1 
ATOM 570  O O   . ALA A 1 74  ? -5.0230224  3.5005983   5.3893630   1 110.424 ? 74  ALA A O   1 
ATOM 571  C CB  . ALA A 1 74  ? -7.3047552  1.6867469   4.0550893   1 111.952 ? 74  ALA A CB  1 
ATOM 572  N N   . VAL A 1 75  ? -4.4477957  1.2987593   5.2696370   1 106.253 ? 75  VAL A N   1 
ATOM 573  C CA  . VAL A 1 75  ? -3.0143148  1.5041789   5.1354270   1 105.984 ? 75  VAL A CA  1 
ATOM 574  C C   . VAL A 1 75  ? -2.5712488  0.9676360   3.7731056   1 102.174 ? 75  VAL A C   1 
ATOM 575  O O   . VAL A 1 75  ? -2.9934391  -0.1131309  3.3851824   1 109.192 ? 75  VAL A O   1 
ATOM 576  C CB  . VAL A 1 75  ? -2.2550986  0.8612313   6.3105410   1 102.697 ? 75  VAL A CB  1 
ATOM 577  C CG1 . VAL A 1 75  ? -0.7372671  0.8908424   6.1131104   1 107.081 ? 75  VAL A CG1 1 
ATOM 578  C CG2 . VAL A 1 75  ? -2.6557776  1.4890993   7.6490392   1 111.282 ? 75  VAL A CG2 1 
ATOM 579  N N   . ILE A 1 76  ? -1.7074509  1.7145390   3.0715564   1 97.8486 ? 76  ILE A N   1 
ATOM 580  C CA  . ILE A 1 76  ? -1.1829744  1.3328536   1.7711612   1 94.6398 ? 76  ILE A CA  1 
ATOM 581  C C   . ILE A 1 76  ? 0.3044856   1.0840631   1.9683360   1 92.7457 ? 76  ILE A C   1 
ATOM 582  O O   . ILE A 1 76  ? 1.0267696   2.0260183   2.2680443   1 101.831 ? 76  ILE A O   1 
ATOM 583  C CB  . ILE A 1 76  ? -1.4650941  2.4420409   0.7288645   1 98.4244 ? 76  ILE A CB  1 
ATOM 584  C CG1 . ILE A 1 76  ? -2.9573053  2.7851655   0.6184993   1 102.215 ? 76  ILE A CG1 1 
ATOM 585  C CG2 . ILE A 1 76  ? -0.8846776  2.0929632   -0.6366965  1 101.762 ? 76  ILE A CG2 1 
ATOM 586  C CD1 . ILE A 1 76  ? -3.2451064  4.1950998   0.1855466   1 108.784 ? 76  ILE A CD1 1 
ATOM 587  N N   . ALA A 1 77  ? 0.7805376   -0.1466346  1.7836071   1 94.3063 ? 77  ALA A N   1 
ATOM 588  C CA  . ALA A 1 77  ? 2.1727027   -0.4702267  2.0735682   1 93.8912 ? 77  ALA A CA  1 
ATOM 589  C C   . ALA A 1 77  ? 2.9049149   -0.5652446  0.7442753   1 92.9558 ? 77  ALA A C   1 
ATOM 590  O O   . ALA A 1 77  ? 2.4665318   -1.2891285  -0.1372713  1 102.289 ? 77  ALA A O   1 
ATOM 591  C CB  . ALA A 1 77  ? 2.2839519   -1.7324488  2.8757761   1 94.7164 ? 77  ALA A CB  1 
ATOM 592  N N   . ILE A 1 78  ? 3.9951139   0.1923561   0.6060795   1 96.4197 ? 78  ILE A N   1 
ATOM 593  C CA  . ILE A 1 78  ? 4.6004258   0.4425392   -0.6818418  1 92.2299 ? 78  ILE A CA  1 
ATOM 594  C C   . ILE A 1 78  ? 6.0870571   0.1354690   -0.5782834  1 98.1923 ? 78  ILE A C   1 
ATOM 595  O O   . ILE A 1 78  ? 6.7675419   0.6672008   0.3028445   1 102.43  ? 78  ILE A O   1 
ATOM 596  C CB  . ILE A 1 78  ? 4.3141580   1.8890706   -1.1437741  1 96.636  ? 78  ILE A CB  1 
ATOM 597  C CG1 . ILE A 1 78  ? 2.8534888   2.0369060   -1.5828238  1 95.7063 ? 78  ILE A CG1 1 
ATOM 598  C CG2 . ILE A 1 78  ? 5.2920543   2.3261205   -2.2458382  1 104.206 ? 78  ILE A CG2 1 
ATOM 599  C CD1 . ILE A 1 78  ? 2.4345660   3.4115894   -2.0324254  1 104.898 ? 78  ILE A CD1 1 
ATOM 600  N N   . GLY A 1 79  ? 6.5944870   -0.6433067  -1.5384901  1 97.7036 ? 79  GLY A N   1 
ATOM 601  C CA  . GLY A 1 79  ? 8.0258584   -0.8007424  -1.6924955  1 101.919 ? 79  GLY A CA  1 
ATOM 602  C C   . GLY A 1 79  ? 8.4168811   -1.4636938  -3.0058955  1 92.1263 ? 79  GLY A C   1 
ATOM 603  O O   . GLY A 1 79  ? 7.5750677   -1.7925150  -3.8323218  1 88.406  ? 79  GLY A O   1 
ATOM 604  N N   . VAL A 1 80  ? 9.7249244   -1.6293334  -3.1763604  1 94.1451 ? 80  VAL A N   1 
ATOM 605  C CA  . VAL A 1 80  ? 10.2702820  -2.2543629  -4.3571846  1 96.2932 ? 80  VAL A CA  1 
ATOM 606  C C   . VAL A 1 80  ? 11.3483321  -3.2194001  -3.8824054  1 97.5562 ? 80  VAL A C   1 
ATOM 607  O O   . VAL A 1 80  ? 12.3475036  -2.7737982  -3.3242821  1 110.159 ? 80  VAL A O   1 
ATOM 608  C CB  . VAL A 1 80  ? 10.8290616  -1.2241157  -5.3655529  1 99.0335 ? 80  VAL A CB  1 
ATOM 609  C CG1 . VAL A 1 80  ? 11.4613749  -1.9483272  -6.5417148  1 103.832 ? 80  VAL A CG1 1 
ATOM 610  C CG2 . VAL A 1 80  ? 9.8105877   -0.1936373  -5.8670088  1 98.6231 ? 80  VAL A CG2 1 
ATOM 611  N N   . LEU A 1 81  ? 11.1423731  -4.5148138  -4.1277507  1 101.53  ? 81  LEU A N   1 
ATOM 612  C CA  . LEU A 1 81  ? 12.1537563  -5.5487822  -3.9672763  1 103.005 ? 81  LEU A CA  1 
ATOM 613  C C   . LEU A 1 81  ? 12.5909825  -6.0389931  -5.3450613  1 102.186 ? 81  LEU A C   1 
ATOM 614  O O   . LEU A 1 81  ? 11.7430021  -6.3422846  -6.1740441  1 106.287 ? 81  LEU A O   1 
ATOM 615  C CB  . LEU A 1 81  ? 11.5339454  -6.6886880  -3.1520125  1 108.616 ? 81  LEU A CB  1 
ATOM 616  C CG  . LEU A 1 81  ? 11.3198581  -6.4041088  -1.6616790  1 107.302 ? 81  LEU A CG  1 
ATOM 617  C CD1 . LEU A 1 81  ? 10.2685471  -7.3296443  -1.0754415  1 112.059 ? 81  LEU A CD1 1 
ATOM 618  C CD2 . LEU A 1 81  ? 12.6371413  -6.5183945  -0.8795676  1 115.388 ? 81  LEU A CD2 1 
ATOM 619  N N   . ILE A 1 82  ? 13.9010585  -6.0676485  -5.6146913  1 103.621 ? 82  ILE A N   1 
ATOM 620  C CA  . ILE A 1 82  ? 14.4203036  -6.5080173  -6.9001819  1 101.944 ? 82  ILE A CA  1 
ATOM 621  C C   . ILE A 1 82  ? 15.3682039  -7.6603891  -6.5934285  1 106.946 ? 82  ILE A C   1 
ATOM 622  O O   . ILE A 1 82  ? 16.2768956  -7.5017229  -5.7728727  1 113.405 ? 82  ILE A O   1 
ATOM 623  C CB  . ILE A 1 82  ? 15.0996419  -5.3598371  -7.6857501  1 99.0271 ? 82  ILE A CB  1 
ATOM 624  C CG1 . ILE A 1 82  ? 14.1566711  -4.1704802  -7.9080169  1 94.5991 ? 82  ILE A CG1 1 
ATOM 625  C CG2 . ILE A 1 82  ? 15.7135990  -5.8624058  -9.0004908  1 106.361 ? 82  ILE A CG2 1 
ATOM 626  C CD1 . ILE A 1 82  ? 14.8096759  -2.9198506  -8.4897493  1 110.641 ? 82  ILE A CD1 1 
ATOM 627  N N   . ARG A 1 83  ? 15.1864096  -8.7946221  -7.2746728  1 105.275 ? 83  ARG A N   1 
ATOM 628  C CA  . ARG A 1 83  ? 15.9885964  -9.9640504  -6.9716002  1 107.696 ? 83  ARG A CA  1 
ATOM 629  C C   . ARG A 1 83  ? 17.4445176  -9.6530977  -7.3116177  1 114.117 ? 83  ARG A C   1 
ATOM 630  O O   . ARG A 1 83  ? 17.7115902  -9.0472320  -8.3459633  1 118.074 ? 83  ARG A O   1 
ATOM 631  C CB  . ARG A 1 83  ? 15.4483690  -11.1786261 -7.7167614  1 113.011 ? 83  ARG A CB  1 
ATOM 632  C CG  . ARG A 1 83  ? 16.1479486  -12.4851261 -7.3787728  1 123.939 ? 83  ARG A CG  1 
ATOM 633  C CD  . ARG A 1 83  ? 15.7357698  -13.6066832 -8.3062926  1 128.566 ? 83  ARG A CD  1 
ATOM 634  N NE  . ARG A 1 83  ? 14.3156272  -13.9156671 -8.2277576  1 128.109 ? 83  ARG A NE  1 
ATOM 635  C CZ  . ARG A 1 83  ? 13.7120904  -14.5344388 -7.2123866  1 134.046 ? 83  ARG A CZ  1 
ATOM 636  N NH1 . ARG A 1 83  ? 14.3914446  -14.9436954 -6.1475502  1 126.446 ? 83  ARG A NH1 1 
ATOM 637  N NH2 . ARG A 1 83  ? 12.4107373  -14.7742985 -7.2912008  1 137.051 ? 83  ARG A NH2 1 
ATOM 638  N N   . GLY A 1 84  ? 18.3577325  -10.0286749 -6.4046263  1 113.817 ? 84  GLY A N   1 
ATOM 639  C CA  . GLY A 1 84  ? 19.7874199  -9.8548365  -6.6013260  1 119.341 ? 84  GLY A CA  1 
ATOM 640  C C   . GLY A 1 84  ? 20.4892157  -11.1962791 -6.7998682  1 121.29  ? 84  GLY A C   1 
ATOM 641  O O   . GLY A 1 84  ? 19.8645711  -12.1618238 -7.2584266  1 122.554 ? 84  GLY A O   1 
ATOM 642  N N   . ALA A 1 85  ? 21.7718417  -11.2429079 -6.3935401  1 119.032 ? 85  ALA A N   1 
ATOM 643  C CA  . ALA A 1 85  ? 22.6214621  -12.4194606 -6.5398348  1 118.807 ? 85  ALA A CA  1 
ATOM 644  C C   . ALA A 1 85  ? 22.3105369  -13.5010713 -5.5075832  1 110.12  ? 85  ALA A C   1 
ATOM 645  O O   . ALA A 1 85  ? 22.4796996  -14.6712866 -5.8383476  1 124.995 ? 85  ALA A O   1 
ATOM 646  C CB  . ALA A 1 85  ? 24.0814178  -12.0391031 -6.4438259  1 129.313 ? 85  ALA A CB  1 
ATOM 647  N N   . THR A 1 86  ? 21.9009711  -13.1311630 -4.2848083  1 115.185 ? 86  THR A N   1 
ATOM 648  C CA  . THR A 1 86  ? 21.7911930  -14.0714738 -3.1704938  1 120.473 ? 86  THR A CA  1 
ATOM 649  C C   . THR A 1 86  ? 20.3241831  -14.4604488 -2.9607219  1 119.556 ? 86  THR A C   1 
ATOM 650  O O   . THR A 1 86  ? 19.4495238  -13.7953949 -3.5194456  1 126.789 ? 86  THR A O   1 
ATOM 651  C CB  . THR A 1 86  ? 22.3638949  -13.5101439 -1.8513856  1 125.818 ? 86  THR A CB  1 
ATOM 652  O OG1 . THR A 1 86  ? 21.3956556  -12.6210296 -1.2783671  1 121.466 ? 86  THR A OG1 1 
ATOM 653  C CG2 . THR A 1 86  ? 23.7379299  -12.8727621 -1.9749488  1 123.794 ? 86  THR A CG2 1 
ATOM 654  N N   . PRO A 1 87  ? 19.9726777  -15.5079917 -2.1665276  1 118.592 ? 87  PRO A N   1 
ATOM 655  C CA  . PRO A 1 87  ? 18.5703737  -15.7395175 -1.7914404  1 123.548 ? 87  PRO A CA  1 
ATOM 656  C C   . PRO A 1 87  ? 17.8817785  -14.7403520 -0.8513749  1 116.682 ? 87  PRO A C   1 
ATOM 657  O O   . PRO A 1 87  ? 16.6933833  -14.9105457 -0.5794339  1 120.572 ? 87  PRO A O   1 
ATOM 658  C CB  . PRO A 1 87  ? 18.5656518  -17.1525268 -1.1627055  1 122.161 ? 87  PRO A CB  1 
ATOM 659  C CG  . PRO A 1 87  ? 19.9845469  -17.4499134 -0.8313345  1 122.118 ? 87  PRO A CG  1 
ATOM 660  C CD  . PRO A 1 87  ? 20.7996444  -16.6778889 -1.8345241  1 122.521 ? 87  PRO A CD  1 
ATOM 661  N N   . HIS A 1 88  ? 18.5614974  -13.6731083 -0.4249537  1 110.491 ? 88  HIS A N   1 
ATOM 662  C CA  . HIS A 1 88  ? 17.9660953  -12.6327964 0.4080085   1 109.372 ? 88  HIS A CA  1 
ATOM 663  C C   . HIS A 1 88  ? 16.5768994  -12.1706383 -0.0399336  1 106.982 ? 88  HIS A C   1 
ATOM 664  O O   . HIS A 1 88  ? 15.7042304  -12.0483589 0.8121761   1 112.871 ? 88  HIS A O   1 
ATOM 665  C CB  . HIS A 1 88  ? 18.9411202  -11.4616902 0.4618102   1 117.313 ? 88  HIS A CB  1 
ATOM 666  C CG  . HIS A 1 88  ? 18.4809235  -10.2569441 1.1571737   1 115.814 ? 88  HIS A CG  1 
ATOM 667  N ND1 . HIS A 1 88  ? 18.5402445  -10.1057300 2.5223183   1 124.744 ? 88  HIS A ND1 1 
ATOM 668  C CD2 . HIS A 1 88  ? 18.0761584  -9.1017422  0.6483346   1 117.951 ? 88  HIS A CD2 1 
ATOM 669  C CE1 . HIS A 1 88  ? 18.1431707  -8.8788962  2.8164131   1 131.776 ? 88  HIS A CE1 1 
ATOM 670  N NE2 . HIS A 1 88  ? 17.8441201  -8.2548748  1.6912683   1 125.173 ? 88  HIS A NE2 1 
ATOM 671  N N   . PHE A 1 89  ? 16.3856947  -11.8806874 -1.3405290  1 112.53  ? 89  PHE A N   1 
ATOM 672  C CA  . PHE A 1 89  ? 15.1093835  -11.4148180 -1.8805959  1 108.339 ? 89  PHE A CA  1 
ATOM 673  C C   . PHE A 1 89  ? 13.9673174  -12.3286586 -1.4735590  1 106.132 ? 89  PHE A C   1 
ATOM 674  O O   . PHE A 1 89  ? 12.9318858  -11.8183924 -1.0504067  1 113.644 ? 89  PHE A O   1 
ATOM 675  C CB  . PHE A 1 89  ? 15.1333648  -11.3614864 -3.4067540  1 113.981 ? 89  PHE A CB  1 
ATOM 676  C CG  . PHE A 1 89  ? 13.8084251  -11.1606128 -4.1007515  1 109.685 ? 89  PHE A CG  1 
ATOM 677  C CD1 . PHE A 1 89  ? 13.4552541  -9.9040776  -4.5763011  1 111.751 ? 89  PHE A CD1 1 
ATOM 678  C CD2 . PHE A 1 89  ? 12.9493207  -12.2305001 -4.3616027  1 114.349 ? 89  PHE A CD2 1 
ATOM 679  C CE1 . PHE A 1 89  ? 12.2778959  -9.7239873  -5.2861571  1 114.882 ? 89  PHE A CE1 1 
ATOM 680  C CE2 . PHE A 1 89  ? 11.7481619  -12.0318993 -5.0209052  1 109.047 ? 89  PHE A CE2 1 
ATOM 681  C CZ  . PHE A 1 89  ? 11.4264145  -10.7822420 -5.4909906  1 111.113 ? 89  PHE A CZ  1 
ATOM 682  N N   . ASP A 1 90  ? 14.1630231  -13.6484890 -1.6255779  1 107.752 ? 90  ASP A N   1 
ATOM 683  C CA  . ASP A 1 90  ? 13.1405303  -14.6195878 -1.2816565  1 113.393 ? 90  ASP A CA  1 
ATOM 684  C C   . ASP A 1 90  ? 12.6665975  -14.4135586 0.1570529   1 113.131 ? 90  ASP A C   1 
ATOM 685  O O   . ASP A 1 90  ? 11.4597580  -14.3519541 0.3635549   1 112.212 ? 90  ASP A O   1 
ATOM 686  C CB  . ASP A 1 90  ? 13.6209178  -16.0560328 -1.5175343  1 123.649 ? 90  ASP A CB  1 
ATOM 687  C CG  . ASP A 1 90  ? 13.9093563  -16.3824936 -2.9808709  1 136.702 ? 90  ASP A CG  1 
ATOM 688  O OD1 . ASP A 1 90  ? 14.9534354  -17.0346709 -3.2471882  1 137.23  ? 90  ASP A OD1 1 
ATOM 689  O OD2 . ASP A 1 90  ? 13.0915213  -15.9804059 -3.8645088  1 132.723 ? 90  ASP A OD2 1 
ATOM 690  N N   . TYR A 1 91  ? 13.6009040  -14.2510215 1.1115699   1 108.508 ? 91  TYR A N   1 
ATOM 691  C CA  . TYR A 1 91  ? 13.2600396  -14.1630136 2.5198468   1 103.519 ? 91  TYR A CA  1 
ATOM 692  C C   . TYR A 1 91  ? 12.5747746  -12.8321334 2.8372846   1 104.865 ? 91  TYR A C   1 
ATOM 693  O O   . TYR A 1 91  ? 11.6234263  -12.8530855 3.6080394   1 114.344 ? 91  TYR A O   1 
ATOM 694  C CB  . TYR A 1 91  ? 14.4854012  -14.5020395 3.3796057   1 108.392 ? 91  TYR A CB  1 
ATOM 695  C CG  . TYR A 1 91  ? 15.0249803  -15.8914810 3.0650775   1 113.012 ? 91  TYR A CG  1 
ATOM 696  C CD1 . TYR A 1 91  ? 14.2441015  -17.0366221 3.2488024   1 118.772 ? 91  TYR A CD1 1 
ATOM 697  C CD2 . TYR A 1 91  ? 16.2909700  -16.0597217 2.5154942   1 117.715 ? 91  TYR A CD2 1 
ATOM 698  C CE1 . TYR A 1 91  ? 14.7099737  -18.2994738 2.9218964   1 114.034 ? 91  TYR A CE1 1 
ATOM 699  C CE2 . TYR A 1 91  ? 16.7695151  -17.3187698 2.1885387   1 119.864 ? 91  TYR A CE2 1 
ATOM 700  C CZ  . TYR A 1 91  ? 15.9723075  -18.4372963 2.3799012   1 118.26  ? 91  TYR A CZ  1 
ATOM 701  O OH  . TYR A 1 91  ? 16.4399209  -19.6881517 2.0866562   1 123.674 ? 91  TYR A OH  1 
ATOM 702  N N   . ILE A 1 92  ? 13.0153844  -11.7020895 2.2781968   1 100.875 ? 92  ILE A N   1 
ATOM 703  C CA  . ILE A 1 92  ? 12.3621053  -10.4265539 2.5492871   1 102.447 ? 92  ILE A CA  1 
ATOM 704  C C   . ILE A 1 92  ? 10.9501143  -10.4516651 1.9554008   1 107.084 ? 92  ILE A C   1 
ATOM 705  O O   . ILE A 1 92  ? 10.0053060  -10.0278702 2.6207288   1 102.867 ? 92  ILE A O   1 
ATOM 706  C CB  . ILE A 1 92  ? 13.1551701  -9.1951946  2.0251304   1 109.311 ? 92  ILE A CB  1 
ATOM 707  C CG1 . ILE A 1 92  ? 14.6230807  -9.1505046  2.4989299   1 111.003 ? 92  ILE A CG1 1 
ATOM 708  C CG2 . ILE A 1 92  ? 12.4008827  -7.8826033  2.3274369   1 107.064 ? 92  ILE A CG2 1 
ATOM 709  C CD1 . ILE A 1 92  ? 14.8571810  -9.2688886  4.0238518   1 123.28  ? 92  ILE A CD1 1 
ATOM 710  N N   . ALA A 1 93  ? 10.7951814  -10.8980389 0.7028857   1 99.8783 ? 93  ALA A N   1 
ATOM 711  C CA  . ALA A 1 93  ? 9.4764121   -10.8552215 0.0957323   1 98.839  ? 93  ALA A CA  1 
ATOM 712  C C   . ALA A 1 93  ? 8.5127121   -11.7836463 0.8487221   1 105.426 ? 93  ALA A C   1 
ATOM 713  O O   . ALA A 1 93  ? 7.3779267   -11.3834726 1.1163348   1 106.782 ? 93  ALA A O   1 
ATOM 714  C CB  . ALA A 1 93  ? 9.5751898   -11.1482833 -1.3722891  1 103.836 ? 93  ALA A CB  1 
ATOM 715  N N   . SER A 1 94  ? 8.9833162   -12.9722195 1.2622720   1 108.022 ? 94  SER A N   1 
ATOM 716  C CA  . SER A 1 94  ? 8.1984728   -13.8747587 2.0977407   1 106.043 ? 94  SER A CA  1 
ATOM 717  C C   . SER A 1 94  ? 7.7353144   -13.2051021 3.3949458   1 108.808 ? 94  SER A C   1 
ATOM 718  O O   . SER A 1 94  ? 6.5459183   -13.2926122 3.7039255   1 117.066 ? 94  SER A O   1 
ATOM 719  C CB  . SER A 1 94  ? 8.9505499   -15.1351256 2.4028328   1 113.918 ? 94  SER A CB  1 
ATOM 720  O OG  . SER A 1 94  ? 8.3494921   -15.8415893 3.4777817   1 122.609 ? 94  SER A OG  1 
ATOM 721  N N   . GLU A 1 95  ? 8.6275421   -12.5247846 4.1249158   1 105.044 ? 95  GLU A N   1 
ATOM 722  C CA  . GLU A 1 95  ? 8.2696869   -12.0016199 5.4347155   1 102.423 ? 95  GLU A CA  1 
ATOM 723  C C   . GLU A 1 95  ? 7.4145863   -10.7468486 5.3732526   1 104.502 ? 95  GLU A C   1 
ATOM 724  O O   . GLU A 1 95  ? 6.5688854   -10.6007210 6.2542013   1 110.285 ? 95  GLU A O   1 
ATOM 725  C CB  . GLU A 1 95  ? 9.5115588   -11.7448900 6.2884206   1 112.334 ? 95  GLU A CB  1 
ATOM 726  C CG  . GLU A 1 95  ? 10.1768380  -13.0317813 6.7524018   1 119.278 ? 95  GLU A CG  1 
ATOM 727  C CD  . GLU A 1 95  ? 9.2134998   -14.1261079 7.1938412   1 127.018 ? 95  GLU A CD  1 
ATOM 728  O OE1 . GLU A 1 95  ? 8.3584323   -13.8176095 8.0419154   1 123.158 ? 95  GLU A OE1 1 
ATOM 729  O OE2 . GLU A 1 95  ? 9.2936903   -15.2688850 6.6641392   1 129.135 ? 95  GLU A OE2 1 
ATOM 730  N N   . VAL A 1 96  ? 7.6252426   -9.8697732  4.3816055   1 107.935 ? 96  VAL A N   1 
ATOM 731  C CA  . VAL A 1 96  ? 6.8497651   -8.6368866  4.2799467   1 101.31  ? 96  VAL A CA  1 
ATOM 732  C C   . VAL A 1 96  ? 5.4305010   -9.0097751  3.8752423   1 101.525 ? 96  VAL A C   1 
ATOM 733  O O   . VAL A 1 96  ? 4.5133995   -8.3951747  4.4010015   1 106.169 ? 96  VAL A O   1 
ATOM 734  C CB  . VAL A 1 96  ? 7.4692797   -7.6147348  3.3051735   1 104.404 ? 96  VAL A CB  1 
ATOM 735  C CG1 . VAL A 1 96  ? 6.5589676   -6.4174425  3.0424398   1 111.153 ? 96  VAL A CG1 1 
ATOM 736  C CG2 . VAL A 1 96  ? 8.8528218   -7.1585620  3.7748700   1 112.669 ? 96  VAL A CG2 1 
ATOM 737  N N   . SER A 1 97  ? 5.2546874   -10.0035738 2.9796593   1 101.409 ? 97  SER A N   1 
ATOM 738  C CA  . SER A 1 97  ? 3.9159871   -10.3802011 2.5613209   1 96.1999 ? 97  SER A CA  1 
ATOM 739  C C   . SER A 1 97  ? 3.2024880   -11.0220633 3.7434499   1 105.829 ? 97  SER A C   1 
ATOM 740  O O   . SER A 1 97  ? 2.1087653   -10.5864513 4.0570958   1 113.573 ? 97  SER A O   1 
ATOM 741  C CB  . SER A 1 97  ? 3.8887647   -11.2329990 1.3168108   1 107.682 ? 97  SER A CB  1 
ATOM 742  O OG  . SER A 1 97  ? 4.5663883   -12.4673059 1.4859766   1 114.972 ? 97  SER A OG  1 
ATOM 743  N N   . LYS A 1 98  ? 3.8488258   -11.9539063 4.4548432   1 111.701 ? 98  LYS A N   1 
ATOM 744  C CA  . LYS A 1 98  ? 3.2227199   -12.6133411 5.5912282   1 107.031 ? 98  LYS A CA  1 
ATOM 745  C C   . LYS A 1 98  ? 2.8940216   -11.6024932 6.6887708   1 112.164 ? 98  LYS A C   1 
ATOM 746  O O   . LYS A 1 98  ? 1.8423800   -11.7346659 7.3052582   1 119.974 ? 98  LYS A O   1 
ATOM 747  C CB  . LYS A 1 98  ? 4.0750780   -13.8084331 6.0366424   1 120.826 ? 98  LYS A CB  1 
ATOM 748  C CG  . LYS A 1 98  ? 3.7511611   -14.4250082 7.4017421   1 130.314 ? 98  LYS A CG  1 
ATOM 749  C CD  . LYS A 1 98  ? 4.5093172   -13.8179797 8.5961988   1 135.422 ? 98  LYS A CD  1 
ATOM 750  C CE  . LYS A 1 98  ? 5.7175856   -14.5763559 9.0992562   1 137.058 ? 98  LYS A CE  1 
ATOM 751  N NZ  . LYS A 1 98  ? 6.6360032   -13.6521164 9.8231141   1 130.636 ? 98  LYS A NZ  1 
ATOM 752  N N   . GLY A 1 99  ? 3.7610550   -10.6114680 6.9348554   1 113.192 ? 99  GLY A N   1 
ATOM 753  C CA  . GLY A 1 99  ? 3.5962634   -9.7159215  8.0715051   1 112.209 ? 99  GLY A CA  1 
ATOM 754  C C   . GLY A 1 99  ? 2.3956493   -8.7922429  7.9235742   1 106.141 ? 99  GLY A C   1 
ATOM 755  O O   . GLY A 1 99  ? 1.6166450   -8.6210482  8.8732764   1 114.247 ? 99  GLY A O   1 
ATOM 756  N N   . LEU A 1 100 ? 2.3028578   -8.1872081  6.7287623   1 108.334 ? 100 LEU A N   1 
ATOM 757  C CA  . LEU A 1 100 ? 1.1852278   -7.3327903  6.3499526   1 106.148 ? 100 LEU A CA  1 
ATOM 758  C C   . LEU A 1 100 ? -0.1039263  -8.1426609  6.3382025   1 110.286 ? 100 LEU A C   1 
ATOM 759  O O   . LEU A 1 100 ? -1.1214683  -7.6441123  6.8208565   1 113.692 ? 100 LEU A O   1 
ATOM 760  C CB  . LEU A 1 100 ? 1.4241910   -6.7178853  4.9653898   1 97.4826 ? 100 LEU A CB  1 
ATOM 761  C CG  . LEU A 1 100 ? 2.5675062   -5.6998633  4.8435745   1 101.374 ? 100 LEU A CG  1 
ATOM 762  C CD1 . LEU A 1 100 ? 2.8155624   -5.3527857  3.3802482   1 106.788 ? 100 LEU A CD1 1 
ATOM 763  C CD2 . LEU A 1 100 ? 2.3486619   -4.4205019  5.6583078   1 102.078 ? 100 LEU A CD2 1 
ATOM 764  N N   . ALA A 1 101 ? -0.0378671  -9.3746273  5.8054176   1 105.666 ? 101 ALA A N   1 
ATOM 765  C CA  . ALA A 1 101 ? -1.2100358  -10.2207954 5.6721524   1 104.711 ? 101 ALA A CA  1 
ATOM 766  C C   . ALA A 1 101 ? -1.7785084  -10.5302980 7.0601665   1 107.558 ? 101 ALA A C   1 
ATOM 767  O O   . ALA A 1 101 ? -2.9829901  -10.3652922 7.2673912   1 118.683 ? 101 ALA A O   1 
ATOM 768  C CB  . ALA A 1 101 ? -0.8741541  -11.4623768 4.8784739   1 103.621 ? 101 ALA A CB  1 
ATOM 769  N N   . ASN A 1 102 ? -0.9050221  -10.8971610 8.0048431   1 107.554 ? 102 ASN A N   1 
ATOM 770  C CA  . ASN A 1 102 ? -1.2889287  -11.1687928 9.3768852   1 112.743 ? 102 ASN A CA  1 
ATOM 771  C C   . ASN A 1 102 ? -1.8794491  -9.9343015  10.0557190  1 117.309 ? 102 ASN A C   1 
ATOM 772  O O   . ASN A 1 102 ? -2.9198857  -10.0789281 10.6895639  1 124.749 ? 102 ASN A O   1 
ATOM 773  C CB  . ASN A 1 102 ? -0.1109332  -11.6872544 10.2067759  1 123.111 ? 102 ASN A CB  1 
ATOM 774  C CG  . ASN A 1 102 ? 0.3838486   -13.0574653 9.7796806   1 132.165 ? 102 ASN A CG  1 
ATOM 775  O OD1 . ASN A 1 102 ? -0.3157796  -13.8118894 9.1017949   1 130.742 ? 102 ASN A OD1 1 
ATOM 776  N ND2 . ASN A 1 102 ? 1.5790097   -13.4212571 10.2202341  1 136.585 ? 102 ASN A ND2 1 
ATOM 777  N N   . LEU A 1 103 ? -1.2258170  -8.7600424  9.9663640   1 114.743 ? 103 LEU A N   1 
ATOM 778  C CA  . LEU A 1 103 ? -1.7414502  -7.5504591  10.5973393  1 114.083 ? 103 LEU A CA  1 
ATOM 779  C C   . LEU A 1 103 ? -3.1639559  -7.2454807  10.1565624  1 117.291 ? 103 LEU A C   1 
ATOM 780  O O   . LEU A 1 103 ? -3.9435714  -6.7223354  10.9492336  1 123.733 ? 103 LEU A O   1 
ATOM 781  C CB  . LEU A 1 103 ? -0.9349968  -6.3161958  10.1955529  1 118.628 ? 103 LEU A CB  1 
ATOM 782  C CG  . LEU A 1 103 ? 0.3922836   -6.0437938  10.8933633  1 124.574 ? 103 LEU A CG  1 
ATOM 783  C CD1 . LEU A 1 103 ? 1.1769484   -5.0196394  10.0785312  1 125.833 ? 103 LEU A CD1 1 
ATOM 784  C CD2 . LEU A 1 103 ? 0.2056159   -5.5641585  12.3428351  1 124.149 ? 103 LEU A CD2 1 
ATOM 785  N N   . SER A 1 104 ? -3.4259280  -7.4215067  8.8560610   1 120.46  ? 104 SER A N   1 
ATOM 786  C CA  . SER A 1 104 ? -4.6938257  -7.0293652  8.2815063   1 117.311 ? 104 SER A CA  1 
ATOM 787  C C   . SER A 1 104 ? -5.8076514  -7.8641373  8.9226966   1 116.87  ? 104 SER A C   1 
ATOM 788  O O   . SER A 1 104 ? -6.7875166  -7.2766136  9.3676540   1 119.21  ? 104 SER A O   1 
ATOM 789  C CB  . SER A 1 104 ? -4.6225712  -7.1184206  6.7819157   1 115.508 ? 104 SER A CB  1 
ATOM 790  O OG  . SER A 1 104 ? -5.8155248  -6.6278706  6.1946296   1 121.466 ? 104 SER A OG  1 
ATOM 791  N N   . LEU A 1 105 ? -5.5914738  -9.1855848  9.0797083   1 120.451 ? 105 LEU A N   1 
ATOM 792  C CA  . LEU A 1 105 ? -6.4956615  -10.0702226 9.8141187   1 121.727 ? 105 LEU A CA  1 
ATOM 793  C C   . LEU A 1 105 ? -6.5945622  -9.7109772  11.2990613  1 125.281 ? 105 LEU A C   1 
ATOM 794  O O   . LEU A 1 105 ? -7.7139976  -9.6966581  11.8086870  1 130.046 ? 105 LEU A O   1 
ATOM 795  C CB  . LEU A 1 105 ? -6.0437990  -11.5346587 9.6804342   1 120.703 ? 105 LEU A CB  1 
ATOM 796  C CG  . LEU A 1 105 ? -6.1062301  -12.1790419 8.2832318   1 123.731 ? 105 LEU A CG  1 
ATOM 797  C CD1 . LEU A 1 105 ? -5.6142870  -13.6323858 8.3243988   1 128.219 ? 105 LEU A CD1 1 
ATOM 798  C CD2 . LEU A 1 105 ? -7.5102819  -12.1092460 7.6652649   1 125.193 ? 105 LEU A CD2 1 
ATOM 799  N N   . GLU A 1 106 ? -5.4543264  -9.4934302  11.9802004  1 125.292 ? 106 GLU A N   1 
ATOM 800  C CA  . GLU A 1 106 ? -5.3979618  -9.2618078  13.4223180  1 130.284 ? 106 GLU A CA  1 
ATOM 801  C C   . GLU A 1 106 ? -6.1547375  -7.9838178  13.7957745  1 131.483 ? 106 GLU A C   1 
ATOM 802  O O   . GLU A 1 106 ? -6.9206402  -8.0008122  14.7591328  1 137.801 ? 106 GLU A O   1 
ATOM 803  C CB  . GLU A 1 106 ? -3.9378205  -9.1942743  13.8991437  1 138.358 ? 106 GLU A CB  1 
ATOM 804  C CG  . GLU A 1 106 ? -3.7348966  -8.7118967  15.3360090  1 146.992 ? 106 GLU A CG  1 
ATOM 805  C CD  . GLU A 1 106 ? -2.3030419  -8.5983367  15.8349983  1 160.353 ? 106 GLU A CD  1 
ATOM 806  O OE1 . GLU A 1 106 ? -1.3488002  -8.6160970  15.0049393  1 156.956 ? 106 GLU A OE1 1 
ATOM 807  O OE2 . GLU A 1 106 ? -2.1415116  -8.4883882  17.0773151  1 160.444 ? 106 GLU A OE2 1 
ATOM 808  N N   . LEU A 1 107 ? -5.9121199  -6.8868588  13.0644362  1 129.27  ? 107 LEU A N   1 
ATOM 809  C CA  . LEU A 1 107 ? -6.4703763  -5.5822030  13.4000601  1 128.864 ? 107 LEU A CA  1 
ATOM 810  C C   . LEU A 1 107 ? -7.7716147  -5.3263860  12.6414827  1 130.842 ? 107 LEU A C   1 
ATOM 811  O O   . LEU A 1 107 ? -8.3739817  -4.2673480  12.8468428  1 131.444 ? 107 LEU A O   1 
ATOM 812  C CB  . LEU A 1 107 ? -5.4395866  -4.4946062  13.0703999  1 128.724 ? 107 LEU A CB  1 
ATOM 813  C CG  . LEU A 1 107 ? -4.0698309  -4.5894477  13.7583121  1 131.193 ? 107 LEU A CG  1 
ATOM 814  C CD1 . LEU A 1 107 ? -3.1643136  -3.4482244  13.2972632  1 133.793 ? 107 LEU A CD1 1 
ATOM 815  C CD2 . LEU A 1 107 ? -4.1773327  -4.6115281  15.2909583  1 138.397 ? 107 LEU A CD2 1 
ATOM 816  N N   . ARG A 1 108 ? -8.1851572  -6.2686512  11.7660201  1 127.584 ? 108 ARG A N   1 
ATOM 817  C CA  . ARG A 1 108 ? -9.4724732  -6.2405195  11.0886716  1 126.4   ? 108 ARG A CA  1 
ATOM 818  C C   . ARG A 1 108 ? -9.5670771  -4.9346347  10.2880045  1 124.086 ? 108 ARG A C   1 
ATOM 819  O O   . ARG A 1 108 ? -10.5575391 -4.2066800  10.4001713  1 129.503 ? 108 ARG A O   1 
ATOM 820  C CB  . ARG A 1 108 ? -10.5920031 -6.4875875  12.1144291  1 131.341 ? 108 ARG A CB  1 
ATOM 821  C CG  . ARG A 1 108 ? -10.5096464 -7.8183543  12.8626569  1 132.415 ? 108 ARG A CG  1 
ATOM 822  C CD  . ARG A 1 108 ? -11.6267347 -8.0885697  13.8655759  1 133.073 ? 108 ARG A CD  1 
ATOM 823  N NE  . ARG A 1 108 ? -12.9589246 -8.0705151  13.2645400  1 137.258 ? 108 ARG A NE  1 
ATOM 824  C CZ  . ARG A 1 108 ? -14.1056519 -7.9661026  13.9301936  1 145.613 ? 108 ARG A CZ  1 
ATOM 825  N NH1 . ARG A 1 108 ? -14.1323170 -8.0023541  15.2540961  1 146.29  ? 108 ARG A NH1 1 
ATOM 826  N NH2 . ARG A 1 108 ? -15.2451100 -7.9101745  13.2552492  1 147.946 ? 108 ARG A NH2 1 
ATOM 827  N N   . LYS A 1 109 ? -8.5113365  -4.6471267  9.4990655   1 118.413 ? 109 LYS A N   1 
ATOM 828  C CA  . LYS A 1 109 ? -8.3253708  -3.3611143  8.8366490   1 121.258 ? 109 LYS A CA  1 
ATOM 829  C C   . LYS A 1 109 ? -7.6581226  -3.5687050  7.4727665   1 120.075 ? 109 LYS A C   1 
ATOM 830  O O   . LYS A 1 109 ? -6.6737815  -4.3066736  7.3975225   1 116.752 ? 109 LYS A O   1 
ATOM 831  C CB  . LYS A 1 109 ? -7.4649496  -2.4016653  9.6716793   1 122.003 ? 109 LYS A CB  1 
ATOM 832  C CG  . LYS A 1 109 ? -7.3599291  -0.9730157  9.1293369   1 120.435 ? 109 LYS A CG  1 
ATOM 833  C CD  . LYS A 1 109 ? -6.9158308  0.1103280   10.0974575  1 126.14  ? 109 LYS A CD  1 
ATOM 834  C CE  . LYS A 1 109 ? -7.9151718  0.4974422   11.1741779  1 129.2   ? 109 LYS A CE  1 
ATOM 835  N NZ  . LYS A 1 109 ? -7.4203247  1.6182922   12.0166563  1 135.243 ? 109 LYS A NZ  1 
ATOM 836  N N   . PRO A 1 110 ? -8.1025215  -2.9110248  6.3672656   1 116.827 ? 110 PRO A N   1 
ATOM 837  C CA  . PRO A 1 110 ? -7.4197357  -3.0497608  5.0790394   1 111.892 ? 110 PRO A CA  1 
ATOM 838  C C   . PRO A 1 110 ? -5.9722122  -2.5634844  5.1097701   1 104.276 ? 110 PRO A C   1 
ATOM 839  O O   . PRO A 1 110 ? -5.7043563  -1.4680826  5.5897309   1 114.694 ? 110 PRO A O   1 
ATOM 840  C CB  . PRO A 1 110 ? -8.2008093  -2.1532777  4.1165282   1 113.989 ? 110 PRO A CB  1 
ATOM 841  C CG  . PRO A 1 110 ? -9.5246402  -1.9498483  4.7813115   1 117.492 ? 110 PRO A CG  1 
ATOM 842  C CD  . PRO A 1 110 ? -9.2630108  -2.0072987  6.2597839   1 116.765 ? 110 PRO A CD  1 
ATOM 843  N N   . ILE A 1 111 ? -5.0486682  -3.4234016  4.6921382   1 105.107 ? 111 ILE A N   1 
ATOM 844  C CA  . ILE A 1 111 ? -3.6657296  -3.0602581  4.4599614   1 103.203 ? 111 ILE A CA  1 
ATOM 845  C C   . ILE A 1 111 ? -3.3732642  -3.5734441  3.0596968   1 105.839 ? 111 ILE A C   1 
ATOM 846  O O   . ILE A 1 111 ? -3.4302367  -4.7884752  2.8593702   1 111.393 ? 111 ILE A O   1 
ATOM 847  C CB  . ILE A 1 111 ? -2.6915778  -3.6360213  5.5169557   1 98.541  ? 111 ILE A CB  1 
ATOM 848  C CG1 . ILE A 1 111 ? -3.1230421  -3.2427340  6.9373420   1 105.571 ? 111 ILE A CG1 1 
ATOM 849  C CG2 . ILE A 1 111 ? -1.2469321  -3.2294190  5.1943516   1 98.2695 ? 111 ILE A CG2 1 
ATOM 850  C CD1 . ILE A 1 111 ? -2.3392656  -3.8343659  8.0700165   1 117.242 ? 111 ILE A CD1 1 
ATOM 851  N N   . THR A 1 112 ? -3.1023236  -2.6669605  2.1132389   1 100.818 ? 112 THR A N   1 
ATOM 852  C CA  . THR A 1 112 ? -2.9813063  -3.0694880  0.7232477   1 107.145 ? 112 THR A CA  1 
ATOM 853  C C   . THR A 1 112 ? -1.5016142  -3.2551126  0.4420340   1 108.428 ? 112 THR A C   1 
ATOM 854  O O   . THR A 1 112 ? -0.6802468  -2.7057236  1.1609582   1 110.993 ? 112 THR A O   1 
ATOM 855  C CB  . THR A 1 112 ? -3.7399893  -2.1407824  -0.2384355  1 105.081 ? 112 THR A CB  1 
ATOM 856  O OG1 . THR A 1 112 ? -3.1904412  -0.8243849  -0.2400411  1 100.299 ? 112 THR A OG1 1 
ATOM 857  C CG2 . THR A 1 112 ? -5.2280075  -2.1091955  0.0680255   1 110.197 ? 112 THR A CG2 1 
ATOM 858  N N   . PHE A 1 113 ? -1.2089289  -4.0816483  -0.5665447  1 115.372 ? 113 PHE A N   1 
ATOM 859  C CA  . PHE A 1 113 ? 0.1166816   -4.6073795  -0.8222166  1 116.281 ? 113 PHE A CA  1 
ATOM 860  C C   . PHE A 1 113 ? 0.5705235   -3.9628566  -2.1293158  1 112.302 ? 113 PHE A C   1 
ATOM 861  O O   . PHE A 1 113 ? 0.3424438   -4.5150676  -3.2069745  1 117.965 ? 113 PHE A O   1 
ATOM 862  C CB  . PHE A 1 113 ? 0.0515635   -6.1423045  -0.8245244  1 117.213 ? 113 PHE A CB  1 
ATOM 863  C CG  . PHE A 1 113 ? 1.3829425   -6.8472405  -0.9202412  1 120.118 ? 113 PHE A CG  1 
ATOM 864  C CD1 . PHE A 1 113 ? 2.2290027   -6.8937259  0.1799542   1 120.003 ? 113 PHE A CD1 1 
ATOM 865  C CD2 . PHE A 1 113 ? 1.8084011   -7.4434164  -2.1031161  1 121.384 ? 113 PHE A CD2 1 
ATOM 866  C CE1 . PHE A 1 113 ? 3.4660042   -7.5160127  0.1094558   1 118.03  ? 113 PHE A CE1 1 
ATOM 867  C CE2 . PHE A 1 113 ? 3.0427293   -8.0747366  -2.1708255  1 125.576 ? 113 PHE A CE2 1 
ATOM 868  C CZ  . PHE A 1 113 ? 3.8606997   -8.1292081  -1.0583176  1 122.209 ? 113 PHE A CZ  1 
ATOM 869  N N   . GLY A 1 114 ? 1.1304655   -2.7537148  -2.0344848  1 104.656 ? 114 GLY A N   1 
ATOM 870  C CA  . GLY A 1 114 ? 1.7427008   -2.1030173  -3.1779376  1 103.997 ? 114 GLY A CA  1 
ATOM 871  C C   . GLY A 1 114 ? 3.2473244   -2.3269156  -3.2178199  1 97.6016 ? 114 GLY A C   1 
ATOM 872  O O   . GLY A 1 114 ? 3.9643811   -1.3802282  -3.5280721  1 101.713 ? 114 GLY A O   1 
ATOM 873  N N   . VAL A 1 115 ? 3.6951900   -3.5667292  -2.9677242  1 103.053 ? 115 VAL A N   1 
ATOM 874  C CA  . VAL A 1 115 ? 5.1089507   -3.8999003  -2.9397502  1 103.248 ? 115 VAL A CA  1 
ATOM 875  C C   . VAL A 1 115 ? 5.4310483   -4.6395166  -4.2312678  1 96.9085 ? 115 VAL A C   1 
ATOM 876  O O   . VAL A 1 115 ? 4.9403481   -5.7537922  -4.3891790  1 112.126 ? 115 VAL A O   1 
ATOM 877  C CB  . VAL A 1 115 ? 5.4902050   -4.7401505  -1.7045773  1 105.192 ? 115 VAL A CB  1 
ATOM 878  C CG1 . VAL A 1 115 ? 6.9765858   -5.1059779  -1.7149372  1 116.103 ? 115 VAL A CG1 1 
ATOM 879  C CG2 . VAL A 1 115 ? 5.1050629   -4.0595066  -0.3867352  1 111.027 ? 115 VAL A CG2 1 
ATOM 880  N N   . ILE A 1 116 ? 6.2287078   -4.0218447  -5.1195931  1 91.8997 ? 116 ILE A N   1 
ATOM 881  C CA  . ILE A 1 116 ? 6.7703390   -4.6766295  -6.3089096  1 94.4193 ? 116 ILE A CA  1 
ATOM 882  C C   . ILE A 1 116 ? 7.7933997   -5.7326725  -5.8844393  1 97.5333 ? 116 ILE A C   1 
ATOM 883  O O   . ILE A 1 116 ? 8.6257594   -5.4637020  -5.0281016  1 101.703 ? 116 ILE A O   1 
ATOM 884  C CB  . ILE A 1 116 ? 7.4209341   -3.6802172  -7.2919609  1 95.9657 ? 116 ILE A CB  1 
ATOM 885  C CG1 . ILE A 1 116 ? 6.3954208   -2.6847820  -7.8479176  1 99.7049 ? 116 ILE A CG1 1 
ATOM 886  C CG2 . ILE A 1 116 ? 8.1805511   -4.4283565  -8.3941676  1 105.216 ? 116 ILE A CG2 1 
ATOM 887  C CD1 . ILE A 1 116 ? 6.9699214   -1.5819917  -8.6836648  1 105.539 ? 116 ILE A CD1 1 
ATOM 888  N N   . THR A 1 117 ? 7.7170705   -6.9364381  -6.4746737  1 107.516 ? 117 THR A N   1 
ATOM 889  C CA  . THR A 1 117 ? 8.6299260   -8.0313941  -6.1786701  1 107.309 ? 117 THR A CA  1 
ATOM 890  C C   . THR A 1 117 ? 9.0924198   -8.4961150  -7.5402480  1 99.7786 ? 117 THR A C   1 
ATOM 891  O O   . THR A 1 117 ? 8.4187650   -9.3264560  -8.1301002  1 111.23  ? 117 THR A O   1 
ATOM 892  C CB  . THR A 1 117 ? 7.9895453   -9.1556518  -5.3383237  1 106.922 ? 117 THR A CB  1 
ATOM 893  O OG1 . THR A 1 117 ? 6.8372171   -9.6503552  -6.0190137  1 114.111 ? 117 THR A OG1 1 
ATOM 894  C CG2 . THR A 1 117 ? 7.5904293   -8.7496535  -3.9317062  1 115.934 ? 117 THR A CG2 1 
ATOM 895  N N   . ALA A 1 118 ? 10.1431747  -7.8539251  -8.0598397  1 99.7378 ? 118 ALA A N   1 
ATOM 896  C CA  . ALA A 1 118 ? 10.5341541  -7.9967676  -9.4526617  1 105.237 ? 118 ALA A CA  1 
ATOM 897  C C   . ALA A 1 118 ? 11.7894633  -8.8593981  -9.5323247  1 108.927 ? 118 ALA A C   1 
ATOM 898  O O   . ALA A 1 118 ? 12.6546889  -8.7118791  -8.6748325  1 112.901 ? 118 ALA A O   1 
ATOM 899  C CB  . ALA A 1 118 ? 10.7517321  -6.6500252  -10.0675409 1 94.5293 ? 118 ALA A CB  1 
ATOM 900  N N   . ASP A 1 119 ? 11.8519612  -9.7747775  -10.5228961 1 113.401 ? 119 ASP A N   1 
ATOM 901  C CA  . ASP A 1 119 ? 13.0821099  -10.4831757 -10.8482507 1 114.223 ? 119 ASP A CA  1 
ATOM 902  C C   . ASP A 1 119 ? 14.1590214  -9.5513997  -11.3842541 1 109.852 ? 119 ASP A C   1 
ATOM 903  O O   . ASP A 1 119 ? 15.3285675  -9.8555274  -11.1758281 1 120.944 ? 119 ASP A O   1 
ATOM 904  C CB  . ASP A 1 119 ? 12.9190826  -11.6004645 -11.8833693 1 124.188 ? 119 ASP A CB  1 
ATOM 905  C CG  . ASP A 1 119 ? 12.1380849  -12.8093783 -11.3873233 1 141.407 ? 119 ASP A CG  1 
ATOM 906  O OD1 . ASP A 1 119 ? 12.3845715  -13.2618127 -10.2168106 1 133.856 ? 119 ASP A OD1 1 
ATOM 907  O OD2 . ASP A 1 119 ? 11.2890856  -13.3216775 -12.1804447 1 140.681 ? 119 ASP A OD2 1 
ATOM 908  N N   . THR A 1 120 ? 13.7931157  -8.4829121  -12.1113647 1 114.612 ? 120 THR A N   1 
ATOM 909  C CA  . THR A 1 120 ? 14.7620715  -7.6452122  -12.8097190 1 113.189 ? 120 THR A CA  1 
ATOM 910  C C   . THR A 1 120 ? 14.4334059  -6.1748702  -12.5890580 1 108.987 ? 120 THR A C   1 
ATOM 911  O O   . THR A 1 120 ? 13.2793484  -5.8374290  -12.3401237 1 111.172 ? 120 THR A O   1 
ATOM 912  C CB  . THR A 1 120 ? 14.7834741  -7.9340750  -14.3192793 1 118.502 ? 120 THR A CB  1 
ATOM 913  O OG1 . THR A 1 120 ? 13.5461617  -7.4862074  -14.9003409 1 121.062 ? 120 THR A OG1 1 
ATOM 914  C CG2 . THR A 1 120 ? 15.0611266  -9.3916299  -14.6519215 1 122.877 ? 120 THR A CG2 1 
ATOM 915  N N   . LEU A 1 121 ? 15.4401491  -5.3050729  -12.7454852 1 109.702 ? 121 LEU A N   1 
ATOM 916  C CA  . LEU A 1 121 ? 15.2191112  -3.8669024  -12.6834914 1 108.479 ? 121 LEU A CA  1 
ATOM 917  C C   . LEU A 1 121 ? 14.2364756  -3.4319823  -13.7748472 1 108.929 ? 121 LEU A C   1 
ATOM 918  O O   . LEU A 1 121 ? 13.3943119  -2.5898075  -13.4894895 1 111.794 ? 121 LEU A O   1 
ATOM 919  C CB  . LEU A 1 121 ? 16.5565599  -3.1190892  -12.7883250 1 110.958 ? 121 LEU A CB  1 
ATOM 920  C CG  . LEU A 1 121 ? 16.4921949  -1.5951887  -13.0031311 1 114.38  ? 121 LEU A CG  1 
ATOM 921  C CD1 . LEU A 1 121 ? 15.9581792  -0.8449889  -11.7657961 1 118.709 ? 121 LEU A CD1 1 
ATOM 922  C CD2 . LEU A 1 121 ? 17.8450663  -1.0374767  -13.4507656 1 121.244 ? 121 LEU A CD2 1 
ATOM 923  N N   . GLU A 1 122 ? 14.3356518  -3.9852823  -14.9943304 1 114.289 ? 122 GLU A N   1 
ATOM 924  C CA  . GLU A 1 122 ? 13.4336189  -3.6102929  -16.0788463 1 119.665 ? 122 GLU A CA  1 
ATOM 925  C C   . GLU A 1 122 ? 11.9783921  -3.8742737  -15.6858648 1 117.73  ? 122 GLU A C   1 
ATOM 926  O O   . GLU A 1 122 ? 11.1295515  -3.0120268  -15.9429947 1 116.796 ? 122 GLU A O   1 
ATOM 927  C CB  . GLU A 1 122 ? 13.7706352  -4.3317918  -17.3924409 1 130.514 ? 122 GLU A CB  1 
ATOM 928  C CG  . GLU A 1 122 ? 12.8317647  -3.9777631  -18.5612558 1 135.26  ? 122 GLU A CG  1 
ATOM 929  C CD  . GLU A 1 122 ? 13.3552593  -4.0974954  -19.9908425 1 150.124 ? 122 GLU A CD  1 
ATOM 930  O OE1 . GLU A 1 122 ? 14.4997951  -4.6054448  -20.2062247 1 144.327 ? 122 GLU A OE1 1 
ATOM 931  O OE2 . GLU A 1 122 ? 12.6029456  -3.6676604  -20.9153666 1 147.97  ? 122 GLU A OE2 1 
ATOM 932  N N   . GLN A 1 123 ? 11.7033673  -5.0410917  -15.0775368 1 110.272 ? 123 GLN A N   1 
ATOM 933  C CA  . GLN A 1 123 ? 10.3564850  -5.3624247  -14.6274087 1 106.197 ? 123 GLN A CA  1 
ATOM 934  C C   . GLN A 1 123 ? 9.8500778   -4.3419663  -13.6068433 1 103.803 ? 123 GLN A C   1 
ATOM 935  O O   . GLN A 1 123 ? 8.6738290   -3.9916305  -13.6209131 1 108.097 ? 123 GLN A O   1 
ATOM 936  C CB  . GLN A 1 123 ? 10.3120761  -6.7410293  -13.9750881 1 110.425 ? 123 GLN A CB  1 
ATOM 937  C CG  . GLN A 1 123 ? 10.2790305  -7.9019739  -14.9456468 1 117.127 ? 123 GLN A CG  1 
ATOM 938  C CD  . GLN A 1 123 ? 10.4012722  -9.2225327  -14.2312237 1 116.757 ? 123 GLN A CD  1 
ATOM 939  O OE1 . GLN A 1 123 ? 10.7355822  -9.3069762  -13.0508119 1 114.79  ? 123 GLN A OE1 1 
ATOM 940  N NE2 . GLN A 1 123 ? 10.1215898  -10.2852864 -14.9626326 1 124.05  ? 123 GLN A NE2 1 
ATOM 941  N N   . ALA A 1 124 ? 10.7211669  -3.9311307  -12.6851346 1 98.5617 ? 124 ALA A N   1 
ATOM 942  C CA  . ALA A 1 124 ? 10.3513503  -2.9909574  -11.6483293 1 97.279  ? 124 ALA A CA  1 
ATOM 943  C C   . ALA A 1 124 ? 10.0089629  -1.6302697  -12.2631893 1 99.4174 ? 124 ALA A C   1 
ATOM 944  O O   . ALA A 1 124 ? 9.0162883   -1.0373891  -11.8534624 1 108.015 ? 124 ALA A O   1 
ATOM 945  C CB  . ALA A 1 124 ? 11.4709752  -2.9090456  -10.6306548 1 105.211 ? 124 ALA A CB  1 
ATOM 946  N N   . ILE A 1 125 ? 10.7960723  -1.1607100  -13.2479963 1 101.689 ? 125 ILE A N   1 
ATOM 947  C CA  . ILE A 1 125 ? 10.5459205  0.0977558   -13.9451425 1 101.337 ? 125 ILE A CA  1 
ATOM 948  C C   . ILE A 1 125 ? 9.1748962   0.0314886   -14.6324084 1 108.43  ? 125 ILE A C   1 
ATOM 949  O O   . ILE A 1 125 ? 8.4279324   1.0177005   -14.5511377 1 111.374 ? 125 ILE A O   1 
ATOM 950  C CB  . ILE A 1 125 ? 11.6705680  0.4729068   -14.9449817 1 104.024 ? 125 ILE A CB  1 
ATOM 951  C CG1 . ILE A 1 125 ? 13.0305191  0.6777899   -14.2571065 1 104.654 ? 125 ILE A CG1 1 
ATOM 952  C CG2 . ILE A 1 125 ? 11.2736070  1.7001809   -15.7822885 1 110.681 ? 125 ILE A CG2 1 
ATOM 953  C CD1 . ILE A 1 125 ? 14.2434114  0.6830649   -15.1786977 1 115.413 ? 125 ILE A CD1 1 
ATOM 954  N N   . GLU A 1 126 ? 8.8520410   -1.1001170  -15.2955159 1 105.47  ? 126 GLU A N   1 
ATOM 955  C CA  . GLU A 1 126 ? 7.5548999   -1.3017170  -15.9428238 1 108.809 ? 126 GLU A CA  1 
ATOM 956  C C   . GLU A 1 126 ? 6.3692882   -1.0811418  -14.9917303 1 104.676 ? 126 GLU A C   1 
ATOM 957  O O   . GLU A 1 126 ? 5.3314325   -0.6116103  -15.4434557 1 114.344 ? 126 GLU A O   1 
ATOM 958  C CB  . GLU A 1 126 ? 7.4079482   -2.6937447  -16.5520297 1 114.451 ? 126 GLU A CB  1 
ATOM 959  C CG  . GLU A 1 126 ? 8.2755284   -2.9666113  -17.7684318 1 123.825 ? 126 GLU A CG  1 
ATOM 960  C CD  . GLU A 1 126 ? 8.3511792   -4.4223501  -18.2310247 1 138.556 ? 126 GLU A CD  1 
ATOM 961  O OE1 . GLU A 1 126 ? 8.8480914   -4.6424780  -19.3592183 1 145.908 ? 126 GLU A OE1 1 
ATOM 962  O OE2 . GLU A 1 126 ? 7.9640465   -5.3565510  -17.4628047 1 131.84  ? 126 GLU A OE2 1 
ATOM 963  N N   . ARG A 1 127 ? 6.4861482   -1.4527550  -13.7100826 1 106.711 ? 127 ARG A N   1 
ATOM 964  C CA  . ARG A 1 127 ? 5.3565905   -1.4893889  -12.7863937 1 106.068 ? 127 ARG A CA  1 
ATOM 965  C C   . ARG A 1 127 ? 5.3686592   -0.2948923  -11.8365096 1 105.68  ? 127 ARG A C   1 
ATOM 966  O O   . ARG A 1 127 ? 4.4730751   -0.2052733  -10.9945499 1 106.552 ? 127 ARG A O   1 
ATOM 967  C CB  . ARG A 1 127 ? 5.3897396   -2.8063629  -12.0083457 1 106.358 ? 127 ARG A CB  1 
ATOM 968  C CG  . ARG A 1 127 ? 5.0445571   -4.0030048  -12.8746196 1 110.069 ? 127 ARG A CG  1 
ATOM 969  C CD  . ARG A 1 127 ? 5.5947342   -5.3215970  -12.3979296 1 113.241 ? 127 ARG A CD  1 
ATOM 970  N NE  . ARG A 1 127 ? 5.2347772   -6.3386151  -13.3777779 1 111.481 ? 127 ARG A NE  1 
ATOM 971  C CZ  . ARG A 1 127 ? 5.8103191   -6.5477338  -14.5624039 1 116.105 ? 127 ARG A CZ  1 
ATOM 972  N NH1 . ARG A 1 127 ? 6.8840911   -5.8809269  -14.9541412 1 116.431 ? 127 ARG A NH1 1 
ATOM 973  N NH2 . ARG A 1 127 ? 5.3191405   -7.4841512  -15.3597202 1 123.432 ? 127 ARG A NH2 1 
ATOM 974  N N   . ALA A 1 128 ? 6.3301192   0.6296576   -11.9896121 1 99.371  ? 128 ALA A N   1 
ATOM 975  C CA  . ALA A 1 128 ? 6.3746474   1.8180755   -11.1541732 1 101.123 ? 128 ALA A CA  1 
ATOM 976  C C   . ALA A 1 128 ? 6.1212200   3.0588492   -12.0085962 1 103.362 ? 128 ALA A C   1 
ATOM 977  O O   . ALA A 1 128 ? 6.9115031   3.9977104   -11.9855257 1 105.565 ? 128 ALA A O   1 
ATOM 978  C CB  . ALA A 1 128 ? 7.6839932   1.8596919   -10.4116108 1 104.649 ? 128 ALA A CB  1 
ATOM 979  N N   . GLY A 1 129 ? 5.0062319   3.0341232   -12.7615039 1 107.682 ? 129 GLY A N   1 
ATOM 980  C CA  . GLY A 1 129 ? 4.5636491   4.1436131   -13.5852565 1 108.449 ? 129 GLY A CA  1 
ATOM 981  C C   . GLY A 1 129 ? 5.1307453   4.1596314   -15.0047446 1 115.202 ? 129 GLY A C   1 
ATOM 982  O O   . GLY A 1 129 ? 5.3015772   5.2569968   -15.5331148 1 117.68  ? 129 GLY A O   1 
ATOM 983  N N   . THR A 1 130 ? 5.3998668   2.9988173   -15.6443133 1 114.889 ? 130 THR A N   1 
ATOM 984  C CA  . THR A 1 130 ? 5.5313008   2.9557554   -17.1062942 1 115.537 ? 130 THR A CA  1 
ATOM 985  C C   . THR A 1 130 ? 4.5431415   1.9105660   -17.6452778 1 115.982 ? 130 THR A C   1 
ATOM 986  O O   . THR A 1 130 ? 3.3539178   2.0047092   -17.3315961 1 117.531 ? 130 THR A O   1 
ATOM 987  C CB  . THR A 1 130 ? 6.9939098   2.8634695   -17.6034076 1 113.534 ? 130 THR A CB  1 
ATOM 988  O OG1 . THR A 1 130 ? 7.5990072   1.6358209   -17.2082892 1 117.256 ? 130 THR A OG1 1 
ATOM 989  C CG2 . THR A 1 130 ? 7.9111658   3.9776505   -17.1435346 1 117.209 ? 130 THR A CG2 1 
ATOM 990  N N   . LYS A 1 131 ? 4.9925391   0.9558908   -18.4762893 1 114.347 ? 131 LYS A N   1 
ATOM 991  C CA  . LYS A 1 131 ? 4.0965520   0.3421086   -19.4479614 1 119.833 ? 131 LYS A CA  1 
ATOM 992  C C   . LYS A 1 131 ? 3.1716174   -0.6849345  -18.7702161 1 119.353 ? 131 LYS A C   1 
ATOM 993  O O   . LYS A 1 131 ? 2.1507208   -1.0176826  -19.3663295 1 126.487 ? 131 LYS A O   1 
ATOM 994  C CB  . LYS A 1 131 ? 4.8987063   -0.1972547  -20.6474160 1 123.727 ? 131 LYS A CB  1 
ATOM 995  C CG  . LYS A 1 131 ? 5.6411217   -1.5179188  -20.4481154 1 128.211 ? 131 LYS A CG  1 
ATOM 996  C CD  . LYS A 1 131 ? 6.8518872   -1.7916732  -21.3378510 1 132.153 ? 131 LYS A CD  1 
ATOM 997  C CE  . LYS A 1 131 ? 6.5688259   -2.4436877  -22.6789522 1 134.061 ? 131 LYS A CE  1 
ATOM 998  N NZ  . LYS A 1 131 ? 7.8250677   -2.6842885  -23.4473055 1 133.896 ? 131 LYS A NZ  1 
ATOM 999  N N   . HIS A 1 132 ? 3.4744999   -1.1551131  -17.5441229 1 113.627 ? 132 HIS A N   1 
ATOM 1000 C CA  . HIS A 1 132 ? 2.5600114   -2.0074725  -16.7883323 1 115.491 ? 132 HIS A CA  1 
ATOM 1001 C C   . HIS A 1 132 ? 1.9384949   -1.2528687  -15.6117224 1 113.16  ? 132 HIS A C   1 
ATOM 1002 O O   . HIS A 1 132 ? 1.6042778   -1.8567945  -14.5923962 1 118.387 ? 132 HIS A O   1 
ATOM 1003 C CB  . HIS A 1 132 ? 3.2630046   -3.2835097  -16.3091056 1 122.034 ? 132 HIS A CB  1 
ATOM 1004 C CG  . HIS A 1 132 ? 3.6091615   -4.2460469  -17.3749695 1 125.793 ? 132 HIS A CG  1 
ATOM 1005 N ND1 . HIS A 1 132 ? 4.4734949   -3.9123373  -18.3872172 1 131.4   ? 132 HIS A ND1 1 
ATOM 1006 C CD2 . HIS A 1 132 ? 3.2263873   -5.5016311  -17.6021122 1 134.522 ? 132 HIS A CD2 1 
ATOM 1007 C CE1 . HIS A 1 132 ? 4.6394855   -4.9473143  -19.1874212 1 140.999 ? 132 HIS A CE1 1 
ATOM 1008 N NE2 . HIS A 1 132 ? 3.8700982   -5.9239501  -18.7419356 1 143.722 ? 132 HIS A NE2 1 
ATOM 1009 N N   . GLY A 1 133 ? 1.7422275   0.0611617   -15.7442500 1 113.081 ? 133 GLY A N   1 
ATOM 1010 C CA  . GLY A 1 133 ? 0.9836965   0.8055031   -14.7570357 1 111.872 ? 133 GLY A CA  1 
ATOM 1011 C C   . GLY A 1 133 ? 1.8268908   1.2367789   -13.5649955 1 106.769 ? 133 GLY A C   1 
ATOM 1012 O O   . GLY A 1 133 ? 3.0543038   1.3349671   -13.6509343 1 112.519 ? 133 GLY A O   1 
ATOM 1013 N N   . ASN A 1 134 ? 1.1216308   1.5721461   -12.4842252 1 109.095 ? 134 ASN A N   1 
ATOM 1014 C CA  . ASN A 1 134 ? 1.7161615   2.0332556   -11.2487833 1 102.197 ? 134 ASN A CA  1 
ATOM 1015 C C   . ASN A 1 134 ? 1.0385153   1.2160136   -10.1561254 1 107.734 ? 134 ASN A C   1 
ATOM 1016 O O   . ASN A 1 134 ? -0.1468751  1.3704748   -9.9205177  1 110.836 ? 134 ASN A O   1 
ATOM 1017 C CB  . ASN A 1 134 ? 1.5213176   3.5428515   -11.1239143 1 99.2796 ? 134 ASN A CB  1 
ATOM 1018 C CG  . ASN A 1 134 ? 2.2302498   4.1447953   -9.9374092  1 99.3718 ? 134 ASN A CG  1 
ATOM 1019 O OD1 . ASN A 1 134 ? 2.1503908   3.6256054   -8.8326365  1 109.148 ? 134 ASN A OD1 1 
ATOM 1020 N ND2 . ASN A 1 134 ? 2.9398269   5.2344037   -10.1277978 1 103.092 ? 134 ASN A ND2 1 
ATOM 1021 N N   . LYS A 1 135 ? 1.7522107   0.3421710   -9.4661894  1 106.085 ? 135 LYS A N   1 
ATOM 1022 C CA  . LYS A 1 135 ? 1.1101958   -0.4645216  -8.4447254  1 105.426 ? 135 LYS A CA  1 
ATOM 1023 C C   . LYS A 1 135 ? 0.9104316   0.3431172   -7.1655423  1 100.07  ? 135 LYS A C   1 
ATOM 1024 O O   . LYS A 1 135 ? 0.4430971   -0.2333449  -6.1981002  1 107.155 ? 135 LYS A O   1 
ATOM 1025 C CB  . LYS A 1 135 ? 1.9702091   -1.6829019  -8.1152867  1 109.353 ? 135 LYS A CB  1 
ATOM 1026 C CG  . LYS A 1 135 ? 2.4216033   -2.5525286  -9.2742632  1 115.067 ? 135 LYS A CG  1 
ATOM 1027 C CD  . LYS A 1 135 ? 1.3259316   -3.4424259  -9.8851013  1 121.734 ? 135 LYS A CD  1 
ATOM 1028 C CE  . LYS A 1 135 ? 1.2931557   -3.4311916  -11.4017445 1 124.223 ? 135 LYS A CE  1 
ATOM 1029 N NZ  . LYS A 1 135 ? 0.9378661   -2.0909279  -11.9561165 1 122.75  ? 135 LYS A NZ  1 
ATOM 1030 N N   . GLY A 1 136 ? 1.4277087   1.5718497   -7.0868082  1 98.3711 ? 136 GLY A N   1 
ATOM 1031 C CA  . GLY A 1 136 ? 1.0955476   2.4774243   -6.0096220  1 96.8359 ? 136 GLY A CA  1 
ATOM 1032 C C   . GLY A 1 136 ? -0.3077477  3.0129653   -6.2189946  1 99.4606 ? 136 GLY A C   1 
ATOM 1033 O O   . GLY A 1 136 ? -1.0782150  3.0952478   -5.2638324  1 105.171 ? 136 GLY A O   1 
ATOM 1034 N N   . TRP A 1 137 ? -0.6002137  3.3725045   -7.4738818  1 98.1194 ? 137 TRP A N   1 
ATOM 1035 C CA  . TRP A 1 137 ? -1.9182891  3.8252784   -7.8788511  1 103.867 ? 137 TRP A CA  1 
ATOM 1036 C C   . TRP A 1 137 ? -2.9399343  2.7173788   -7.6537870  1 102.757 ? 137 TRP A C   1 
ATOM 1037 O O   . TRP A 1 137 ? -3.9683172  2.9841729   -7.0460183  1 106.978 ? 137 TRP A O   1 
ATOM 1038 C CB  . TRP A 1 137 ? -1.9081807  4.2813719   -9.3399952  1 110.781 ? 137 TRP A CB  1 
ATOM 1039 C CG  . TRP A 1 137 ? -2.9288203  5.3338876   -9.6444510  1 117.584 ? 137 TRP A CG  1 
ATOM 1040 C CD1 . TRP A 1 137 ? -2.7588938  6.6899768   -9.6471153  1 122.548 ? 137 TRP A CD1 1 
ATOM 1041 C CD2 . TRP A 1 137 ? -4.2705136  5.1005854   -10.0814621 1 121.869 ? 137 TRP A CD2 1 
ATOM 1042 N NE1 . TRP A 1 137 ? -3.9239138  7.3253340   -9.9825474  1 121.935 ? 137 TRP A NE1 1 
ATOM 1043 C CE2 . TRP A 1 137 ? -4.8609876  6.3794139   -10.2817792 1 127.107 ? 137 TRP A CE2 1 
ATOM 1044 C CE3 . TRP A 1 137 ? -5.0180957  3.9447936   -10.3132071 1 121.352 ? 137 TRP A CE3 1 
ATOM 1045 C CZ2 . TRP A 1 137 ? -6.1737189  6.5375441   -10.7159645 1 127.527 ? 137 TRP A CZ2 1 
ATOM 1046 C CZ3 . TRP A 1 137 ? -6.3144524  4.1045251   -10.7638361 1 136.987 ? 137 TRP A CZ3 1 
ATOM 1047 C CH2 . TRP A 1 137 ? -6.8793214  5.3781237   -10.9715007 1 136.593 ? 137 TRP A CH2 1 
ATOM 1048 N N   . GLU A 1 138 ? -2.6055421  1.4764108   -8.0427017  1 104.781 ? 138 GLU A N   1 
ATOM 1049 C CA  . GLU A 1 138 ? -3.5126047  0.3442875   -7.8769871  1 99.9784 ? 138 GLU A CA  1 
ATOM 1050 C C   . GLU A 1 138 ? -3.7358790  0.0361023   -6.3964699  1 103.509 ? 138 GLU A C   1 
ATOM 1051 O O   . GLU A 1 138 ? -4.8667707  -0.2466348  -6.0264202  1 109.69  ? 138 GLU A O   1 
ATOM 1052 C CB  . GLU A 1 138 ? -2.9886319  -0.9227947  -8.5525032  1 99.8001 ? 138 GLU A CB  1 
ATOM 1053 C CG  . GLU A 1 138 ? -2.9515207  -0.8457901  -10.0580829 1 121.648 ? 138 GLU A CG  1 
ATOM 1054 C CD  . GLU A 1 138 ? -2.3043153  -2.0292139  -10.7630212 1 138.239 ? 138 GLU A CD  1 
ATOM 1055 O OE1 . GLU A 1 138 ? -2.2265737  -3.1466712  -10.1620647 1 130.438 ? 138 GLU A OE1 1 
ATOM 1056 O OE2 . GLU A 1 138 ? -1.8735193  -1.8232616  -11.9378110 1 138.161 ? 138 GLU A OE2 1 
ATOM 1057 N N   . ALA A 1 139 ? -2.6731634  0.0471192   -5.5754352  1 98.6307 ? 139 ALA A N   1 
ATOM 1058 C CA  . ALA A 1 139 ? -2.7828311  -0.2181341  -4.1524356  1 99.2467 ? 139 ALA A CA  1 
ATOM 1059 C C   . ALA A 1 139 ? -3.6845243  0.8031196   -3.4651990  1 96.7609 ? 139 ALA A C   1 
ATOM 1060 O O   . ALA A 1 139 ? -4.4461527  0.4082474   -2.5829344  1 98.9176 ? 139 ALA A O   1 
ATOM 1061 C CB  . ALA A 1 139 ? -1.4095393  -0.2379178  -3.5176595  1 105.628 ? 139 ALA A CB  1 
ATOM 1062 N N   . ALA A 1 140 ? -3.5575301  2.0936976   -3.8303222  1 102.626 ? 140 ALA A N   1 
ATOM 1063 C CA  . ALA A 1 140 ? -4.3887848  3.1454061   -3.2572403  1 99.166  ? 140 ALA A CA  1 
ATOM 1064 C C   . ALA A 1 140 ? -5.8347663  2.9257753   -3.6520829  1 100.537 ? 140 ALA A C   1 
ATOM 1065 O O   . ALA A 1 140 ? -6.7132630  3.0835095   -2.8179070  1 107.234 ? 140 ALA A O   1 
ATOM 1066 C CB  . ALA A 1 140 ? -3.9752441  4.5054925   -3.7110180  1 99.3987 ? 140 ALA A CB  1 
ATOM 1067 N N   . LEU A 1 141 ? -6.0584662  2.5351583   -4.8988032  1 96.7068 ? 141 LEU A N   1 
ATOM 1068 C CA  . LEU A 1 141 ? -7.4024676  2.3440335   -5.3736293  1 96.0191 ? 141 LEU A CA  1 
ATOM 1069 C C   . LEU A 1 141 ? -8.0457181  1.1550346   -4.6547149  1 101.104 ? 141 LEU A C   1 
ATOM 1070 O O   . LEU A 1 141 ? -9.2150716  1.2661188   -4.3361700  1 107.413 ? 141 LEU A O   1 
ATOM 1071 C CB  . LEU A 1 141 ? -7.3165428  2.1635753   -6.8890480  1 103.355 ? 141 LEU A CB  1 
ATOM 1072 C CG  . LEU A 1 141 ? -8.6331310  2.1890742   -7.6512517  1 111.374 ? 141 LEU A CG  1 
ATOM 1073 C CD1 . LEU A 1 141 ? -9.2081133  3.6038781   -7.7398809  1 117.983 ? 141 LEU A CD1 1 
ATOM 1074 C CD2 . LEU A 1 141 ? -8.4441740  1.5532181   -9.0330508  1 121.914 ? 141 LEU A CD2 1 
ATOM 1075 N N   . SER A 1 142 ? -7.3058563  0.0563110   -4.3844541  1 105.08  ? 142 SER A N   1 
ATOM 1076 C CA  . SER A 1 142 ? -7.7858541  -1.0494138  -3.5523814  1 100.309 ? 142 SER A CA  1 
ATOM 1077 C C   . SER A 1 142 ? -8.1314705  -0.5546167  -2.1610016  1 98.7062 ? 142 SER A C   1 
ATOM 1078 O O   . SER A 1 142 ? -9.1200595  -0.9976695  -1.6143615  1 104.059 ? 142 SER A O   1 
ATOM 1079 C CB  . SER A 1 142 ? -6.8084741  -2.1946799  -3.3960561  1 100.248 ? 142 SER A CB  1 
ATOM 1080 O OG  . SER A 1 142 ? -6.4346405  -2.7299474  -4.6572088  1 113.423 ? 142 SER A OG  1 
ATOM 1081 N N   . ALA A 1 143 ? -7.2945877  0.3099855   -1.5805397  1 104.547 ? 143 ALA A N   1 
ATOM 1082 C CA  . ALA A 1 143 ? -7.5143190  0.8161891   -0.2348592  1 100.407 ? 143 ALA A CA  1 
ATOM 1083 C C   . ALA A 1 143 ? -8.7724655  1.6749737   -0.1982968  1 100.17  ? 143 ALA A C   1 
ATOM 1084 O O   . ALA A 1 143 ? -9.5159029  1.5571183   0.7640973   1 105.088 ? 143 ALA A O   1 
ATOM 1085 C CB  . ALA A 1 143 ? -6.3059119  1.5688989   0.2562666   1 98.933  ? 143 ALA A CB  1 
ATOM 1086 N N   . ILE A 1 144 ? -9.0264527  2.5044397   -1.2183306  1 101.116 ? 144 ILE A N   1 
ATOM 1087 C CA  . ILE A 1 144 ? -10.2515480 3.2977913   -1.2619818  1 104.555 ? 144 ILE A CA  1 
ATOM 1088 C C   . ILE A 1 144 ? -11.4572349 2.3525348   -1.3008242  1 99.5208 ? 144 ILE A C   1 
ATOM 1089 O O   . ILE A 1 144 ? -12.3904808 2.5400440   -0.5331994  1 105.009 ? 144 ILE A O   1 
ATOM 1090 C CB  . ILE A 1 144 ? -10.2662074 4.2916402   -2.4457551  1 102.108 ? 144 ILE A CB  1 
ATOM 1091 C CG1 . ILE A 1 144 ? -9.1720159  5.3650764   -2.3309271  1 103.057 ? 144 ILE A CG1 1 
ATOM 1092 C CG2 . ILE A 1 144 ? -11.6591579 4.9004775   -2.6294013  1 110.211 ? 144 ILE A CG2 1 
ATOM 1093 C CD1 . ILE A 1 144 ? -8.7470388  5.9808447   -3.6613449  1 111.184 ? 144 ILE A CD1 1 
ATOM 1094 N N   . GLU A 1 145 ? -11.4428078 1.3486624   -2.1765726  1 100.319 ? 145 GLU A N   1 
ATOM 1095 C CA  . GLU A 1 145 ? -12.5589941 0.4248322   -2.3147544  1 99.1432 ? 145 GLU A CA  1 
ATOM 1096 C C   . GLU A 1 145 ? -12.7634535 -0.3911039  -1.0345203  1 94.8104 ? 145 GLU A C   1 
ATOM 1097 O O   . GLU A 1 145 ? -13.8911008 -0.5306650  -0.6073865  1 104.843 ? 145 GLU A O   1 
ATOM 1098 C CB  . GLU A 1 145 ? -12.3062242 -0.4867464  -3.5086466  1 105.355 ? 145 GLU A CB  1 
ATOM 1099 C CG  . GLU A 1 145 ? -13.4875685 -1.3349351  -3.8817158  1 120.626 ? 145 GLU A CG  1 
ATOM 1100 C CD  . GLU A 1 145 ? -13.3268282 -2.3347070  -5.0200229  1 131.566 ? 145 GLU A CD  1 
ATOM 1101 O OE1 . GLU A 1 145 ? -13.8265780 -3.4873187  -4.8515889  1 128.111 ? 145 GLU A OE1 1 
ATOM 1102 O OE2 . GLU A 1 145 ? -12.7663275 -1.9594531  -6.0918857  1 127.516 ? 145 GLU A OE2 1 
ATOM 1103 N N   . MET A 1 146 ? -11.6971357 -0.8863394  -0.4014079  1 103.5   ? 146 MET A N   1 
ATOM 1104 C CA  . MET A 1 146 ? -11.7915922 -1.6397459  0.8497465   1 98.268  ? 146 MET A CA  1 
ATOM 1105 C C   . MET A 1 146 ? -12.2324122 -0.7798190  2.0232483   1 88.685  ? 146 MET A C   1 
ATOM 1106 O O   . MET A 1 146 ? -12.9581431 -1.2817188  2.8586510   1 104.642 ? 146 MET A O   1 
ATOM 1107 C CB  . MET A 1 146 ? -10.4595626 -2.2704890  1.2693498   1 99.7678 ? 146 MET A CB  1 
ATOM 1108 C CG  . MET A 1 146 ? -10.0450803 -3.4605828  0.4715759   1 105.765 ? 146 MET A CG  1 
ATOM 1109 S SD  . MET A 1 146 ? -11.3159603 -4.7555720  0.3744642   1 117.051 ? 146 MET A SD  1 
ATOM 1110 C CE  . MET A 1 146 ? -11.1457010 -5.5731204  1.9597953   1 120.868 ? 146 MET A CE  1 
ATOM 1111 N N   . ALA A 1 147 ? -11.8362780 0.4838603   2.1099569   1 98.5628 ? 147 ALA A N   1 
ATOM 1112 C CA  . ALA A 1 147 ? -12.2291364 1.3206954   3.2333336   1 100.4   ? 147 ALA A CA  1 
ATOM 1113 C C   . ALA A 1 147 ? -13.7486779 1.4989859   3.2268135   1 105.95  ? 147 ALA A C   1 
ATOM 1114 O O   . ALA A 1 147 ? -14.3956252 1.1833893   4.2220824   1 115.198 ? 147 ALA A O   1 
ATOM 1115 C CB  . ALA A 1 147 ? -11.4766703 2.6086441   3.1481014   1 101.028 ? 147 ALA A CB  1 
ATOM 1116 N N   . ASN A 1 148 ? -14.3104084 1.8485289   2.0631790   1 107.429 ? 148 ASN A N   1 
ATOM 1117 C CA  . ASN A 1 148 ? -15.7452874 1.9698881   1.8705733   1 108.827 ? 148 ASN A CA  1 
ATOM 1118 C C   . ASN A 1 148 ? -16.4747921 0.6513052   2.1409594   1 107.612 ? 148 ASN A C   1 
ATOM 1119 O O   . ASN A 1 148 ? -17.5287105 0.6490623   2.7741208   1 121.424 ? 148 ASN A O   1 
ATOM 1120 C CB  . ASN A 1 148 ? -16.0702819 2.4584106   0.4620548   1 109.238 ? 148 ASN A CB  1 
ATOM 1121 C CG  . ASN A 1 148 ? -15.7155225 3.9044941   0.2004012   1 115.082 ? 148 ASN A CG  1 
ATOM 1122 O OD1 . ASN A 1 148 ? -15.0028068 4.1932928   -0.7550155  1 110.942 ? 148 ASN A OD1 1 
ATOM 1123 N ND2 . ASN A 1 148 ? -16.2631453 4.8226586   0.9857241   1 127.258 ? 148 ASN A ND2 1 
ATOM 1124 N N   . LEU A 1 149 ? -15.9648147 -0.4686569  1.6366934   1 102.39  ? 149 LEU A N   1 
ATOM 1125 C CA  . LEU A 1 149 ? -16.6074111 -1.7551249  1.8554989   1 108.275 ? 149 LEU A CA  1 
ATOM 1126 C C   . LEU A 1 149 ? -16.7504369 -2.0162502  3.3437209   1 103.064 ? 149 LEU A C   1 
ATOM 1127 O O   . LEU A 1 149 ? -17.7899494 -2.4762176  3.7522176   1 116.976 ? 149 LEU A O   1 
ATOM 1128 C CB  . LEU A 1 149 ? -15.7952559 -2.8837621  1.2162665   1 105.67  ? 149 LEU A CB  1 
ATOM 1129 C CG  . LEU A 1 149 ? -16.3246311 -4.2990936  1.4193624   1 109.549 ? 149 LEU A CG  1 
ATOM 1130 C CD1 . LEU A 1 149 ? -17.6607071 -4.5074807  0.6998194   1 114.567 ? 149 LEU A CD1 1 
ATOM 1131 C CD2 . LEU A 1 149 ? -15.2978609 -5.3271977  0.9905492   1 116.613 ? 149 LEU A CD2 1 
ATOM 1132 N N   . PHE A 1 150 ? -15.7051821 -1.7453833  4.1135250   1 109.85  ? 150 PHE A N   1 
ATOM 1133 C CA  . PHE A 1 150 ? -15.6929917 -1.9595451  5.5463787   1 112.148 ? 150 PHE A CA  1 
ATOM 1134 C C   . PHE A 1 150 ? -16.7277836 -1.0328181  6.1710933   1 117.958 ? 150 PHE A C   1 
ATOM 1135 O O   . PHE A 1 150 ? -17.5692574 -1.5243685  6.9111905   1 128.654 ? 150 PHE A O   1 
ATOM 1136 C CB  . PHE A 1 150 ? -14.2436026 -1.8575410  6.0421891   1 114.9   ? 150 PHE A CB  1 
ATOM 1137 C CG  . PHE A 1 150 ? -13.5320873 -3.1880424  6.0677619   1 112.741 ? 150 PHE A CG  1 
ATOM 1138 C CD1 . PHE A 1 150 ? -13.5521033 -4.0499715  4.9705355   1 124.365 ? 150 PHE A CD1 1 
ATOM 1139 C CD2 . PHE A 1 150 ? -12.9057109 -3.6262780  7.2261294   1 122.02  ? 150 PHE A CD2 1 
ATOM 1140 C CE1 . PHE A 1 150 ? -12.9679465 -5.3040098  5.0334805   1 127.67  ? 150 PHE A CE1 1 
ATOM 1141 C CE2 . PHE A 1 150 ? -12.3208564 -4.8825664  7.2881293   1 127.808 ? 150 PHE A CE2 1 
ATOM 1142 C CZ  . PHE A 1 150 ? -12.3388655 -5.7120066  6.1872684   1 131.552 ? 150 PHE A CZ  1 
ATOM 1143 N N   . LYS A 1 151 ? -16.7218941 0.2558898   5.8070997   1 123.299 ? 151 LYS A N   1 
ATOM 1144 C CA  . LYS A 1 151 ? -17.7803447 1.1938804   6.1740825   1 125.382 ? 151 LYS A CA  1 
ATOM 1145 C C   . LYS A 1 151 ? -19.1664133 0.5393431   6.0740123   1 123.845 ? 151 LYS A C   1 
ATOM 1146 O O   . LYS A 1 151 ? -19.9052688 0.5923716   7.0423509   1 135.034 ? 151 LYS A O   1 
ATOM 1147 C CB  . LYS A 1 151 ? -17.7559330 2.4282277   5.2676202   1 128.271 ? 151 LYS A CB  1 
ATOM 1148 C CG  . LYS A 1 151 ? -17.9352072 3.7827991   5.9341925   1 137.702 ? 151 LYS A CG  1 
ATOM 1149 C CD  . LYS A 1 151 ? -18.1846277 4.9266635   4.9383093   1 139.198 ? 151 LYS A CD  1 
ATOM 1150 C CE  . LYS A 1 151 ? -16.9432144 5.6094810   4.3952842   1 134.681 ? 151 LYS A CE  1 
ATOM 1151 N NZ  . LYS A 1 151 ? -16.1905296 6.3165471   5.4669395   1 138.456 ? 151 LYS A NZ  1 
ATOM 1152 N N   . SER A 1 152 ? -19.5024459 -0.0848048  4.9329013   1 125.175 ? 152 SER A N   1 
ATOM 1153 C CA  . SER A 1 152 ? -20.8336897 -0.6053798  4.6410145   1 127.268 ? 152 SER A CA  1 
ATOM 1154 C C   . SER A 1 152 ? -21.1214000 -1.9515230  5.3161830   1 118.719 ? 152 SER A C   1 
ATOM 1155 O O   . SER A 1 152 ? -22.2810198 -2.3330094  5.3790207   1 131.37  ? 152 SER A O   1 
ATOM 1156 C CB  . SER A 1 152 ? -21.0185884 -0.7210039  3.1416190   1 127.624 ? 152 SER A CB  1 
ATOM 1157 O OG  . SER A 1 152 ? -20.3799983 -1.8916612  2.6448993   1 124.058 ? 152 SER A OG  1 
ATOM 1158 N N   . LEU A 1 153 ? -20.0969913 -2.6858252  5.7495086   1 123.955 ? 153 LEU A N   1 
ATOM 1159 C CA  . LEU A 1 153 ? -20.2736764 -3.9860099  6.3840260   1 130.368 ? 153 LEU A CA  1 
ATOM 1160 C C   . LEU A 1 153 ? -20.4911858 -3.8139301  7.8844592   1 142.84  ? 153 LEU A C   1 
ATOM 1161 O O   . LEU A 1 153 ? -21.1071728 -4.6944118  8.4898186   1 146.26  ? 153 LEU A O   1 
ATOM 1162 C CB  . LEU A 1 153 ? -19.0562122 -4.8832777  6.1297069   1 125.753 ? 153 LEU A CB  1 
ATOM 1163 C CG  . LEU A 1 153 ? -19.2647867 -5.9904598  5.0883558   1 126.368 ? 153 LEU A CG  1 
ATOM 1164 C CD1 . LEU A 1 153 ? -18.9914153 -5.4901616  3.6909550   1 127.509 ? 153 LEU A CD1 1 
ATOM 1165 C CD2 . LEU A 1 153 ? -18.3777919 -7.1916629  5.3852840   1 127.275 ? 153 LEU A CD2 1 
ATOM 1166 N N   . ARG A 1 154 ? -19.9910724 -2.7031225  8.4565583   1 145.82  ? 154 ARG A N   1 
ATOM 1167 C CA  . ARG A 1 154 ? -20.1394740 -2.3995689  9.8728757   1 151.709 ? 154 ARG A CA  1 
ATOM 1168 C C   . ARG A 1 154 ? -21.5292152 -1.8194302  10.1390040  1 154.27  ? 154 ARG A C   1 
ATOM 1169 O O   . ARG A 1 154 ? -22.1203938 -2.0886201  11.1870777  1 159.832 ? 154 ARG A O   1 
ATOM 1170 C CB  . ARG A 1 154 ? -19.0729020 -1.4029077  10.3311675  1 152.344 ? 154 ARG A CB  1 
ATOM 1171 C CG  . ARG A 1 154 ? -17.7466739 -2.0083524  10.7922173  1 157.8   ? 154 ARG A CG  1 
ATOM 1172 C CD  . ARG A 1 154 ? -16.5384733 -1.2949563  10.1978459  1 160.762 ? 154 ARG A CD  1 
ATOM 1173 N NE  . ARG A 1 154 ? -16.5062734 0.1423035   10.4322979  1 158.999 ? 154 ARG A NE  1 
ATOM 1174 C CZ  . ARG A 1 154 ? -15.7334262 1.0264935   9.8090009   1 158.726 ? 154 ARG A CZ  1 
ATOM 1175 N NH1 . ARG A 1 154 ? -14.9396787 0.6975671   8.8002747   1 152.231 ? 154 ARG A NH1 1 
ATOM 1176 N NH2 . ARG A 1 154 ? -15.8206973 2.2890559   10.1702571  1 160.199 ? 154 ARG A NH2 1 
ATOM 1177 N N   . TRP A 1 155 ? -22.0374965 -1.0153713  9.1901899   1 153.582 ? 155 TRP A N   1 
ATOM 1178 C CA  . TRP A 1 155 ? -23.3541797 -0.4096502  9.2762936   1 159.958 ? 155 TRP A CA  1 
ATOM 1179 C C   . TRP A 1 155 ? -24.1261606 -0.6713416  7.9764816   1 159.904 ? 155 TRP A C   1 
ATOM 1180 O O   . TRP A 1 155 ? -24.5878457 -1.8344740  7.8444078   1 160.705 ? 155 TRP A O   1 
ATOM 1181 C CB  . TRP A 1 155 ? -23.2127843 1.0900712   9.5800740   1 160.842 ? 155 TRP A CB  1 
# 
loop_
_pdbx_poly_seq_scheme.asym_id 
_pdbx_poly_seq_scheme.entity_id 
_pdbx_poly_seq_scheme.seq_id 
_pdbx_poly_seq_scheme.mon_id 
_pdbx_poly_seq_scheme.ndb_seq_num 
_pdbx_poly_seq_scheme.pdb_seq_num 
_pdbx_poly_seq_scheme.auth_seq_num 
_pdbx_poly_seq_scheme.pdb_mon_id 
_pdbx_poly_seq_scheme.auth_mon_id 
_pdbx_poly_seq_scheme.pdb_strand_id 
_pdbx_poly_seq_scheme.pdb_ins_code 
_pdbx_poly_seq_scheme.hetero 
A 1 1   MET 1   1   1   MET MET A . n 
A 1 2   GLN 2   2   2   GLN GLN A . n 
A 1 3   ILE 3   3   3   ILE ILE A . n 
A 1 4   TYR 4   4   4   TYR TYR A . n 
A 1 5   GLU 5   5   5   GLU GLU A . n 
A 1 6   GLY 6   6   6   GLY GLY A . n 
A 1 7   LYS 7   7   7   LYS LYS A . n 
A 1 8   LEU 8   8   8   LEU LEU A . n 
A 1 9   THR 9   9   9   THR THR A . n 
A 1 10  ALA 10  10  10  ALA ALA A . n 
A 1 11  GLU 11  11  11  GLU GLU A . n 
A 1 12  GLY 12  12  12  GLY GLY A . n 
A 1 13  LEU 13  13  13  LEU LEU A . n 
A 1 14  ARG 14  14  14  ARG ARG A . n 
A 1 15  PHE 15  15  15  PHE PHE A . n 
A 1 16  GLY 16  16  16  GLY GLY A . n 
A 1 17  ILE 17  17  17  ILE ILE A . n 
A 1 18  VAL 18  18  18  VAL VAL A . n 
A 1 19  ALA 19  19  19  ALA ALA A . n 
A 1 20  SER 20  20  20  SER SER A . n 
A 1 21  ARG 21  21  21  ARG ARG A . n 
A 1 22  PHE 22  22  22  PHE PHE A . n 
A 1 23  ASN 23  23  23  ASN ASN A . n 
A 1 24  HIS 24  24  24  HIS HIS A . n 
A 1 25  ALA 25  25  25  ALA ALA A . n 
A 1 26  LEU 26  26  26  LEU LEU A . n 
A 1 27  VAL 27  27  27  VAL VAL A . n 
A 1 28  ASP 28  28  28  ASP ASP A . n 
A 1 29  ARG 29  29  29  ARG ARG A . n 
A 1 30  LEU 30  30  30  LEU LEU A . n 
A 1 31  VAL 31  31  31  VAL VAL A . n 
A 1 32  GLU 32  32  32  GLU GLU A . n 
A 1 33  GLY 33  33  33  GLY GLY A . n 
A 1 34  ALA 34  34  34  ALA ALA A . n 
A 1 35  ILE 35  35  35  ILE ILE A . n 
A 1 36  ASP 36  36  36  ASP ASP A . n 
A 1 37  CYS 37  37  37  CYS CYS A . n 
A 1 38  ILE 38  38  38  ILE ILE A . n 
A 1 39  VAL 39  39  39  VAL VAL A . n 
A 1 40  ARG 40  40  40  ARG ARG A . n 
A 1 41  HIS 41  41  41  HIS HIS A . n 
A 1 42  GLY 42  42  42  GLY GLY A . n 
A 1 43  GLY 43  43  43  GLY GLY A . n 
A 1 44  ARG 44  44  44  ARG ARG A . n 
A 1 45  GLU 45  45  45  GLU GLU A . n 
A 1 46  GLU 46  46  46  GLU GLU A . n 
A 1 47  ASP 47  47  47  ASP ASP A . n 
A 1 48  ILE 48  48  48  ILE ILE A . n 
A 1 49  THR 49  49  49  THR THR A . n 
A 1 50  LEU 50  50  50  LEU LEU A . n 
A 1 51  VAL 51  51  51  VAL VAL A . n 
A 1 52  ARG 52  52  52  ARG ARG A . n 
A 1 53  VAL 53  53  53  VAL VAL A . n 
A 1 54  PRO 54  54  54  PRO PRO A . n 
A 1 55  GLY 55  55  55  GLY GLY A . n 
A 1 56  SER 56  56  56  SER SER A . n 
A 1 57  TRP 57  57  57  TRP TRP A . n 
A 1 58  GLU 58  58  58  GLU GLU A . n 
A 1 59  ILE 59  59  59  ILE ILE A . n 
A 1 60  PRO 60  60  60  PRO PRO A . n 
A 1 61  VAL 61  61  61  VAL VAL A . n 
A 1 62  ALA 62  62  62  ALA ALA A . n 
A 1 63  ALA 63  63  63  ALA ALA A . n 
A 1 64  GLY 64  64  64  GLY GLY A . n 
A 1 65  GLU 65  65  65  GLU GLU A . n 
A 1 66  LEU 66  66  66  LEU LEU A . n 
A 1 67  ALA 67  67  67  ALA ALA A . n 
A 1 68  ARG 68  68  68  ARG ARG A . n 
A 1 69  LYS 69  69  69  LYS LYS A . n 
A 1 70  GLU 70  70  70  GLU GLU A . n 
A 1 71  ASP 71  71  71  ASP ASP A . n 
A 1 72  ILE 72  72  72  ILE ILE A . n 
A 1 73  ASP 73  73  73  ASP ASP A . n 
A 1 74  ALA 74  74  74  ALA ALA A . n 
A 1 75  VAL 75  75  75  VAL VAL A . n 
A 1 76  ILE 76  76  76  ILE ILE A . n 
A 1 77  ALA 77  77  77  ALA ALA A . n 
A 1 78  ILE 78  78  78  ILE ILE A . n 
A 1 79  GLY 79  79  79  GLY GLY A . n 
A 1 80  VAL 80  80  80  VAL VAL A . n 
A 1 81  LEU 81  81  81  LEU LEU A . n 
A 1 82  ILE 82  82  82  ILE ILE A . n 
A 1 83  ARG 83  83  83  ARG ARG A . n 
A 1 84  GLY 84  84  84  GLY GLY A . n 
A 1 85  ALA 85  85  85  ALA ALA A . n 
A 1 86  THR 86  86  86  THR THR A . n 
A 1 87  PRO 87  87  87  PRO PRO A . n 
A 1 88  HIS 88  88  88  HIS HIS A . n 
A 1 89  PHE 89  89  89  PHE PHE A . n 
A 1 90  ASP 90  90  90  ASP ASP A . n 
A 1 91  TYR 91  91  91  TYR TYR A . n 
A 1 92  ILE 92  92  92  ILE ILE A . n 
A 1 93  ALA 93  93  93  ALA ALA A . n 
A 1 94  SER 94  94  94  SER SER A . n 
A 1 95  GLU 95  95  95  GLU GLU A . n 
A 1 96  VAL 96  96  96  VAL VAL A . n 
A 1 97  SER 97  97  97  SER SER A . n 
A 1 98  LYS 98  98  98  LYS LYS A . n 
A 1 99  GLY 99  99  99  GLY GLY A . n 
A 1 100 LEU 100 100 100 LEU LEU A . n 
A 1 101 ALA 101 101 101 ALA ALA A . n 
A 1 102 ASN 102 102 102 ASN ASN A . n 
A 1 103 LEU 103 103 103 LEU LEU A . n 
A 1 104 SER 104 104 104 SER SER A . n 
A 1 105 LEU 105 105 105 LEU LEU A . n 
A 1 106 GLU 106 106 106 GLU GLU A . n 
A 1 107 LEU 107 107 107 LEU LEU A . n 
A 1 108 ARG 108 108 108 ARG ARG A . n 
A 1 109 LYS 109 109 109 LYS LYS A . n 
A 1 110 PRO 110 110 110 PRO PRO A . n 
A 1 111 ILE 111 111 111 ILE ILE A . n 
A 1 112 THR 112 112 112 THR THR A . n 
A 1 113 PHE 113 113 113 PHE PHE A . n 
A 1 114 GLY 114 114 114 GLY GLY A . n 
A 1 115 VAL 115 115 115 VAL VAL A . n 
A 1 116 ILE 116 116 116 ILE ILE A . n 
A 1 117 THR 117 117 117 THR THR A . n 
A 1 118 ALA 118 118 118 ALA ALA A . n 
A 1 119 ASP 119 119 119 ASP ASP A . n 
A 1 120 THR 120 120 120 THR THR A . n 
A 1 121 LEU 121 121 121 LEU LEU A . n 
A 1 122 GLU 122 122 122 GLU GLU A . n 
A 1 123 GLN 123 123 123 GLN GLN A . n 
A 1 124 ALA 124 124 124 ALA ALA A . n 
A 1 125 ILE 125 125 125 ILE ILE A . n 
A 1 126 GLU 126 126 126 GLU GLU A . n 
A 1 127 ARG 127 127 127 ARG ARG A . n 
A 1 128 ALA 128 128 128 ALA ALA A . n 
A 1 129 GLY 129 129 129 GLY GLY A . n 
A 1 130 THR 130 130 130 THR THR A . n 
A 1 131 LYS 131 131 131 LYS LYS A . n 
A 1 132 HIS 132 132 132 HIS HIS A . n 
A 1 133 GLY 133 133 133 GLY GLY A . n 
A 1 134 ASN 134 134 134 ASN ASN A . n 
A 1 135 LYS 135 135 135 LYS LYS A . n 
A 1 136 GLY 136 136 136 GLY GLY A . n 
A 1 137 TRP 137 137 137 TRP TRP A . n 
A 1 138 GLU 138 138 138 GLU GLU A . n 
A 1 139 ALA 139 139 139 ALA ALA A . n 
A 1 140 ALA 140 140 140 ALA ALA A . n 
A 1 141 LEU 141 141 141 LEU LEU A . n 
A 1 142 SER 142 142 142 SER SER A . n 
A 1 143 ALA 143 143 143 ALA ALA A . n 
A 1 144 ILE 144 144 144 ILE ILE A . n 
A 1 145 GLU 145 145 145 GLU GLU A . n 
A 1 146 MET 146 146 146 MET MET A . n 
A 1 147 ALA 147 147 147 ALA ALA A . n 
A 1 148 ASN 148 148 148 ASN ASN A . n 
A 1 149 LEU 149 149 149 LEU LEU A . n 
A 1 150 PHE 150 150 150 PHE PHE A . n 
A 1 151 LYS 151 151 151 LYS LYS A . n 
A 1 152 SER 152 152 152 SER SER A . n 
A 1 153 LEU 153 153 153 LEU LEU A . n 
A 1 154 ARG 154 154 154 ARG ARG A . n 
A 1 155 TRP 155 155 155 TRP TRP A . n 
A 1 156 SER 156 156 ?   ?   ?   A . n 
A 1 157 HIS 157 157 ?   ?   ?   A . n 
A 1 158 PRO 158 158 ?   ?   ?   A . n 
A 1 159 GLN 159 159 ?   ?   ?   A . n 
A 1 160 PHE 160 160 ?   ?   ?   A . n 
A 1 161 GLU 161 161 ?   ?   ?   A . n 
A 1 162 LYS 162 162 ?   ?   ?   A . n 
# 
_pdbx_contact_author.id                 1 
_pdbx_contact_author.email              crusso@mrc-lmb.cam.ac.uk 
_pdbx_contact_author.name_first         Christopher 
_pdbx_contact_author.name_last          Russo 
_pdbx_contact_author.name_mi            J. 
_pdbx_contact_author.role               'principal investigator/group leader' 
_pdbx_contact_author.identifier_ORCID   0000-0002-4442-744X 
# 
_pdbx_struct_assembly.id                   1 
_pdbx_struct_assembly.details              author_and_software_defined_assembly 
_pdbx_struct_assembly.method_details       ? 
_pdbx_struct_assembly.oligomeric_details   60-meric 
_pdbx_struct_assembly.oligomeric_count     60 
# 
_pdbx_struct_assembly_gen.assembly_id       1 
_pdbx_struct_assembly_gen.oper_expression   
;1,2,3,4,5,6,7,8,9,10,11,12,13,14,15,16,17,18,19,20,21,22,23,24,25,26,27,28,29,30,31,32,33,34,35,36,37,38,39,40,41,42,43,44,45,46,47,48,49,50,51,52,53,54,55,56,57,58,59,60
;
_pdbx_struct_assembly_gen.asym_id_list      A 
# 
loop_
_pdbx_struct_oper_list.id 
_pdbx_struct_oper_list.type 
_pdbx_struct_oper_list.name 
_pdbx_struct_oper_list.symmetry_operation 
_pdbx_struct_oper_list.matrix[1][1] 
_pdbx_struct_oper_list.matrix[1][2] 
_pdbx_struct_oper_list.matrix[1][3] 
_pdbx_struct_oper_list.vector[1] 
_pdbx_struct_oper_list.matrix[2][1] 
_pdbx_struct_oper_list.matrix[2][2] 
_pdbx_struct_oper_list.matrix[2][3] 
_pdbx_struct_oper_list.vector[2] 
_pdbx_struct_oper_list.matrix[3][1] 
_pdbx_struct_oper_list.matrix[3][2] 
_pdbx_struct_oper_list.matrix[3][3] 
_pdbx_struct_oper_list.vector[3] 
1  'identity operation'       1_555 x,y,z 1.0         0.0         0.0         0.0       0.0         1.0         0.0         0.0       0.0         0.0         1.0         0.0        
2  'point symmetry operation' ?     ?     0.97012993  0.07164766  -0.23176398 -5.98068  0.19531036  0.33596647  0.92140132  8.21436   0.14388118  -0.93914491 0.31193759  -65.02765  
3  'point symmetry operation' ?     ?     0.92179959  0.31123846  -0.23112164 3.87687   0.38766620  -0.73846256 0.55171345  -50.11048 0.00103984  -0.59816736 -0.80137104 -93.88702  
4  'point symmetry operation' ?     ?     0.92179959  0.38766620  0.00103984  15.94991  0.31123846  -0.73846256 -0.59816736 -94.37160 -0.23112164 0.55171345  -0.80137104 -46.69556  
5  'point symmetry operation' ?     ?     0.97012993  0.19531036  0.14388118  13.55391  0.07164766  0.33596647  -0.93914491 -63.40163 -0.23176398 0.92140132  0.31193759  11.32975   
6  'point symmetry operation' ?     ?     0.37716643  0.58844453  -0.71517727 10.35490  -0.21999212 0.80702984  0.54800211  22.06024  0.89963823  -0.04935463 0.43383772  -51.71579  
7  'point symmetry operation' ?     ?     -0.63059926 0.73213153  -0.25754261 64.22755  0.23249021  0.49479695  0.83733209  9.24528   0.74046827  0.46814532  -0.48223170 -65.92525  
8  'point symmetry operation' ?     ?     -0.63059926 0.23249021  0.74046827  87.16783  0.73213153  0.49479695  0.46814532  -20.73508 -0.25754261 0.83733209  -0.48223170 -22.99132  
9  'point symmetry operation' ?     ?     0.37716643  -0.21999212 0.89963823  47.47305  0.58844453  0.80702984  -0.04935463 -26.44899 -0.71517727 0.54800211  0.43383772  17.75277   
10 'point symmetry operation' ?     ?     0.14163478  0.64012807  -0.75509975 17.63132  0.82868239  0.34058885  0.44416746  -30.00268 0.54150261  -0.68864743 -0.48222363 -100.38763 
11 'point symmetry operation' ?     ?     0.14163478  0.82868239  0.54150261  76.72565  0.64012807  0.34058885  -0.68864743 -70.19941 -0.75509975 0.44416746  -0.48222363 -21.76967  
12 'point symmetry operation' ?     ?     0.37792972  0.89637574  0.23169012  59.43903  0.02304761  -0.25928076 0.96552722  -5.63007  0.92554748  -0.35956192 -0.11864897 -85.71296  
13 'point symmetry operation' ?     ?     0.37792972  0.02304761  0.92554748  56.99739  0.89637574  -0.25928076 -0.35956192 -85.55862 0.23169012  0.96552722  -0.11864897 -18.50533  
14 'point symmetry operation' ?     ?     -0.76671997 0.63721384  -0.07809215 72.27001  0.63721384  0.74057754  -0.21331403 -36.87868 -0.07809215 -0.21331403 -0.97385757 -85.03385  
15 'point symmetry operation' ?     ?     -0.50582514 0.44266063  0.74040023  90.76014  0.44266063  -0.60348361 0.66321874  -42.53035 0.74040023  0.66321874  0.10930875  -35.14984  
16 'point symmetry operation' ?     ?     -0.49961872 -0.11449060 -0.85864579 6.34431   0.06693157  0.98316121  -0.17003885 -9.48739  0.86365581  -0.14242597 -0.48354248 -91.03358  
17 'point symmetry operation' ?     ?     -0.49961872 0.06693157  0.86365581  82.42654  -0.11449060 0.98316121  -0.14242597 -2.91141  -0.85864579 -0.17003885 -0.48354248 -40.18444  
18 'point symmetry operation' ?     ?     -0.45981571 0.87425863  -0.15569371 68.18323  -0.66247930 -0.22096559 0.71574821  6.21967   0.59134654  0.43225669  0.68078130  -15.60177  
19 'point symmetry operation' ?     ?     -0.45981571 -0.66247930 0.59134654  44.69812  0.87425863  -0.22096559 0.43225669  -51.49149 -0.15569371 0.71574821  0.68078130  16.78540   
20 'point symmetry operation' ?     ?     0.57381310  -0.38760269 -0.72145825 -29.94405 -0.28260751 0.73309855  -0.61862768 -25.87955 0.76868143  0.55886650  0.31112235  -31.47773  
21 'point symmetry operation' ?     ?     -0.11577058 -0.90976073 -0.39866260 -14.38574 -0.84487079 0.30124139  -0.44209476 -16.91628 0.52229421  0.28563672  -0.80350481 -78.75186  
22 'point symmetry operation' ?     ?     -0.11577058 -0.84487079 0.52229421  25.17418  -0.90976073 0.30124139  0.28563672  14.50270  -0.39866260 -0.44209476 -0.80350481 -76.49126  
23 'point symmetry operation' ?     ?     0.57381310  -0.28260751 0.76868143  34.06512  -0.38760269 0.73309855  0.55886650  24.95762  -0.72145825 -0.61862768 0.31112235  -27.81997  
24 'point symmetry operation' ?     ?     0.45237464  0.72138843  -0.52436255 20.46707  -0.89177784 0.35964636  -0.27456654 -6.67946  -0.00948427 0.59182120  0.80601300  13.12437   
25 'point symmetry operation' ?     ?     -0.43370283 0.27545377  -0.85792040 18.02549  -0.72153835 -0.67646716 0.14756354  -30.93732 -0.53970771 0.68302098  0.49213600  19.55542   
26 'point symmetry operation' ?     ?     -0.43370283 -0.72153835 -0.53970771 -3.95054  0.27545377  -0.67646716 0.68302098  -39.25008 -0.85792040 0.14756354  0.49213600  10.40589   
27 'point symmetry operation' ?     ?     0.45237464  -0.89177784 -0.00948427 -15.09104 0.72138843  0.35964636  0.59182120  -20.12967 -0.52436255 -0.27456654 0.80601300  -1.68007   
28 'point symmetry operation' ?     ?     0.07127548  0.80501408  -0.58895894 32.24071  0.80501408  -0.39506985 -0.44257577 -90.91939 -0.58895894 -0.44257577 -0.67620563 -65.62854  
29 'point symmetry operation' ?     ?     0.57504846  0.11063912  0.81060348  49.47572  0.11063912  -0.99222814 0.05694151  -70.68343 0.81060348  0.05694151  -0.58282032 -86.48647  
30 'point symmetry operation' ?     ?     0.35827282  -0.45302516 -0.81633875 -29.58916 0.72538913  0.68553361  -0.06207766 -35.33230 0.58775017  -0.56992222 0.57422757  -54.85044  
31 'point symmetry operation' ?     ?     -0.68006405 -0.00762068 -0.73311355 20.59290  0.72067985  0.17671676  -0.67036676 -77.61264 0.13466215  -0.98423248 -0.11468671 -83.60145  
32 'point symmetry operation' ?     ?     -0.68006405 0.72067985  0.13466215  81.19626  -0.00762068 0.17671676  -0.98423248 -68.41084 -0.73311355 -0.67036676 -0.11468671 -46.51999  
33 'point symmetry operation' ?     ?     0.35827282  0.72538913  0.58775017  68.46912  -0.45302516 0.68553361  -0.56992222 -20.44353 -0.81633875 -0.06207766 0.57422757  5.14845    
34 'point symmetry operation' ?     ?     0.50431143  0.76722598  0.39627598  57.78535  -0.83440229 0.31479324  0.45241332  19.46258  0.22235852  -0.55880990 0.79892933  -34.37076  
35 'point symmetry operation' ?     ?     -0.29773045 0.40699544  0.86354548  88.23909  -0.58286454 -0.79389340 0.17320966  -38.17689 0.75605893  -0.45176066 0.47358985  -59.85722  
36 'point symmetry operation' ?     ?     -0.29773045 -0.58286454 0.75605893  49.27505  0.40699544  -0.79389340 -0.45176066 -93.26228 0.86354548  0.17320966  0.47358985  -41.23801  
37 'point symmetry operation' ?     ?     0.50431143  -0.83440229 0.22235852  -5.25966  0.76722598  0.31479324  -0.55880990 -69.66767 0.39627598  0.45241332  0.79892933  -4.24435   
38 'point symmetry operation' ?     ?     -0.29389496 0.17478433  0.93972134  83.08854  -0.92720350 0.18670638  -0.32470666 -13.69096 -0.23220561 -0.96674256 0.10718857  -62.96872  
39 'point symmetry operation' ?     ?     -0.29389496 -0.92720350 -0.23220561 -2.89674  0.17478433  0.18670638  -0.96674256 -72.84084 0.93972134  -0.32470666 0.10718857  -75.77617  
40 'point symmetry operation' ?     ?     -0.49038711 0.86718121  0.08670201  78.67041  -0.81087555 -0.41755013 -0.41003992 -41.77452 -0.31937648 -0.27138283 0.90793724  -3.60867   
41 'point symmetry operation' ?     ?     -0.49038711 -0.81087555 -0.31937648 3.55249   0.86718121  -0.41755013 -0.27138283 -86.64381 0.08670201  -0.41003992 0.90793724  -20.67360  
42 'point symmetry operation' ?     ?     0.69611129  -0.07826542 0.71365510  35.30258  -0.68290231 -0.37890418 0.62456069  -2.38080  0.22152540  -0.92212046 -0.31720711 -92.24316  
43 'point symmetry operation' ?     ?     0.69611129  -0.68290231 0.22152540  -5.76636  -0.07826542 -0.37890418 -0.92212046 -83.19837 0.71365510  0.62456069  -0.31720711 -52.96717  
44 'point symmetry operation' ?     ?     0.26332374  0.85523547  -0.44635633 33.99322  -0.25828962 -0.38329214 -0.88677695 -76.50472 -0.92948799 0.34879860  0.11996840  4.52575    
45 'point symmetry operation' ?     ?     0.26332374  -0.25828962 -0.92948799 -24.50509 0.85523547  -0.38329214 0.34879860  -59.97457 -0.44635633 -0.88677695 0.11996840  -53.21249  
46 'point symmetry operation' ?     ?     0.15378315  0.93435746  0.32144501  71.14484  0.93435746  -0.24333801 0.26031282  -61.04418 0.32144501  0.26031282  -0.91044513 -77.92511  
47 'point symmetry operation' ?     ?     -0.34735862 0.06045883  -0.93578134 4.75770   -0.82440764 0.45586428  0.33546952  19.35931  0.44687138  0.88799352  -0.10850566 -27.27921  
48 'point symmetry operation' ?     ?     -0.34735862 -0.82440764 0.44687138  29.80287  0.06045883  0.45586428  0.88799352  15.11097  -0.93578134 0.33546952  -0.10850566 -5.00219   
49 'point symmetry operation' ?     ?     -0.08509898 -0.69558894 0.71338185  37.20855  -0.69558894 -0.47115155 -0.54237611 -52.47557 0.71338185  -0.54237611 -0.44374947 -98.88617  
50 'point symmetry operation' ?     ?     -0.20217606 -0.78265259 -0.58871078 -15.03705 -0.78265259 -0.23223086 0.57751586  3.84393   -0.58871078 0.57751586  -0.56559409 -25.48854  
51 'point symmetry operation' ?     ?     0.61207659  -0.15243256 -0.77596864 -25.07961 -0.77573772 -0.30633128 -0.55171757 -44.67935 -0.15360337 0.93964119  -0.30574530 -15.39471  
52 'point symmetry operation' ?     ?     0.61207659  -0.77573772 -0.15360337 -21.67372 -0.15243256 -0.30633128 0.93964119  -3.04401  -0.77596864 -0.55171757 -0.30574530 -48.81827  
53 'point symmetry operation' ?     ?     -0.63932541 0.23337750  -0.73266498 27.81218  0.23337750  -0.84899043 -0.47407714 -90.86929 -0.73266498 -0.47407714 0.48831584  -15.25357  
54 'point symmetry operation' ?     ?     0.76271310  -0.64664589 -0.01083172 -15.91062 -0.64664589 -0.76277958 0.00397347  -42.02273 -0.01083172 0.00397347  -0.99993352 -80.51536  
55 'point symmetry operation' ?     ?     0.42018250  -0.07251270 -0.90453777 -21.71799 -0.07251270 -0.99629759 0.04618454  -65.75134 -0.90453777 0.04618454  -0.42388491 -28.82753  
56 'point symmetry operation' ?     ?     -0.93572379 -0.34401720 -0.07793908 43.05079  -0.34401720 0.84121869  0.41713720  21.68809  -0.07793908 0.41713720  -0.90549590 -60.22579  
57 'point symmetry operation' ?     ?     -0.98617685 -0.10942438 -0.12442314 50.88910  -0.10942438 -0.13377867 0.98495141  3.53016   -0.12442314 0.98495141  0.11995553  2.54896    
58 'point symmetry operation' ?     ?     -0.91435736 -0.37014793 0.16413754  51.29620  -0.37014793 0.59978121  -0.70940328 -31.58321 0.16413754  -0.70940328 -0.68542385 -97.98834  
59 'point symmetry operation' ?     ?     -0.99599320 0.00943136  0.08892500  63.97914  0.00943136  -0.97779689 0.20934098  -60.96326 0.08892500  0.20934098  0.97379109  3.58332    
60 'point symmetry operation' ?     ?     -0.95160647 -0.15170454 0.26726515  64.23077  -0.15170454 -0.52443273 -0.83782794 -82.66449 0.26726515  -0.83782794 0.47603919  -58.55224 
# 
loop_
_pdbx_audit_revision_history.ordinal 
_pdbx_audit_revision_history.data_content_type 
_pdbx_audit_revision_history.major_revision 
_pdbx_audit_revision_history.minor_revision 
_pdbx_audit_revision_history.revision_date 
1 'Structure model' 1 0 2023-11-29 
2 'Structure model' 1 1 2023-12-06 
# 
_pdbx_audit_revision_details.ordinal             1 
_pdbx_audit_revision_details.revision_ordinal    1 
_pdbx_audit_revision_details.data_content_type   'Structure model' 
_pdbx_audit_revision_details.provider            repository 
_pdbx_audit_revision_details.type                'Initial release' 
_pdbx_audit_revision_details.description         ? 
_pdbx_audit_revision_details.details             ? 
# 
_pdbx_audit_revision_group.ordinal             1 
_pdbx_audit_revision_group.revision_ordinal    2 
_pdbx_audit_revision_group.data_content_type   'Structure model' 
_pdbx_audit_revision_group.group               'Database references' 
# 
loop_
_pdbx_audit_revision_category.ordinal 
_pdbx_audit_revision_category.revision_ordinal 
_pdbx_audit_revision_category.data_content_type 
_pdbx_audit_revision_category.category 
1 2 'Structure model' citation        
2 2 'Structure model' citation_author 
# 
loop_
_pdbx_audit_revision_item.ordinal 
_pdbx_audit_revision_item.revision_ordinal 
_pdbx_audit_revision_item.data_content_type 
_pdbx_audit_revision_item.item 
1  2 'Structure model' '_citation.country'                 
2  2 'Structure model' '_citation.journal_abbrev'          
3  2 'Structure model' '_citation.journal_id_ASTM'         
4  2 'Structure model' '_citation.journal_id_CSD'          
5  2 'Structure model' '_citation.journal_id_ISSN'         
6  2 'Structure model' '_citation.journal_volume'          
7  2 'Structure model' '_citation.page_first'              
8  2 'Structure model' '_citation.page_last'               
9  2 'Structure model' '_citation.pdbx_database_id_DOI'    
10 2 'Structure model' '_citation.pdbx_database_id_PubMed' 
11 2 'Structure model' '_citation.title'                   
12 2 'Structure model' '_citation.year'                    
# 
_em_3d_fitting.id                1 
_em_3d_fitting.entry_id          8PVJ 
_em_3d_fitting.method            ? 
_em_3d_fitting.target_criteria   ? 
_em_3d_fitting.details           ? 
_em_3d_fitting.overall_b_value   ? 
_em_3d_fitting.ref_space         RECIPROCAL 
_em_3d_fitting.ref_protocol      ? 
# 
_em_3d_fitting_list.id                            1 
_em_3d_fitting_list.3d_fitting_id                 1 
_em_3d_fitting_list.pdb_entry_id                  1hqk 
_em_3d_fitting_list.pdb_chain_id                  ? 
_em_3d_fitting_list.pdb_chain_residue_range       ? 
_em_3d_fitting_list.details                       ? 
_em_3d_fitting_list.chain_id                      ? 
_em_3d_fitting_list.chain_residue_range           ? 
_em_3d_fitting_list.source_name                   PDB 
_em_3d_fitting_list.type                          'experimental model' 
_em_3d_fitting_list.accession_code                1hqk 
_em_3d_fitting_list.initial_refinement_model_id   1 
# 
_em_3d_reconstruction.entry_id                    8PVJ 
_em_3d_reconstruction.id                          1 
_em_3d_reconstruction.method                      ? 
_em_3d_reconstruction.algorithm                   ? 
_em_3d_reconstruction.citation_id                 ? 
_em_3d_reconstruction.details                     ? 
_em_3d_reconstruction.resolution                  3.0 
_em_3d_reconstruction.resolution_method           'FSC 0.143 CUT-OFF' 
_em_3d_reconstruction.magnification_calibration   ? 
_em_3d_reconstruction.nominal_pixel_size          ? 
_em_3d_reconstruction.actual_pixel_size           ? 
_em_3d_reconstruction.num_particles               8565 
_em_3d_reconstruction.euler_angles_details        ? 
_em_3d_reconstruction.num_class_averages          ? 
_em_3d_reconstruction.refinement_type             ? 
_em_3d_reconstruction.image_processing_id         1 
_em_3d_reconstruction.symmetry_type               POINT 
# 
_em_buffer.id            1 
_em_buffer.specimen_id   1 
_em_buffer.name          ? 
_em_buffer.details       ? 
_em_buffer.pH            7.5 
# 
_em_entity_assembly.id                   1 
_em_entity_assembly.parent_id            0 
_em_entity_assembly.source               RECOMBINANT 
_em_entity_assembly.type                 COMPLEX 
_em_entity_assembly.name                 'lumazine synthase' 
_em_entity_assembly.details              ? 
_em_entity_assembly.synonym              ? 
_em_entity_assembly.oligomeric_details   ? 
_em_entity_assembly.entity_id_list       1 
# 
_em_imaging.entry_id                        8PVJ 
_em_imaging.id                              1 
_em_imaging.astigmatism                     ? 
_em_imaging.electron_beam_tilt_params       ? 
_em_imaging.residual_tilt                   ? 
_em_imaging.microscope_model                'JEOL 1400/HR + YPS FEG' 
_em_imaging.specimen_holder_type            ? 
_em_imaging.specimen_holder_model           'GATAN 626 SINGLE TILT LIQUID NITROGEN CRYO TRANSFER HOLDER' 
_em_imaging.details                         ? 
_em_imaging.date                            ? 
_em_imaging.accelerating_voltage            100 
_em_imaging.illumination_mode               'FLOOD BEAM' 
_em_imaging.mode                            'BRIGHT FIELD' 
_em_imaging.nominal_cs                      ? 
_em_imaging.nominal_defocus_min             500 
_em_imaging.nominal_defocus_max             2000 
_em_imaging.calibrated_defocus_min          ? 
_em_imaging.calibrated_defocus_max          ? 
_em_imaging.tilt_angle_min                  ? 
_em_imaging.tilt_angle_max                  ? 
_em_imaging.nominal_magnification           ? 
_em_imaging.calibrated_magnification        ? 
_em_imaging.electron_source                 'FIELD EMISSION GUN' 
_em_imaging.citation_id                     ? 
_em_imaging.temperature                     ? 
_em_imaging.detector_distance               ? 
_em_imaging.recording_temperature_minimum   ? 
_em_imaging.recording_temperature_maximum   ? 
_em_imaging.alignment_procedure             ? 
_em_imaging.c2_aperture_diameter            ? 
_em_imaging.specimen_id                     1 
_em_imaging.cryogen                         NITROGEN 
# 
_em_sample_support.id               1 
_em_sample_support.film_material    ? 
_em_sample_support.method           ? 
_em_sample_support.grid_material    COPPER 
_em_sample_support.grid_mesh_size   ? 
_em_sample_support.grid_type        'Quantifoil R1.2/1.3' 
_em_sample_support.details          ? 
_em_sample_support.specimen_id      1 
_em_sample_support.citation_id      ? 
# 
_em_vitrification.entry_id              8PVJ 
_em_vitrification.id                    1 
_em_vitrification.specimen_id           1 
_em_vitrification.cryogen_name          ETHANE 
_em_vitrification.humidity              ? 
_em_vitrification.temp                  ? 
_em_vitrification.chamber_temperature   ? 
_em_vitrification.instrument            ? 
_em_vitrification.method                ? 
_em_vitrification.time_resolved_state   ? 
_em_vitrification.citation_id           ? 
_em_vitrification.details               ? 
# 
_em_experiment.entry_id                8PVJ 
_em_experiment.id                      1 
_em_experiment.reconstruction_method   'SINGLE PARTICLE' 
_em_experiment.aggregation_state       PARTICLE 
_em_experiment.entity_assembly_id      1 
# 
_em_single_particle_entity.entry_id              8PVJ 
_em_single_particle_entity.id                    1 
_em_single_particle_entity.image_processing_id   1 
_em_single_particle_entity.point_symmetry        I 
# 
loop_
_pdbx_validate_torsion.id 
_pdbx_validate_torsion.PDB_model_num 
_pdbx_validate_torsion.auth_comp_id 
_pdbx_validate_torsion.auth_asym_id 
_pdbx_validate_torsion.auth_seq_id 
_pdbx_validate_torsion.PDB_ins_code 
_pdbx_validate_torsion.label_alt_id 
_pdbx_validate_torsion.phi 
_pdbx_validate_torsion.psi 
1 1 PRO A 87  ? ? -68.37  1.57    
2 1 ALA A 128 ? ? -114.14 53.08   
3 1 THR A 130 ? ? -124.51 -128.35 
# 
loop_
_pdbx_unobs_or_zero_occ_atoms.id 
_pdbx_unobs_or_zero_occ_atoms.PDB_model_num 
_pdbx_unobs_or_zero_occ_atoms.polymer_flag 
_pdbx_unobs_or_zero_occ_atoms.occupancy_flag 
_pdbx_unobs_or_zero_occ_atoms.auth_asym_id 
_pdbx_unobs_or_zero_occ_atoms.auth_comp_id 
_pdbx_unobs_or_zero_occ_atoms.auth_seq_id 
_pdbx_unobs_or_zero_occ_atoms.PDB_ins_code 
_pdbx_unobs_or_zero_occ_atoms.auth_atom_id 
_pdbx_unobs_or_zero_occ_atoms.label_alt_id 
_pdbx_unobs_or_zero_occ_atoms.label_asym_id 
_pdbx_unobs_or_zero_occ_atoms.label_comp_id 
_pdbx_unobs_or_zero_occ_atoms.label_seq_id 
_pdbx_unobs_or_zero_occ_atoms.label_atom_id 
1 1 Y 1 A TRP 155 ? CG  ? A TRP 155 CG  
2 1 Y 1 A TRP 155 ? CD1 ? A TRP 155 CD1 
3 1 Y 1 A TRP 155 ? CD2 ? A TRP 155 CD2 
4 1 Y 1 A TRP 155 ? NE1 ? A TRP 155 NE1 
5 1 Y 1 A TRP 155 ? CE2 ? A TRP 155 CE2 
6 1 Y 1 A TRP 155 ? CE3 ? A TRP 155 CE3 
7 1 Y 1 A TRP 155 ? CZ2 ? A TRP 155 CZ2 
8 1 Y 1 A TRP 155 ? CZ3 ? A TRP 155 CZ3 
9 1 Y 1 A TRP 155 ? CH2 ? A TRP 155 CH2 
# 
loop_
_pdbx_unobs_or_zero_occ_residues.id 
_pdbx_unobs_or_zero_occ_residues.PDB_model_num 
_pdbx_unobs_or_zero_occ_residues.polymer_flag 
_pdbx_unobs_or_zero_occ_residues.occupancy_flag 
_pdbx_unobs_or_zero_occ_residues.auth_asym_id 
_pdbx_unobs_or_zero_occ_residues.auth_comp_id 
_pdbx_unobs_or_zero_occ_residues.auth_seq_id 
_pdbx_unobs_or_zero_occ_residues.PDB_ins_code 
_pdbx_unobs_or_zero_occ_residues.label_asym_id 
_pdbx_unobs_or_zero_occ_residues.label_comp_id 
_pdbx_unobs_or_zero_occ_residues.label_seq_id 
1 1 Y 1 A SER 156 ? A SER 156 
2 1 Y 1 A HIS 157 ? A HIS 157 
3 1 Y 1 A PRO 158 ? A PRO 158 
4 1 Y 1 A GLN 159 ? A GLN 159 
5 1 Y 1 A PHE 160 ? A PHE 160 
6 1 Y 1 A GLU 161 ? A GLU 161 
7 1 Y 1 A LYS 162 ? A LYS 162 
# 
loop_
_chem_comp_atom.comp_id 
_chem_comp_atom.atom_id 
_chem_comp_atom.type_symbol 
_chem_comp_atom.pdbx_aromatic_flag 
_chem_comp_atom.pdbx_stereo_config 
_chem_comp_atom.pdbx_ordinal 
ALA N    N N N 1   
ALA CA   C N S 2   
ALA C    C N N 3   
ALA O    O N N 4   
ALA CB   C N N 5   
ALA OXT  O N N 6   
ALA H    H N N 7   
ALA H2   H N N 8   
ALA HA   H N N 9   
ALA HB1  H N N 10  
ALA HB2  H N N 11  
ALA HB3  H N N 12  
ALA HXT  H N N 13  
ARG N    N N N 14  
ARG CA   C N S 15  
ARG C    C N N 16  
ARG O    O N N 17  
ARG CB   C N N 18  
ARG CG   C N N 19  
ARG CD   C N N 20  
ARG NE   N N N 21  
ARG CZ   C N N 22  
ARG NH1  N N N 23  
ARG NH2  N N N 24  
ARG OXT  O N N 25  
ARG H    H N N 26  
ARG H2   H N N 27  
ARG HA   H N N 28  
ARG HB2  H N N 29  
ARG HB3  H N N 30  
ARG HG2  H N N 31  
ARG HG3  H N N 32  
ARG HD2  H N N 33  
ARG HD3  H N N 34  
ARG HE   H N N 35  
ARG HH11 H N N 36  
ARG HH12 H N N 37  
ARG HH21 H N N 38  
ARG HH22 H N N 39  
ARG HXT  H N N 40  
ASN N    N N N 41  
ASN CA   C N S 42  
ASN C    C N N 43  
ASN O    O N N 44  
ASN CB   C N N 45  
ASN CG   C N N 46  
ASN OD1  O N N 47  
ASN ND2  N N N 48  
ASN OXT  O N N 49  
ASN H    H N N 50  
ASN H2   H N N 51  
ASN HA   H N N 52  
ASN HB2  H N N 53  
ASN HB3  H N N 54  
ASN HD21 H N N 55  
ASN HD22 H N N 56  
ASN HXT  H N N 57  
ASP N    N N N 58  
ASP CA   C N S 59  
ASP C    C N N 60  
ASP O    O N N 61  
ASP CB   C N N 62  
ASP CG   C N N 63  
ASP OD1  O N N 64  
ASP OD2  O N N 65  
ASP OXT  O N N 66  
ASP H    H N N 67  
ASP H2   H N N 68  
ASP HA   H N N 69  
ASP HB2  H N N 70  
ASP HB3  H N N 71  
ASP HD2  H N N 72  
ASP HXT  H N N 73  
CYS N    N N N 74  
CYS CA   C N R 75  
CYS C    C N N 76  
CYS O    O N N 77  
CYS CB   C N N 78  
CYS SG   S N N 79  
CYS OXT  O N N 80  
CYS H    H N N 81  
CYS H2   H N N 82  
CYS HA   H N N 83  
CYS HB2  H N N 84  
CYS HB3  H N N 85  
CYS HG   H N N 86  
CYS HXT  H N N 87  
GLN N    N N N 88  
GLN CA   C N S 89  
GLN C    C N N 90  
GLN O    O N N 91  
GLN CB   C N N 92  
GLN CG   C N N 93  
GLN CD   C N N 94  
GLN OE1  O N N 95  
GLN NE2  N N N 96  
GLN OXT  O N N 97  
GLN H    H N N 98  
GLN H2   H N N 99  
GLN HA   H N N 100 
GLN HB2  H N N 101 
GLN HB3  H N N 102 
GLN HG2  H N N 103 
GLN HG3  H N N 104 
GLN HE21 H N N 105 
GLN HE22 H N N 106 
GLN HXT  H N N 107 
GLU N    N N N 108 
GLU CA   C N S 109 
GLU C    C N N 110 
GLU O    O N N 111 
GLU CB   C N N 112 
GLU CG   C N N 113 
GLU CD   C N N 114 
GLU OE1  O N N 115 
GLU OE2  O N N 116 
GLU OXT  O N N 117 
GLU H    H N N 118 
GLU H2   H N N 119 
GLU HA   H N N 120 
GLU HB2  H N N 121 
GLU HB3  H N N 122 
GLU HG2  H N N 123 
GLU HG3  H N N 124 
GLU HE2  H N N 125 
GLU HXT  H N N 126 
GLY N    N N N 127 
GLY CA   C N N 128 
GLY C    C N N 129 
GLY O    O N N 130 
GLY OXT  O N N 131 
GLY H    H N N 132 
GLY H2   H N N 133 
GLY HA2  H N N 134 
GLY HA3  H N N 135 
GLY HXT  H N N 136 
HIS N    N N N 137 
HIS CA   C N S 138 
HIS C    C N N 139 
HIS O    O N N 140 
HIS CB   C N N 141 
HIS CG   C Y N 142 
HIS ND1  N Y N 143 
HIS CD2  C Y N 144 
HIS CE1  C Y N 145 
HIS NE2  N Y N 146 
HIS OXT  O N N 147 
HIS H    H N N 148 
HIS H2   H N N 149 
HIS HA   H N N 150 
HIS HB2  H N N 151 
HIS HB3  H N N 152 
HIS HD1  H N N 153 
HIS HD2  H N N 154 
HIS HE1  H N N 155 
HIS HE2  H N N 156 
HIS HXT  H N N 157 
ILE N    N N N 158 
ILE CA   C N S 159 
ILE C    C N N 160 
ILE O    O N N 161 
ILE CB   C N S 162 
ILE CG1  C N N 163 
ILE CG2  C N N 164 
ILE CD1  C N N 165 
ILE OXT  O N N 166 
ILE H    H N N 167 
ILE H2   H N N 168 
ILE HA   H N N 169 
ILE HB   H N N 170 
ILE HG12 H N N 171 
ILE HG13 H N N 172 
ILE HG21 H N N 173 
ILE HG22 H N N 174 
ILE HG23 H N N 175 
ILE HD11 H N N 176 
ILE HD12 H N N 177 
ILE HD13 H N N 178 
ILE HXT  H N N 179 
LEU N    N N N 180 
LEU CA   C N S 181 
LEU C    C N N 182 
LEU O    O N N 183 
LEU CB   C N N 184 
LEU CG   C N N 185 
LEU CD1  C N N 186 
LEU CD2  C N N 187 
LEU OXT  O N N 188 
LEU H    H N N 189 
LEU H2   H N N 190 
LEU HA   H N N 191 
LEU HB2  H N N 192 
LEU HB3  H N N 193 
LEU HG   H N N 194 
LEU HD11 H N N 195 
LEU HD12 H N N 196 
LEU HD13 H N N 197 
LEU HD21 H N N 198 
LEU HD22 H N N 199 
LEU HD23 H N N 200 
LEU HXT  H N N 201 
LYS N    N N N 202 
LYS CA   C N S 203 
LYS C    C N N 204 
LYS O    O N N 205 
LYS CB   C N N 206 
LYS CG   C N N 207 
LYS CD   C N N 208 
LYS CE   C N N 209 
LYS NZ   N N N 210 
LYS OXT  O N N 211 
LYS H    H N N 212 
LYS H2   H N N 213 
LYS HA   H N N 214 
LYS HB2  H N N 215 
LYS HB3  H N N 216 
LYS HG2  H N N 217 
LYS HG3  H N N 218 
LYS HD2  H N N 219 
LYS HD3  H N N 220 
LYS HE2  H N N 221 
LYS HE3  H N N 222 
LYS HZ1  H N N 223 
LYS HZ2  H N N 224 
LYS HZ3  H N N 225 
LYS HXT  H N N 226 
MET N    N N N 227 
MET CA   C N S 228 
MET C    C N N 229 
MET O    O N N 230 
MET CB   C N N 231 
MET CG   C N N 232 
MET SD   S N N 233 
MET CE   C N N 234 
MET OXT  O N N 235 
MET H    H N N 236 
MET H2   H N N 237 
MET HA   H N N 238 
MET HB2  H N N 239 
MET HB3  H N N 240 
MET HG2  H N N 241 
MET HG3  H N N 242 
MET HE1  H N N 243 
MET HE2  H N N 244 
MET HE3  H N N 245 
MET HXT  H N N 246 
PHE N    N N N 247 
PHE CA   C N S 248 
PHE C    C N N 249 
PHE O    O N N 250 
PHE CB   C N N 251 
PHE CG   C Y N 252 
PHE CD1  C Y N 253 
PHE CD2  C Y N 254 
PHE CE1  C Y N 255 
PHE CE2  C Y N 256 
PHE CZ   C Y N 257 
PHE OXT  O N N 258 
PHE H    H N N 259 
PHE H2   H N N 260 
PHE HA   H N N 261 
PHE HB2  H N N 262 
PHE HB3  H N N 263 
PHE HD1  H N N 264 
PHE HD2  H N N 265 
PHE HE1  H N N 266 
PHE HE2  H N N 267 
PHE HZ   H N N 268 
PHE HXT  H N N 269 
PRO N    N N N 270 
PRO CA   C N S 271 
PRO C    C N N 272 
PRO O    O N N 273 
PRO CB   C N N 274 
PRO CG   C N N 275 
PRO CD   C N N 276 
PRO OXT  O N N 277 
PRO H    H N N 278 
PRO HA   H N N 279 
PRO HB2  H N N 280 
PRO HB3  H N N 281 
PRO HG2  H N N 282 
PRO HG3  H N N 283 
PRO HD2  H N N 284 
PRO HD3  H N N 285 
PRO HXT  H N N 286 
SER N    N N N 287 
SER CA   C N S 288 
SER C    C N N 289 
SER O    O N N 290 
SER CB   C N N 291 
SER OG   O N N 292 
SER OXT  O N N 293 
SER H    H N N 294 
SER H2   H N N 295 
SER HA   H N N 296 
SER HB2  H N N 297 
SER HB3  H N N 298 
SER HG   H N N 299 
SER HXT  H N N 300 
THR N    N N N 301 
THR CA   C N S 302 
THR C    C N N 303 
THR O    O N N 304 
THR CB   C N R 305 
THR OG1  O N N 306 
THR CG2  C N N 307 
THR OXT  O N N 308 
THR H    H N N 309 
THR H2   H N N 310 
THR HA   H N N 311 
THR HB   H N N 312 
THR HG1  H N N 313 
THR HG21 H N N 314 
THR HG22 H N N 315 
THR HG23 H N N 316 
THR HXT  H N N 317 
TRP N    N N N 318 
TRP CA   C N S 319 
TRP C    C N N 320 
TRP O    O N N 321 
TRP CB   C N N 322 
TRP CG   C Y N 323 
TRP CD1  C Y N 324 
TRP CD2  C Y N 325 
TRP NE1  N Y N 326 
TRP CE2  C Y N 327 
TRP CE3  C Y N 328 
TRP CZ2  C Y N 329 
TRP CZ3  C Y N 330 
TRP CH2  C Y N 331 
TRP OXT  O N N 332 
TRP H    H N N 333 
TRP H2   H N N 334 
TRP HA   H N N 335 
TRP HB2  H N N 336 
TRP HB3  H N N 337 
TRP HD1  H N N 338 
TRP HE1  H N N 339 
TRP HE3  H N N 340 
TRP HZ2  H N N 341 
TRP HZ3  H N N 342 
TRP HH2  H N N 343 
TRP HXT  H N N 344 
TYR N    N N N 345 
TYR CA   C N S 346 
TYR C    C N N 347 
TYR O    O N N 348 
TYR CB   C N N 349 
TYR CG   C Y N 350 
TYR CD1  C Y N 351 
TYR CD2  C Y N 352 
TYR CE1  C Y N 353 
TYR CE2  C Y N 354 
TYR CZ   C Y N 355 
TYR OH   O N N 356 
TYR OXT  O N N 357 
TYR H    H N N 358 
TYR H2   H N N 359 
TYR HA   H N N 360 
TYR HB2  H N N 361 
TYR HB3  H N N 362 
TYR HD1  H N N 363 
TYR HD2  H N N 364 
TYR HE1  H N N 365 
TYR HE2  H N N 366 
TYR HH   H N N 367 
TYR HXT  H N N 368 
VAL N    N N N 369 
VAL CA   C N S 370 
VAL C    C N N 371 
VAL O    O N N 372 
VAL CB   C N N 373 
VAL CG1  C N N 374 
VAL CG2  C N N 375 
VAL OXT  O N N 376 
VAL H    H N N 377 
VAL H2   H N N 378 
VAL HA   H N N 379 
VAL HB   H N N 380 
VAL HG11 H N N 381 
VAL HG12 H N N 382 
VAL HG13 H N N 383 
VAL HG21 H N N 384 
VAL HG22 H N N 385 
VAL HG23 H N N 386 
VAL HXT  H N N 387 
# 
loop_
_chem_comp_bond.comp_id 
_chem_comp_bond.atom_id_1 
_chem_comp_bond.atom_id_2 
_chem_comp_bond.value_order 
_chem_comp_bond.pdbx_aromatic_flag 
_chem_comp_bond.pdbx_stereo_config 
_chem_comp_bond.pdbx_ordinal 
ALA N   CA   sing N N 1   
ALA N   H    sing N N 2   
ALA N   H2   sing N N 3   
ALA CA  C    sing N N 4   
ALA CA  CB   sing N N 5   
ALA CA  HA   sing N N 6   
ALA C   O    doub N N 7   
ALA C   OXT  sing N N 8   
ALA CB  HB1  sing N N 9   
ALA CB  HB2  sing N N 10  
ALA CB  HB3  sing N N 11  
ALA OXT HXT  sing N N 12  
ARG N   CA   sing N N 13  
ARG N   H    sing N N 14  
ARG N   H2   sing N N 15  
ARG CA  C    sing N N 16  
ARG CA  CB   sing N N 17  
ARG CA  HA   sing N N 18  
ARG C   O    doub N N 19  
ARG C   OXT  sing N N 20  
ARG CB  CG   sing N N 21  
ARG CB  HB2  sing N N 22  
ARG CB  HB3  sing N N 23  
ARG CG  CD   sing N N 24  
ARG CG  HG2  sing N N 25  
ARG CG  HG3  sing N N 26  
ARG CD  NE   sing N N 27  
ARG CD  HD2  sing N N 28  
ARG CD  HD3  sing N N 29  
ARG NE  CZ   sing N N 30  
ARG NE  HE   sing N N 31  
ARG CZ  NH1  sing N N 32  
ARG CZ  NH2  doub N N 33  
ARG NH1 HH11 sing N N 34  
ARG NH1 HH12 sing N N 35  
ARG NH2 HH21 sing N N 36  
ARG NH2 HH22 sing N N 37  
ARG OXT HXT  sing N N 38  
ASN N   CA   sing N N 39  
ASN N   H    sing N N 40  
ASN N   H2   sing N N 41  
ASN CA  C    sing N N 42  
ASN CA  CB   sing N N 43  
ASN CA  HA   sing N N 44  
ASN C   O    doub N N 45  
ASN C   OXT  sing N N 46  
ASN CB  CG   sing N N 47  
ASN CB  HB2  sing N N 48  
ASN CB  HB3  sing N N 49  
ASN CG  OD1  doub N N 50  
ASN CG  ND2  sing N N 51  
ASN ND2 HD21 sing N N 52  
ASN ND2 HD22 sing N N 53  
ASN OXT HXT  sing N N 54  
ASP N   CA   sing N N 55  
ASP N   H    sing N N 56  
ASP N   H2   sing N N 57  
ASP CA  C    sing N N 58  
ASP CA  CB   sing N N 59  
ASP CA  HA   sing N N 60  
ASP C   O    doub N N 61  
ASP C   OXT  sing N N 62  
ASP CB  CG   sing N N 63  
ASP CB  HB2  sing N N 64  
ASP CB  HB3  sing N N 65  
ASP CG  OD1  doub N N 66  
ASP CG  OD2  sing N N 67  
ASP OD2 HD2  sing N N 68  
ASP OXT HXT  sing N N 69  
CYS N   CA   sing N N 70  
CYS N   H    sing N N 71  
CYS N   H2   sing N N 72  
CYS CA  C    sing N N 73  
CYS CA  CB   sing N N 74  
CYS CA  HA   sing N N 75  
CYS C   O    doub N N 76  
CYS C   OXT  sing N N 77  
CYS CB  SG   sing N N 78  
CYS CB  HB2  sing N N 79  
CYS CB  HB3  sing N N 80  
CYS SG  HG   sing N N 81  
CYS OXT HXT  sing N N 82  
GLN N   CA   sing N N 83  
GLN N   H    sing N N 84  
GLN N   H2   sing N N 85  
GLN CA  C    sing N N 86  
GLN CA  CB   sing N N 87  
GLN CA  HA   sing N N 88  
GLN C   O    doub N N 89  
GLN C   OXT  sing N N 90  
GLN CB  CG   sing N N 91  
GLN CB  HB2  sing N N 92  
GLN CB  HB3  sing N N 93  
GLN CG  CD   sing N N 94  
GLN CG  HG2  sing N N 95  
GLN CG  HG3  sing N N 96  
GLN CD  OE1  doub N N 97  
GLN CD  NE2  sing N N 98  
GLN NE2 HE21 sing N N 99  
GLN NE2 HE22 sing N N 100 
GLN OXT HXT  sing N N 101 
GLU N   CA   sing N N 102 
GLU N   H    sing N N 103 
GLU N   H2   sing N N 104 
GLU CA  C    sing N N 105 
GLU CA  CB   sing N N 106 
GLU CA  HA   sing N N 107 
GLU C   O    doub N N 108 
GLU C   OXT  sing N N 109 
GLU CB  CG   sing N N 110 
GLU CB  HB2  sing N N 111 
GLU CB  HB3  sing N N 112 
GLU CG  CD   sing N N 113 
GLU CG  HG2  sing N N 114 
GLU CG  HG3  sing N N 115 
GLU CD  OE1  doub N N 116 
GLU CD  OE2  sing N N 117 
GLU OE2 HE2  sing N N 118 
GLU OXT HXT  sing N N 119 
GLY N   CA   sing N N 120 
GLY N   H    sing N N 121 
GLY N   H2   sing N N 122 
GLY CA  C    sing N N 123 
GLY CA  HA2  sing N N 124 
GLY CA  HA3  sing N N 125 
GLY C   O    doub N N 126 
GLY C   OXT  sing N N 127 
GLY OXT HXT  sing N N 128 
HIS N   CA   sing N N 129 
HIS N   H    sing N N 130 
HIS N   H2   sing N N 131 
HIS CA  C    sing N N 132 
HIS CA  CB   sing N N 133 
HIS CA  HA   sing N N 134 
HIS C   O    doub N N 135 
HIS C   OXT  sing N N 136 
HIS CB  CG   sing N N 137 
HIS CB  HB2  sing N N 138 
HIS CB  HB3  sing N N 139 
HIS CG  ND1  sing Y N 140 
HIS CG  CD2  doub Y N 141 
HIS ND1 CE1  doub Y N 142 
HIS ND1 HD1  sing N N 143 
HIS CD2 NE2  sing Y N 144 
HIS CD2 HD2  sing N N 145 
HIS CE1 NE2  sing Y N 146 
HIS CE1 HE1  sing N N 147 
HIS NE2 HE2  sing N N 148 
HIS OXT HXT  sing N N 149 
ILE N   CA   sing N N 150 
ILE N   H    sing N N 151 
ILE N   H2   sing N N 152 
ILE CA  C    sing N N 153 
ILE CA  CB   sing N N 154 
ILE CA  HA   sing N N 155 
ILE C   O    doub N N 156 
ILE C   OXT  sing N N 157 
ILE CB  CG1  sing N N 158 
ILE CB  CG2  sing N N 159 
ILE CB  HB   sing N N 160 
ILE CG1 CD1  sing N N 161 
ILE CG1 HG12 sing N N 162 
ILE CG1 HG13 sing N N 163 
ILE CG2 HG21 sing N N 164 
ILE CG2 HG22 sing N N 165 
ILE CG2 HG23 sing N N 166 
ILE CD1 HD11 sing N N 167 
ILE CD1 HD12 sing N N 168 
ILE CD1 HD13 sing N N 169 
ILE OXT HXT  sing N N 170 
LEU N   CA   sing N N 171 
LEU N   H    sing N N 172 
LEU N   H2   sing N N 173 
LEU CA  C    sing N N 174 
LEU CA  CB   sing N N 175 
LEU CA  HA   sing N N 176 
LEU C   O    doub N N 177 
LEU C   OXT  sing N N 178 
LEU CB  CG   sing N N 179 
LEU CB  HB2  sing N N 180 
LEU CB  HB3  sing N N 181 
LEU CG  CD1  sing N N 182 
LEU CG  CD2  sing N N 183 
LEU CG  HG   sing N N 184 
LEU CD1 HD11 sing N N 185 
LEU CD1 HD12 sing N N 186 
LEU CD1 HD13 sing N N 187 
LEU CD2 HD21 sing N N 188 
LEU CD2 HD22 sing N N 189 
LEU CD2 HD23 sing N N 190 
LEU OXT HXT  sing N N 191 
LYS N   CA   sing N N 192 
LYS N   H    sing N N 193 
LYS N   H2   sing N N 194 
LYS CA  C    sing N N 195 
LYS CA  CB   sing N N 196 
LYS CA  HA   sing N N 197 
LYS C   O    doub N N 198 
LYS C   OXT  sing N N 199 
LYS CB  CG   sing N N 200 
LYS CB  HB2  sing N N 201 
LYS CB  HB3  sing N N 202 
LYS CG  CD   sing N N 203 
LYS CG  HG2  sing N N 204 
LYS CG  HG3  sing N N 205 
LYS CD  CE   sing N N 206 
LYS CD  HD2  sing N N 207 
LYS CD  HD3  sing N N 208 
LYS CE  NZ   sing N N 209 
LYS CE  HE2  sing N N 210 
LYS CE  HE3  sing N N 211 
LYS NZ  HZ1  sing N N 212 
LYS NZ  HZ2  sing N N 213 
LYS NZ  HZ3  sing N N 214 
LYS OXT HXT  sing N N 215 
MET N   CA   sing N N 216 
MET N   H    sing N N 217 
MET N   H2   sing N N 218 
MET CA  C    sing N N 219 
MET CA  CB   sing N N 220 
MET CA  HA   sing N N 221 
MET C   O    doub N N 222 
MET C   OXT  sing N N 223 
MET CB  CG   sing N N 224 
MET CB  HB2  sing N N 225 
MET CB  HB3  sing N N 226 
MET CG  SD   sing N N 227 
MET CG  HG2  sing N N 228 
MET CG  HG3  sing N N 229 
MET SD  CE   sing N N 230 
MET CE  HE1  sing N N 231 
MET CE  HE2  sing N N 232 
MET CE  HE3  sing N N 233 
MET OXT HXT  sing N N 234 
PHE N   CA   sing N N 235 
PHE N   H    sing N N 236 
PHE N   H2   sing N N 237 
PHE CA  C    sing N N 238 
PHE CA  CB   sing N N 239 
PHE CA  HA   sing N N 240 
PHE C   O    doub N N 241 
PHE C   OXT  sing N N 242 
PHE CB  CG   sing N N 243 
PHE CB  HB2  sing N N 244 
PHE CB  HB3  sing N N 245 
PHE CG  CD1  doub Y N 246 
PHE CG  CD2  sing Y N 247 
PHE CD1 CE1  sing Y N 248 
PHE CD1 HD1  sing N N 249 
PHE CD2 CE2  doub Y N 250 
PHE CD2 HD2  sing N N 251 
PHE CE1 CZ   doub Y N 252 
PHE CE1 HE1  sing N N 253 
PHE CE2 CZ   sing Y N 254 
PHE CE2 HE2  sing N N 255 
PHE CZ  HZ   sing N N 256 
PHE OXT HXT  sing N N 257 
PRO N   CA   sing N N 258 
PRO N   CD   sing N N 259 
PRO N   H    sing N N 260 
PRO CA  C    sing N N 261 
PRO CA  CB   sing N N 262 
PRO CA  HA   sing N N 263 
PRO C   O    doub N N 264 
PRO C   OXT  sing N N 265 
PRO CB  CG   sing N N 266 
PRO CB  HB2  sing N N 267 
PRO CB  HB3  sing N N 268 
PRO CG  CD   sing N N 269 
PRO CG  HG2  sing N N 270 
PRO CG  HG3  sing N N 271 
PRO CD  HD2  sing N N 272 
PRO CD  HD3  sing N N 273 
PRO OXT HXT  sing N N 274 
SER N   CA   sing N N 275 
SER N   H    sing N N 276 
SER N   H2   sing N N 277 
SER CA  C    sing N N 278 
SER CA  CB   sing N N 279 
SER CA  HA   sing N N 280 
SER C   O    doub N N 281 
SER C   OXT  sing N N 282 
SER CB  OG   sing N N 283 
SER CB  HB2  sing N N 284 
SER CB  HB3  sing N N 285 
SER OG  HG   sing N N 286 
SER OXT HXT  sing N N 287 
THR N   CA   sing N N 288 
THR N   H    sing N N 289 
THR N   H2   sing N N 290 
THR CA  C    sing N N 291 
THR CA  CB   sing N N 292 
THR CA  HA   sing N N 293 
THR C   O    doub N N 294 
THR C   OXT  sing N N 295 
THR CB  OG1  sing N N 296 
THR CB  CG2  sing N N 297 
THR CB  HB   sing N N 298 
THR OG1 HG1  sing N N 299 
THR CG2 HG21 sing N N 300 
THR CG2 HG22 sing N N 301 
THR CG2 HG23 sing N N 302 
THR OXT HXT  sing N N 303 
TRP N   CA   sing N N 304 
TRP N   H    sing N N 305 
TRP N   H2   sing N N 306 
TRP CA  C    sing N N 307 
TRP CA  CB   sing N N 308 
TRP CA  HA   sing N N 309 
TRP C   O    doub N N 310 
TRP C   OXT  sing N N 311 
TRP CB  CG   sing N N 312 
TRP CB  HB2  sing N N 313 
TRP CB  HB3  sing N N 314 
TRP CG  CD1  doub Y N 315 
TRP CG  CD2  sing Y N 316 
TRP CD1 NE1  sing Y N 317 
TRP CD1 HD1  sing N N 318 
TRP CD2 CE2  doub Y N 319 
TRP CD2 CE3  sing Y N 320 
TRP NE1 CE2  sing Y N 321 
TRP NE1 HE1  sing N N 322 
TRP CE2 CZ2  sing Y N 323 
TRP CE3 CZ3  doub Y N 324 
TRP CE3 HE3  sing N N 325 
TRP CZ2 CH2  doub Y N 326 
TRP CZ2 HZ2  sing N N 327 
TRP CZ3 CH2  sing Y N 328 
TRP CZ3 HZ3  sing N N 329 
TRP CH2 HH2  sing N N 330 
TRP OXT HXT  sing N N 331 
TYR N   CA   sing N N 332 
TYR N   H    sing N N 333 
TYR N   H2   sing N N 334 
TYR CA  C    sing N N 335 
TYR CA  CB   sing N N 336 
TYR CA  HA   sing N N 337 
TYR C   O    doub N N 338 
TYR C   OXT  sing N N 339 
TYR CB  CG   sing N N 340 
TYR CB  HB2  sing N N 341 
TYR CB  HB3  sing N N 342 
TYR CG  CD1  doub Y N 343 
TYR CG  CD2  sing Y N 344 
TYR CD1 CE1  sing Y N 345 
TYR CD1 HD1  sing N N 346 
TYR CD2 CE2  doub Y N 347 
TYR CD2 HD2  sing N N 348 
TYR CE1 CZ   doub Y N 349 
TYR CE1 HE1  sing N N 350 
TYR CE2 CZ   sing Y N 351 
TYR CE2 HE2  sing N N 352 
TYR CZ  OH   sing N N 353 
TYR OH  HH   sing N N 354 
TYR OXT HXT  sing N N 355 
VAL N   CA   sing N N 356 
VAL N   H    sing N N 357 
VAL N   H2   sing N N 358 
VAL CA  C    sing N N 359 
VAL CA  CB   sing N N 360 
VAL CA  HA   sing N N 361 
VAL C   O    doub N N 362 
VAL C   OXT  sing N N 363 
VAL CB  CG1  sing N N 364 
VAL CB  CG2  sing N N 365 
VAL CB  HB   sing N N 366 
VAL CG1 HG11 sing N N 367 
VAL CG1 HG12 sing N N 368 
VAL CG1 HG13 sing N N 369 
VAL CG2 HG21 sing N N 370 
VAL CG2 HG22 sing N N 371 
VAL CG2 HG23 sing N N 372 
VAL OXT HXT  sing N N 373 
# 
_em_ctf_correction.details                  ? 
_em_ctf_correction.em_image_processing_id   1 
_em_ctf_correction.id                       1 
_em_ctf_correction.type                     'PHASE FLIPPING AND AMPLITUDE CORRECTION' 
# 
_em_entity_assembly_naturalsource.cell                 ? 
_em_entity_assembly_naturalsource.cellular_location    ? 
_em_entity_assembly_naturalsource.entity_assembly_id   1 
_em_entity_assembly_naturalsource.id                   2 
_em_entity_assembly_naturalsource.ncbi_tax_id          63363 
_em_entity_assembly_naturalsource.organism             'Aquifex aeolicus' 
_em_entity_assembly_naturalsource.organelle            ? 
_em_entity_assembly_naturalsource.organ                ? 
_em_entity_assembly_naturalsource.strain               ? 
_em_entity_assembly_naturalsource.tissue               ? 
_em_entity_assembly_naturalsource.details              ? 
# 
_em_entity_assembly_recombinant.cell                 ? 
_em_entity_assembly_recombinant.entity_assembly_id   1 
_em_entity_assembly_recombinant.id                   2 
_em_entity_assembly_recombinant.ncbi_tax_id          562 
_em_entity_assembly_recombinant.organism             'Escherichia coli' 
_em_entity_assembly_recombinant.plasmid              ? 
_em_entity_assembly_recombinant.strain               ? 
# 
_em_image_processing.details              ? 
_em_image_processing.id                   1 
_em_image_processing.image_recording_id   1 
# 
_em_image_recording.average_exposure_time               ? 
_em_image_recording.avg_electron_dose_per_subtomogram   ? 
_em_image_recording.avg_electron_dose_per_image         80 
_em_image_recording.details                             ? 
_em_image_recording.detector_mode                       ? 
_em_image_recording.film_or_detector_model              'DECTRIS SINGLA (1k x 1k)' 
_em_image_recording.id                                  1 
_em_image_recording.imaging_id                          1 
_em_image_recording.num_diffraction_images              ? 
_em_image_recording.num_grids_imaged                    ? 
_em_image_recording.num_real_images                     ? 
# 
loop_
_em_software.category 
_em_software.details 
_em_software.id 
_em_software.image_processing_id 
_em_software.fitting_id 
_em_software.imaging_id 
_em_software.name 
_em_software.version 
'PARTICLE SELECTION'       ? 1  1 ? ? ?         ?      
'IMAGE ACQUISITION'        ? 2  ? ? 1 ?         ?      
MASKING                    ? 3  ? ? ? ?         ?      
'CTF CORRECTION'           ? 4  1 ? ? ?         ?      
'LAYERLINE INDEXING'       ? 5  ? ? ? ?         ?      
'DIFFRACTION INDEXING'     ? 6  ? ? ? ?         ?      
'MODEL FITTING'            ? 7  ? 1 ? ?         ?      
OTHER                      ? 8  ? ? ? ?         ?      
'INITIAL EULER ASSIGNMENT' ? 9  1 ? ? ?         ?      
'FINAL EULER ASSIGNMENT'   ? 10 1 ? ? ?         ?      
CLASSIFICATION             ? 11 1 ? ? ?         ?      
RECONSTRUCTION             ? 12 1 ? ? ?         ?      
'MODEL REFINEMENT'         ? 13 ? 1 ? Servalcat 0.4.27 
# 
_em_specimen.concentration           ? 
_em_specimen.details                 ? 
_em_specimen.embedding_applied       NO 
_em_specimen.experiment_id           1 
_em_specimen.id                      1 
_em_specimen.shadowing_applied       NO 
_em_specimen.staining_applied        NO 
_em_specimen.vitrification_applied   YES 
# 
loop_
_pdbx_audit_support.funding_organization 
_pdbx_audit_support.country 
_pdbx_audit_support.grant_number 
_pdbx_audit_support.ordinal 
'Medical Research Council (MRC, United Kingdom)'                 'United Kingdom' 'MC UP 120117'  1 
'Medical Research Council (MRC, United Kingdom)'                 'United Kingdom' 'MC U105184322' 2 
'Wellcome Trust'                                                 'United Kingdom' 220526/B/20/Z   3 
'Engineering and Physical Sciences Research Council'             'United Kingdom' R122522         4 
'Innovate UK'                                                    'United Kingdom' 103806          5 
'Biotechnology and Biological Sciences Research Council (BBSRC)' 'United Kingdom' BB/T003677/1    6 
# 
_pdbx_initial_refinement_model.id               1 
_pdbx_initial_refinement_model.type             'experimental model' 
_pdbx_initial_refinement_model.source_name      PDB 
_pdbx_initial_refinement_model.accession_code   1hqk 
# 
_pdbx_struct_assembly_auth_evidence.id                     1 
_pdbx_struct_assembly_auth_evidence.assembly_id            1 
_pdbx_struct_assembly_auth_evidence.experimental_support   'electron microscopy' 
_pdbx_struct_assembly_auth_evidence.details                'not applicable' 
# 
